data_2ZL2
#
_entry.id   2ZL2
#
_cell.length_a   92.741
_cell.length_b   166.425
_cell.length_c   187.724
_cell.angle_alpha   90.00
_cell.angle_beta   90.00
_cell.angle_gamma   90.00
#
_symmetry.space_group_name_H-M   'P 21 21 21'
#
loop_
_entity.id
_entity.type
_entity.pdbx_description
1 polymer 'ATP-dependent Clp protease proteolytic subunit'
2 polymer 'A peptide substrate-NVLGFTQ'
3 polymer 'A peptide substrate-NVLGFTQ for Chain R and S'
#
loop_
_entity_poly.entity_id
_entity_poly.type
_entity_poly.pdbx_seq_one_letter_code
_entity_poly.pdbx_strand_id
1 'polypeptide(L)'
;MMGYIPYVIENTDRGERSYDIYSRLLKDRIVLLSGEINDSVASSIVAQLLFLEAEDPEKDIGLYINSPGGVITSGLSIYD
TMNFIRPDVSTICIGQAASMGAFLLSCGAKGKRFSLPHSRIMIHQPLGGAQGQASDIEIISNEILRLKGLMNSILAQNSG
QSLEQIAKDTDRDFYMSAKEAKEYGLIDKVLQKNVK
;
A,B,C,D,E,F,G,H,I,J,K,L,M,N
2 'polypeptide(L)' NVLGFTQ O,P,Q,T,U,V,W,X
3 'polypeptide(L)' (UNK)(UNK)(UNK)(UNK)(UNK)(UNK)(UNK) R,S
#
# COMPACT_ATOMS: atom_id res chain seq x y z
N ASP A 20 18.88 30.99 -18.14
CA ASP A 20 18.60 30.28 -16.86
C ASP A 20 19.02 31.12 -15.66
N ILE A 21 18.13 31.24 -14.68
CA ILE A 21 18.43 32.05 -13.50
C ILE A 21 19.71 31.65 -12.75
N TYR A 22 19.91 30.35 -12.52
CA TYR A 22 21.11 29.90 -11.83
C TYR A 22 22.34 29.95 -12.73
N SER A 23 22.20 29.51 -13.98
CA SER A 23 23.34 29.56 -14.91
C SER A 23 23.83 31.00 -14.98
N ARG A 24 22.87 31.92 -15.15
CA ARG A 24 23.16 33.35 -15.22
C ARG A 24 23.92 33.88 -14.00
N LEU A 25 23.42 33.59 -12.79
CA LEU A 25 24.10 34.06 -11.59
C LEU A 25 25.49 33.43 -11.46
N LEU A 26 25.65 32.25 -12.04
CA LEU A 26 26.92 31.55 -12.01
C LEU A 26 27.92 32.38 -12.79
N LYS A 27 27.40 33.14 -13.75
CA LYS A 27 28.22 34.00 -14.58
C LYS A 27 28.76 35.15 -13.73
N ASP A 28 28.22 35.29 -12.51
CA ASP A 28 28.67 36.35 -11.60
C ASP A 28 29.43 35.75 -10.42
N ARG A 29 29.89 34.51 -10.59
CA ARG A 29 30.64 33.82 -9.54
C ARG A 29 29.80 33.55 -8.29
N ILE A 30 28.51 33.38 -8.48
CA ILE A 30 27.59 33.08 -7.39
C ILE A 30 27.14 31.62 -7.47
N VAL A 31 27.35 30.88 -6.39
CA VAL A 31 26.97 29.47 -6.31
C VAL A 31 25.92 29.31 -5.19
N LEU A 32 24.80 28.65 -5.49
CA LEU A 32 23.75 28.45 -4.48
C LEU A 32 23.62 27.04 -3.95
N LEU A 33 23.89 26.83 -2.67
CA LEU A 33 23.72 25.52 -2.03
C LEU A 33 22.42 25.60 -1.23
N SER A 34 21.36 24.98 -1.75
CA SER A 34 20.06 25.01 -1.10
C SER A 34 19.47 23.64 -0.82
N GLY A 35 19.04 23.41 0.42
CA GLY A 35 18.47 22.13 0.78
C GLY A 35 19.45 21.11 1.32
N GLU A 36 18.98 19.87 1.44
CA GLU A 36 19.78 18.77 1.96
C GLU A 36 20.95 18.42 1.09
N ILE A 37 22.04 18.00 1.75
CA ILE A 37 23.26 17.60 1.07
C ILE A 37 23.27 16.10 0.84
N ASN A 38 23.57 15.70 -0.39
CA ASN A 38 23.69 14.31 -0.79
C ASN A 38 24.65 14.33 -1.95
N ASP A 39 25.08 13.16 -2.41
CA ASP A 39 26.01 13.07 -3.52
C ASP A 39 25.58 13.91 -4.74
N SER A 40 24.32 13.78 -5.14
CA SER A 40 23.83 14.54 -6.30
C SER A 40 23.94 16.06 -6.14
N VAL A 41 23.78 16.57 -4.92
CA VAL A 41 23.87 18.00 -4.71
C VAL A 41 25.32 18.49 -4.61
N ALA A 42 26.17 17.73 -3.91
CA ALA A 42 27.56 18.11 -3.76
C ALA A 42 28.26 18.05 -5.10
N SER A 43 27.86 17.08 -5.93
CA SER A 43 28.44 16.90 -7.25
C SER A 43 28.22 18.15 -8.09
N SER A 44 27.03 18.72 -7.95
CA SER A 44 26.66 19.92 -8.68
C SER A 44 27.50 21.08 -8.18
N ILE A 45 27.60 21.21 -6.86
CA ILE A 45 28.39 22.27 -6.25
C ILE A 45 29.86 22.17 -6.65
N VAL A 46 30.43 20.97 -6.60
CA VAL A 46 31.84 20.76 -6.96
C VAL A 46 32.04 21.12 -8.43
N ALA A 47 31.11 20.69 -9.27
CA ALA A 47 31.16 20.96 -10.69
C ALA A 47 31.18 22.45 -10.96
N GLN A 48 30.36 23.22 -10.24
CA GLN A 48 30.32 24.66 -10.44
C GLN A 48 31.58 25.30 -9.87
N LEU A 49 32.10 24.72 -8.81
CA LEU A 49 33.30 25.25 -8.19
C LEU A 49 34.49 25.07 -9.13
N LEU A 50 34.63 23.86 -9.68
CA LEU A 50 35.74 23.57 -10.59
C LEU A 50 35.62 24.44 -11.83
N PHE A 51 34.40 24.58 -12.31
CA PHE A 51 34.10 25.39 -13.50
C PHE A 51 34.60 26.83 -13.32
N LEU A 52 34.16 27.49 -12.26
CA LEU A 52 34.56 28.87 -11.99
C LEU A 52 36.08 29.02 -11.99
N GLU A 53 36.79 28.11 -11.35
CA GLU A 53 38.25 28.20 -11.32
C GLU A 53 38.85 28.12 -12.73
N ALA A 54 38.14 27.44 -13.64
CA ALA A 54 38.58 27.31 -15.03
C ALA A 54 38.24 28.58 -15.80
N GLU A 55 37.34 29.37 -15.24
CA GLU A 55 36.93 30.64 -15.84
C GLU A 55 37.90 31.73 -15.43
N ASP A 56 38.19 31.78 -14.14
CA ASP A 56 39.10 32.77 -13.57
C ASP A 56 39.54 32.23 -12.22
N PRO A 57 40.73 31.60 -12.17
CA PRO A 57 41.28 31.04 -10.94
C PRO A 57 41.70 32.11 -9.93
N GLU A 58 41.30 33.35 -10.18
CA GLU A 58 41.68 34.45 -9.29
C GLU A 58 40.54 35.15 -8.56
N LYS A 59 39.46 35.45 -9.28
CA LYS A 59 38.34 36.15 -8.68
C LYS A 59 37.65 35.32 -7.59
N ASP A 60 37.25 36.01 -6.52
CA ASP A 60 36.57 35.34 -5.42
C ASP A 60 35.29 34.65 -5.87
N ILE A 61 34.76 33.76 -5.04
CA ILE A 61 33.53 33.05 -5.38
C ILE A 61 32.54 33.20 -4.23
N GLY A 62 31.28 33.41 -4.59
CA GLY A 62 30.23 33.56 -3.58
C GLY A 62 29.36 32.31 -3.41
N LEU A 63 29.62 31.57 -2.34
CA LEU A 63 28.87 30.34 -2.03
C LEU A 63 27.73 30.62 -1.06
N TYR A 64 26.52 30.79 -1.57
CA TYR A 64 25.37 31.04 -0.69
C TYR A 64 24.80 29.72 -0.17
N ILE A 65 24.72 29.62 1.15
CA ILE A 65 24.23 28.43 1.81
C ILE A 65 22.94 28.63 2.61
N ASN A 66 21.97 27.76 2.36
CA ASN A 66 20.69 27.72 3.07
C ASN A 66 20.43 26.23 3.05
N SER A 67 20.95 25.55 4.07
CA SER A 67 20.84 24.11 4.13
C SER A 67 20.72 23.56 5.53
N PRO A 68 19.97 22.45 5.69
CA PRO A 68 19.76 21.79 6.98
C PRO A 68 20.82 20.70 7.26
N GLY A 69 21.71 20.50 6.28
CA GLY A 69 22.75 19.50 6.43
C GLY A 69 22.58 18.37 5.43
N GLY A 70 23.19 17.22 5.73
CA GLY A 70 23.09 16.10 4.82
C GLY A 70 24.16 15.05 5.05
N VAL A 71 24.51 14.33 3.98
CA VAL A 71 25.51 13.26 4.04
C VAL A 71 26.93 13.80 4.26
N ILE A 72 27.50 13.44 5.42
CA ILE A 72 28.84 13.87 5.80
C ILE A 72 29.83 13.85 4.64
N THR A 73 29.93 12.67 4.03
CA THR A 73 30.80 12.42 2.89
C THR A 73 30.63 13.48 1.80
N SER A 74 29.37 13.70 1.40
CA SER A 74 29.03 14.67 0.36
C SER A 74 29.44 16.08 0.76
N GLY A 75 29.37 16.36 2.06
CA GLY A 75 29.76 17.68 2.53
C GLY A 75 31.26 17.86 2.42
N LEU A 76 32.01 16.84 2.80
CA LEU A 76 33.47 16.90 2.74
C LEU A 76 33.99 17.06 1.32
N SER A 77 33.30 16.47 0.35
CA SER A 77 33.75 16.60 -1.03
C SER A 77 33.70 18.10 -1.35
N ILE A 78 32.60 18.75 -0.96
CA ILE A 78 32.43 20.18 -1.21
C ILE A 78 33.51 20.97 -0.48
N TYR A 79 33.68 20.67 0.80
CA TYR A 79 34.69 21.32 1.62
C TYR A 79 36.09 21.17 1.01
N ASP A 80 36.55 19.93 0.81
CA ASP A 80 37.88 19.75 0.25
C ASP A 80 38.07 20.44 -1.11
N THR A 81 37.00 20.50 -1.91
CA THR A 81 37.10 21.15 -3.22
C THR A 81 37.22 22.67 -3.08
N MET A 82 36.58 23.22 -2.05
CA MET A 82 36.64 24.65 -1.79
C MET A 82 38.10 25.08 -1.55
N ASN A 83 38.84 24.29 -0.79
CA ASN A 83 40.24 24.60 -0.52
C ASN A 83 41.13 24.17 -1.69
N PHE A 84 40.72 23.10 -2.36
CA PHE A 84 41.48 22.56 -3.50
C PHE A 84 41.70 23.63 -4.56
N ILE A 85 40.63 24.12 -5.17
CA ILE A 85 40.76 25.15 -6.19
C ILE A 85 41.53 26.36 -5.66
N ARG A 86 42.03 27.18 -6.58
CA ARG A 86 42.79 28.38 -6.20
C ARG A 86 41.91 29.53 -5.70
N PRO A 87 40.83 29.86 -6.45
CA PRO A 87 39.93 30.96 -6.04
C PRO A 87 39.52 30.92 -4.58
N ASP A 88 39.40 32.10 -3.98
CA ASP A 88 38.96 32.24 -2.59
C ASP A 88 37.46 32.01 -2.61
N VAL A 89 36.95 31.24 -1.66
CA VAL A 89 35.51 30.97 -1.64
C VAL A 89 34.86 31.55 -0.40
N SER A 90 34.08 32.62 -0.62
CA SER A 90 33.37 33.28 0.45
C SER A 90 32.02 32.59 0.64
N THR A 91 31.63 32.39 1.89
CA THR A 91 30.35 31.74 2.14
C THR A 91 29.39 32.75 2.76
N ILE A 92 28.11 32.68 2.37
CA ILE A 92 27.10 33.57 2.90
C ILE A 92 25.87 32.75 3.34
N CYS A 93 25.54 32.79 4.63
CA CYS A 93 24.41 32.04 5.14
C CYS A 93 23.11 32.85 5.12
N ILE A 94 22.12 32.33 4.40
CA ILE A 94 20.82 32.97 4.30
C ILE A 94 19.82 31.91 4.74
N GLY A 95 18.83 32.30 5.55
CA GLY A 95 17.87 31.33 6.03
C GLY A 95 18.54 30.55 7.15
N GLN A 96 19.12 29.40 6.83
CA GLN A 96 19.80 28.65 7.87
C GLN A 96 21.01 27.88 7.35
N ALA A 97 21.83 27.44 8.29
CA ALA A 97 23.01 26.64 8.01
C ALA A 97 23.13 25.70 9.21
N ALA A 98 22.59 24.49 9.06
CA ALA A 98 22.62 23.53 10.14
C ALA A 98 23.43 22.29 9.82
N SER A 99 24.06 21.74 10.85
CA SER A 99 24.87 20.54 10.68
C SER A 99 25.93 20.73 9.58
N MET A 100 25.91 19.86 8.57
CA MET A 100 26.87 19.96 7.48
C MET A 100 26.80 21.30 6.76
N GLY A 101 25.72 22.05 6.99
CA GLY A 101 25.54 23.34 6.36
C GLY A 101 26.37 24.39 7.09
N ALA A 102 26.34 24.33 8.43
CA ALA A 102 27.10 25.24 9.27
C ALA A 102 28.58 24.86 9.20
N PHE A 103 28.85 23.57 9.03
CA PHE A 103 30.21 23.10 8.94
C PHE A 103 30.84 23.70 7.69
N LEU A 104 30.10 23.64 6.59
CA LEU A 104 30.59 24.17 5.32
C LEU A 104 30.71 25.69 5.37
N LEU A 105 29.76 26.34 6.04
CA LEU A 105 29.75 27.78 6.17
C LEU A 105 31.03 28.25 6.89
N SER A 106 31.42 27.52 7.93
CA SER A 106 32.61 27.84 8.71
C SER A 106 33.91 27.50 7.96
N CYS A 107 33.79 26.88 6.81
CA CYS A 107 34.96 26.50 6.01
C CYS A 107 35.28 27.55 4.93
N GLY A 108 34.45 28.59 4.83
CA GLY A 108 34.69 29.62 3.85
C GLY A 108 36.01 30.30 4.13
N ALA A 109 36.53 31.05 3.15
CA ALA A 109 37.80 31.74 3.35
C ALA A 109 37.71 32.68 4.54
N LYS A 110 38.62 32.52 5.49
CA LYS A 110 38.66 33.35 6.70
C LYS A 110 38.54 34.83 6.33
N GLY A 111 37.58 35.51 6.95
CA GLY A 111 37.34 36.91 6.68
C GLY A 111 36.30 37.10 5.60
N LYS A 112 35.94 36.00 4.94
CA LYS A 112 34.96 36.03 3.86
C LYS A 112 33.70 35.24 4.23
N ARG A 113 33.55 34.87 5.50
CA ARG A 113 32.38 34.11 5.94
C ARG A 113 31.28 35.06 6.44
N PHE A 114 30.12 35.00 5.80
CA PHE A 114 29.03 35.91 6.15
C PHE A 114 27.69 35.24 6.46
N SER A 115 26.76 36.05 6.95
CA SER A 115 25.39 35.62 7.24
C SER A 115 24.48 36.82 7.27
N LEU A 116 23.30 36.70 6.67
CA LEU A 116 22.35 37.80 6.74
C LEU A 116 21.94 37.78 8.23
N PRO A 117 21.41 38.89 8.75
CA PRO A 117 21.01 39.01 10.15
C PRO A 117 19.99 38.09 10.80
N HIS A 118 19.14 37.44 10.02
CA HIS A 118 18.11 36.59 10.62
C HIS A 118 18.25 35.10 10.38
N SER A 119 19.42 34.68 9.93
CA SER A 119 19.71 33.29 9.66
C SER A 119 19.86 32.58 10.98
N ARG A 120 19.78 31.26 10.97
CA ARG A 120 19.97 30.48 12.19
C ARG A 120 21.08 29.51 11.84
N ILE A 121 22.08 29.41 12.71
CA ILE A 121 23.21 28.52 12.53
C ILE A 121 23.04 27.43 13.59
N MET A 122 23.36 26.18 13.24
CA MET A 122 23.21 25.09 14.20
C MET A 122 24.30 24.06 13.97
N ILE A 123 24.87 23.55 15.05
CA ILE A 123 25.92 22.54 14.95
C ILE A 123 25.61 21.39 15.88
N HIS A 124 25.98 20.19 15.46
CA HIS A 124 25.73 19.01 16.25
C HIS A 124 26.74 17.91 15.90
N GLN A 125 26.56 16.74 16.49
CA GLN A 125 27.43 15.63 16.20
C GLN A 125 26.72 14.84 15.12
N PRO A 126 27.44 13.98 14.39
CA PRO A 126 26.87 13.16 13.31
C PRO A 126 25.78 12.15 13.67
N LEU A 127 25.06 11.72 12.64
CA LEU A 127 23.97 10.76 12.76
C LEU A 127 24.21 9.64 11.76
N GLY A 128 23.72 8.44 12.11
CA GLY A 128 23.89 7.31 11.22
C GLY A 128 23.05 6.12 11.63
N GLY A 129 23.25 5.01 10.92
CA GLY A 129 22.53 3.79 11.21
C GLY A 129 23.52 2.64 11.21
N ALA A 130 23.09 1.50 11.73
CA ALA A 130 23.96 0.33 11.78
C ALA A 130 23.15 -0.95 11.97
N GLN A 131 23.35 -1.92 11.09
CA GLN A 131 22.63 -3.18 11.21
C GLN A 131 23.51 -4.37 10.88
N GLY A 132 23.13 -5.53 11.41
CA GLY A 132 23.88 -6.74 11.15
C GLY A 132 24.63 -7.31 12.35
N GLN A 133 25.66 -8.07 12.05
CA GLN A 133 26.50 -8.71 13.06
C GLN A 133 27.18 -7.68 13.97
N ALA A 134 27.44 -8.06 15.21
CA ALA A 134 28.09 -7.13 16.12
C ALA A 134 29.40 -6.56 15.51
N SER A 135 30.16 -7.42 14.82
CA SER A 135 31.40 -7.02 14.19
C SER A 135 31.21 -5.84 13.24
N ASP A 136 30.15 -5.91 12.43
CA ASP A 136 29.83 -4.88 11.44
C ASP A 136 29.32 -3.59 12.10
N ILE A 137 28.61 -3.73 13.21
CA ILE A 137 28.07 -2.57 13.93
C ILE A 137 29.21 -1.82 14.59
N GLU A 138 30.23 -2.57 15.01
CA GLU A 138 31.39 -1.96 15.66
C GLU A 138 32.17 -1.17 14.62
N ILE A 139 32.33 -1.75 13.45
CA ILE A 139 33.05 -1.08 12.38
C ILE A 139 32.37 0.26 12.06
N ILE A 140 31.04 0.23 11.91
CA ILE A 140 30.27 1.43 11.62
C ILE A 140 30.37 2.39 12.80
N SER A 141 30.16 1.89 14.00
CA SER A 141 30.27 2.71 15.19
C SER A 141 31.60 3.44 15.20
N ASN A 142 32.68 2.71 14.95
CA ASN A 142 34.02 3.29 14.93
C ASN A 142 34.21 4.29 13.80
N GLU A 143 33.67 4.00 12.63
CA GLU A 143 33.81 4.91 11.49
C GLU A 143 33.04 6.22 11.68
N ILE A 144 31.91 6.18 12.39
CA ILE A 144 31.16 7.41 12.60
C ILE A 144 31.81 8.23 13.72
N LEU A 145 32.49 7.55 14.65
CA LEU A 145 33.18 8.24 15.75
C LEU A 145 34.42 8.94 15.21
N ARG A 146 35.01 8.32 14.19
CA ARG A 146 36.20 8.85 13.52
C ARG A 146 35.79 10.14 12.82
N LEU A 147 34.62 10.13 12.18
CA LEU A 147 34.10 11.29 11.48
C LEU A 147 33.72 12.40 12.45
N LYS A 148 33.23 12.00 13.63
CA LYS A 148 32.83 12.92 14.66
C LYS A 148 34.07 13.70 15.15
N GLY A 149 35.14 12.98 15.49
CA GLY A 149 36.36 13.61 15.96
C GLY A 149 37.02 14.51 14.93
N LEU A 150 36.99 14.07 13.68
CA LEU A 150 37.58 14.81 12.58
C LEU A 150 36.85 16.14 12.34
N MET A 151 35.55 16.16 12.53
CA MET A 151 34.78 17.38 12.31
C MET A 151 34.75 18.31 13.50
N ASN A 152 34.96 17.76 14.69
CA ASN A 152 34.99 18.60 15.86
C ASN A 152 36.33 19.31 15.83
N SER A 153 37.29 18.74 15.12
CA SER A 153 38.62 19.33 14.98
C SER A 153 38.57 20.45 13.95
N ILE A 154 37.94 20.19 12.82
CA ILE A 154 37.82 21.19 11.77
C ILE A 154 36.99 22.37 12.26
N LEU A 155 35.97 22.09 13.05
CA LEU A 155 35.13 23.15 13.61
C LEU A 155 35.96 23.96 14.63
N ALA A 156 36.70 23.28 15.49
CA ALA A 156 37.53 23.95 16.47
C ALA A 156 38.49 24.89 15.74
N GLN A 157 39.15 24.34 14.73
CA GLN A 157 40.10 25.08 13.92
C GLN A 157 39.48 26.28 13.22
N ASN A 158 38.27 26.11 12.70
CA ASN A 158 37.60 27.20 11.98
C ASN A 158 37.02 28.29 12.85
N SER A 159 36.54 27.91 14.03
CA SER A 159 35.90 28.86 14.93
C SER A 159 36.83 29.52 15.95
N GLY A 160 37.90 28.83 16.29
CA GLY A 160 38.83 29.37 17.27
C GLY A 160 38.50 28.87 18.66
N GLN A 161 37.50 27.99 18.76
CA GLN A 161 37.09 27.42 20.06
C GLN A 161 37.97 26.21 20.35
N SER A 162 37.98 25.76 21.60
CA SER A 162 38.79 24.60 21.96
C SER A 162 38.10 23.33 21.50
N LEU A 163 38.82 22.21 21.48
CA LEU A 163 38.23 20.94 21.06
C LEU A 163 37.24 20.39 22.10
N GLU A 164 37.43 20.74 23.37
CA GLU A 164 36.52 20.28 24.41
C GLU A 164 35.27 21.15 24.42
N GLN A 165 35.37 22.32 23.80
CA GLN A 165 34.22 23.22 23.74
C GLN A 165 33.33 22.78 22.58
N ILE A 166 33.95 22.43 21.45
CA ILE A 166 33.18 21.99 20.30
C ILE A 166 32.48 20.69 20.64
N ALA A 167 33.18 19.81 21.36
CA ALA A 167 32.64 18.53 21.76
C ALA A 167 31.40 18.74 22.62
N LYS A 168 31.56 19.51 23.69
CA LYS A 168 30.46 19.79 24.61
C LYS A 168 29.24 20.45 23.96
N ASP A 169 29.46 21.47 23.15
CA ASP A 169 28.36 22.18 22.50
C ASP A 169 27.66 21.36 21.42
N THR A 170 28.41 20.50 20.74
CA THR A 170 27.81 19.70 19.68
C THR A 170 27.26 18.34 20.09
N ASP A 171 27.20 18.07 21.39
CA ASP A 171 26.67 16.80 21.86
C ASP A 171 25.21 16.70 21.43
N ARG A 172 24.47 17.81 21.54
CA ARG A 172 23.09 17.88 21.09
C ARG A 172 22.98 19.09 20.16
N ASP A 173 21.81 19.30 19.55
CA ASP A 173 21.64 20.41 18.62
C ASP A 173 21.91 21.76 19.28
N PHE A 174 22.79 22.53 18.65
CA PHE A 174 23.18 23.83 19.18
C PHE A 174 22.78 24.94 18.23
N TYR A 175 21.65 25.57 18.53
CA TYR A 175 21.14 26.66 17.71
C TYR A 175 21.72 28.02 18.10
N MET A 176 22.07 28.80 17.08
CA MET A 176 22.63 30.14 17.27
C MET A 176 22.10 31.08 16.22
N SER A 177 21.97 32.34 16.59
CA SER A 177 21.51 33.39 15.69
C SER A 177 22.75 33.85 14.92
N ALA A 178 22.56 34.72 13.93
CA ALA A 178 23.70 35.22 13.16
C ALA A 178 24.76 35.87 14.06
N LYS A 179 24.33 36.68 15.02
CA LYS A 179 25.24 37.36 15.92
C LYS A 179 26.04 36.37 16.76
N GLU A 180 25.35 35.39 17.32
CA GLU A 180 25.99 34.39 18.16
C GLU A 180 26.97 33.54 17.37
N ALA A 181 26.67 33.32 16.09
CA ALA A 181 27.53 32.54 15.21
C ALA A 181 28.84 33.30 14.96
N LYS A 182 28.76 34.63 15.00
CA LYS A 182 29.94 35.48 14.79
C LYS A 182 30.72 35.50 16.09
N GLU A 183 30.02 35.64 17.20
CA GLU A 183 30.66 35.65 18.49
C GLU A 183 31.39 34.32 18.62
N TYR A 184 30.70 33.25 18.21
CA TYR A 184 31.24 31.89 18.29
C TYR A 184 32.48 31.65 17.44
N GLY A 185 32.56 32.33 16.29
CA GLY A 185 33.71 32.16 15.43
C GLY A 185 33.46 31.44 14.11
N LEU A 186 32.24 30.97 13.90
CA LEU A 186 31.87 30.27 12.67
C LEU A 186 31.82 31.21 11.47
N ILE A 187 31.55 32.48 11.74
CA ILE A 187 31.50 33.47 10.66
C ILE A 187 32.30 34.72 11.03
N ASP A 188 32.64 35.51 10.03
CA ASP A 188 33.42 36.71 10.27
C ASP A 188 32.59 37.99 10.45
N LYS A 189 31.54 38.14 9.63
CA LYS A 189 30.71 39.34 9.68
C LYS A 189 29.25 39.10 9.29
N VAL A 190 28.35 39.81 9.98
CA VAL A 190 26.93 39.73 9.74
C VAL A 190 26.48 40.91 8.89
N LEU A 191 26.37 40.72 7.58
CA LEU A 191 25.95 41.78 6.68
C LEU A 191 24.58 42.31 7.09
N GLN A 192 24.48 43.62 7.33
CA GLN A 192 23.21 44.22 7.72
C GLN A 192 22.58 45.08 6.65
N LYS A 193 21.25 45.12 6.64
CA LYS A 193 20.46 45.92 5.69
C LYS A 193 21.16 47.20 5.21
N ASP B 20 24.60 22.38 -20.06
CA ASP B 20 24.77 21.98 -18.63
C ASP B 20 26.20 22.22 -18.14
N ILE B 21 26.39 22.13 -16.84
CA ILE B 21 27.70 22.36 -16.24
C ILE B 21 28.67 21.19 -16.48
N TYR B 22 28.17 19.97 -16.38
CA TYR B 22 28.99 18.79 -16.59
C TYR B 22 29.58 18.73 -17.99
N SER B 23 28.84 19.26 -18.97
CA SER B 23 29.30 19.26 -20.35
C SER B 23 30.37 20.31 -20.62
N ARG B 24 30.61 21.22 -19.68
CA ARG B 24 31.63 22.23 -19.89
C ARG B 24 32.93 21.72 -19.28
N LEU B 25 32.81 20.82 -18.31
CA LEU B 25 33.98 20.23 -17.67
C LEU B 25 34.47 19.10 -18.58
N LEU B 26 33.55 18.50 -19.32
CA LEU B 26 33.91 17.43 -20.23
C LEU B 26 34.74 18.05 -21.35
N LYS B 27 34.80 19.38 -21.34
CA LYS B 27 35.56 20.15 -22.32
C LYS B 27 36.96 20.34 -21.79
N ASP B 28 37.11 20.27 -20.48
CA ASP B 28 38.42 20.41 -19.86
C ASP B 28 39.02 19.05 -19.51
N ARG B 29 38.52 17.98 -20.14
CA ARG B 29 39.00 16.61 -19.91
C ARG B 29 38.61 16.06 -18.54
N ILE B 30 37.53 16.59 -17.97
CA ILE B 30 37.08 16.18 -16.65
C ILE B 30 35.80 15.34 -16.70
N VAL B 31 35.82 14.25 -15.94
CA VAL B 31 34.67 13.35 -15.84
C VAL B 31 34.34 13.24 -14.37
N LEU B 32 33.04 13.25 -14.04
CA LEU B 32 32.64 13.17 -12.65
C LEU B 32 31.82 11.92 -12.36
N LEU B 33 32.42 10.97 -11.66
CA LEU B 33 31.72 9.74 -11.29
C LEU B 33 31.23 9.89 -9.85
N SER B 34 29.94 10.20 -9.72
CA SER B 34 29.32 10.43 -8.41
C SER B 34 28.11 9.54 -8.19
N GLY B 35 27.91 9.11 -6.94
CA GLY B 35 26.77 8.25 -6.63
C GLY B 35 26.91 6.77 -6.91
N GLU B 36 25.82 6.04 -6.67
CA GLU B 36 25.74 4.59 -6.87
C GLU B 36 26.05 4.15 -8.30
N ILE B 37 27.03 3.26 -8.45
CA ILE B 37 27.42 2.76 -9.77
C ILE B 37 26.49 1.64 -10.23
N ASN B 38 26.06 1.71 -11.48
CA ASN B 38 25.18 0.70 -12.09
C ASN B 38 25.37 0.74 -13.61
N ASP B 39 24.67 -0.13 -14.33
CA ASP B 39 24.81 -0.19 -15.79
C ASP B 39 24.54 1.13 -16.51
N SER B 40 23.57 1.88 -16.00
CA SER B 40 23.23 3.14 -16.59
C SER B 40 24.38 4.14 -16.45
N VAL B 41 24.86 4.31 -15.22
CA VAL B 41 25.96 5.23 -14.94
C VAL B 41 27.29 4.85 -15.63
N ALA B 42 27.63 3.56 -15.61
CA ALA B 42 28.87 3.11 -16.25
C ALA B 42 28.82 3.37 -17.75
N SER B 43 27.64 3.26 -18.33
CA SER B 43 27.51 3.50 -19.76
C SER B 43 27.83 4.97 -20.06
N SER B 44 27.50 5.84 -19.10
CA SER B 44 27.75 7.27 -19.26
C SER B 44 29.24 7.56 -19.07
N ILE B 45 29.84 6.94 -18.05
CA ILE B 45 31.26 7.15 -17.82
C ILE B 45 32.00 6.62 -19.03
N VAL B 46 31.68 5.39 -19.42
CA VAL B 46 32.32 4.79 -20.59
C VAL B 46 32.21 5.74 -21.79
N ALA B 47 30.99 6.05 -22.21
CA ALA B 47 30.77 6.93 -23.35
C ALA B 47 31.63 8.19 -23.28
N GLN B 48 31.81 8.73 -22.07
CA GLN B 48 32.61 9.94 -21.91
C GLN B 48 34.08 9.66 -22.21
N LEU B 49 34.56 8.50 -21.77
CA LEU B 49 35.94 8.10 -21.99
C LEU B 49 36.18 7.84 -23.47
N LEU B 50 35.24 7.15 -24.11
CA LEU B 50 35.36 6.88 -25.54
C LEU B 50 35.36 8.22 -26.28
N PHE B 51 34.51 9.14 -25.82
CA PHE B 51 34.42 10.46 -26.41
C PHE B 51 35.75 11.18 -26.28
N LEU B 52 36.37 11.10 -25.09
CA LEU B 52 37.65 11.75 -24.89
C LEU B 52 38.73 11.00 -25.68
N GLU B 53 38.44 9.74 -26.02
CA GLU B 53 39.40 8.96 -26.80
C GLU B 53 39.40 9.62 -28.17
N ALA B 54 38.20 9.87 -28.69
CA ALA B 54 38.03 10.52 -29.99
C ALA B 54 38.85 11.81 -30.02
N GLU B 55 38.62 12.68 -29.04
CA GLU B 55 39.36 13.93 -28.95
C GLU B 55 40.82 13.55 -28.63
N ASP B 56 41.63 14.51 -28.22
CA ASP B 56 43.04 14.24 -27.91
C ASP B 56 43.25 12.89 -27.21
N PRO B 57 43.78 11.90 -27.95
CA PRO B 57 44.04 10.55 -27.43
C PRO B 57 45.37 10.42 -26.67
N GLU B 58 46.02 11.55 -26.41
CA GLU B 58 47.28 11.58 -25.66
C GLU B 58 47.14 12.41 -24.40
N LYS B 59 46.16 13.32 -24.39
CA LYS B 59 45.91 14.17 -23.23
C LYS B 59 45.35 13.35 -22.07
N ASP B 60 45.74 13.71 -20.86
CA ASP B 60 45.27 13.03 -19.67
C ASP B 60 43.81 13.32 -19.41
N ILE B 61 43.19 12.51 -18.56
CA ILE B 61 41.80 12.68 -18.20
C ILE B 61 41.69 12.76 -16.69
N GLY B 62 40.80 13.63 -16.21
CA GLY B 62 40.63 13.78 -14.77
C GLY B 62 39.29 13.23 -14.32
N LEU B 63 39.30 11.97 -13.86
CA LEU B 63 38.11 11.27 -13.39
C LEU B 63 37.91 11.46 -11.89
N TYR B 64 36.96 12.32 -11.53
CA TYR B 64 36.69 12.57 -10.11
C TYR B 64 35.70 11.55 -9.61
N ILE B 65 36.04 10.94 -8.48
CA ILE B 65 35.21 9.89 -7.93
C ILE B 65 34.67 10.14 -6.54
N ASN B 66 33.34 10.08 -6.45
CA ASN B 66 32.64 10.23 -5.17
C ASN B 66 31.53 9.19 -5.26
N SER B 67 31.89 7.94 -4.97
CA SER B 67 30.95 6.85 -5.06
C SER B 67 31.01 5.91 -3.88
N PRO B 68 29.87 5.29 -3.56
CA PRO B 68 29.70 4.32 -2.46
C PRO B 68 29.87 2.90 -2.99
N GLY B 69 29.93 2.76 -4.31
CA GLY B 69 30.07 1.44 -4.89
C GLY B 69 28.96 1.16 -5.89
N GLY B 70 28.75 -0.12 -6.20
CA GLY B 70 27.70 -0.45 -7.14
C GLY B 70 27.82 -1.82 -7.76
N VAL B 71 27.13 -2.03 -8.87
CA VAL B 71 27.16 -3.33 -9.54
C VAL B 71 28.58 -3.65 -9.94
N ILE B 72 29.04 -4.85 -9.57
CA ILE B 72 30.42 -5.25 -9.92
C ILE B 72 30.72 -5.20 -11.42
N THR B 73 29.90 -5.87 -12.22
CA THR B 73 30.14 -5.89 -13.66
C THR B 73 30.12 -4.48 -14.25
N SER B 74 29.21 -3.63 -13.77
CA SER B 74 29.13 -2.25 -14.24
C SER B 74 30.48 -1.56 -14.01
N GLY B 75 31.03 -1.74 -12.81
CA GLY B 75 32.29 -1.12 -12.48
C GLY B 75 33.43 -1.63 -13.33
N LEU B 76 33.39 -2.92 -13.66
CA LEU B 76 34.42 -3.53 -14.48
C LEU B 76 34.41 -3.00 -15.90
N SER B 77 33.26 -2.53 -16.37
CA SER B 77 33.16 -1.98 -17.71
C SER B 77 33.91 -0.66 -17.75
N ILE B 78 33.93 0.04 -16.61
CA ILE B 78 34.63 1.31 -16.52
C ILE B 78 36.12 1.03 -16.35
N TYR B 79 36.46 0.02 -15.56
CA TYR B 79 37.86 -0.33 -15.35
C TYR B 79 38.51 -0.72 -16.68
N ASP B 80 37.89 -1.67 -17.36
CA ASP B 80 38.42 -2.14 -18.63
C ASP B 80 38.51 -1.04 -19.67
N THR B 81 37.54 -0.12 -19.67
CA THR B 81 37.55 0.96 -20.64
C THR B 81 38.70 1.93 -20.37
N MET B 82 38.97 2.18 -19.09
CA MET B 82 40.06 3.06 -18.70
C MET B 82 41.36 2.54 -19.29
N ASN B 83 41.56 1.24 -19.21
CA ASN B 83 42.76 0.59 -19.72
C ASN B 83 42.71 0.26 -21.21
N PHE B 84 41.55 0.49 -21.82
CA PHE B 84 41.38 0.23 -23.25
C PHE B 84 41.73 1.48 -24.06
N ILE B 85 41.23 2.63 -23.63
CA ILE B 85 41.53 3.88 -24.32
C ILE B 85 43.02 4.15 -24.18
N ARG B 86 43.55 5.00 -25.06
CA ARG B 86 44.96 5.34 -25.03
C ARG B 86 45.26 6.42 -24.00
N PRO B 87 44.36 7.41 -23.84
CA PRO B 87 44.62 8.47 -22.87
C PRO B 87 44.80 7.94 -21.46
N ASP B 88 45.62 8.63 -20.67
CA ASP B 88 45.84 8.24 -19.28
C ASP B 88 44.63 8.73 -18.49
N VAL B 89 44.17 7.91 -17.56
CA VAL B 89 43.03 8.26 -16.73
C VAL B 89 43.46 8.50 -15.28
N SER B 90 43.56 9.77 -14.90
CA SER B 90 43.94 10.13 -13.53
C SER B 90 42.66 10.07 -12.72
N THR B 91 42.75 9.53 -11.51
CA THR B 91 41.58 9.43 -10.64
C THR B 91 41.80 10.28 -9.39
N ILE B 92 40.78 11.05 -9.03
CA ILE B 92 40.83 11.91 -7.85
C ILE B 92 39.63 11.58 -6.96
N CYS B 93 39.91 11.25 -5.70
CA CYS B 93 38.86 10.91 -4.75
C CYS B 93 38.37 12.09 -3.95
N ILE B 94 37.11 12.47 -4.18
CA ILE B 94 36.52 13.59 -3.45
C ILE B 94 35.31 13.04 -2.71
N GLY B 95 35.23 13.33 -1.42
CA GLY B 95 34.11 12.87 -0.63
C GLY B 95 34.38 11.47 -0.09
N GLN B 96 34.25 10.47 -0.95
CA GLN B 96 34.50 9.10 -0.53
C GLN B 96 34.66 8.19 -1.75
N ALA B 97 35.30 7.06 -1.51
CA ALA B 97 35.51 6.05 -2.55
C ALA B 97 35.42 4.72 -1.79
N ALA B 98 34.24 4.13 -1.79
CA ALA B 98 34.00 2.88 -1.08
C ALA B 98 33.59 1.77 -2.03
N SER B 99 34.03 0.56 -1.72
CA SER B 99 33.72 -0.60 -2.53
C SER B 99 34.19 -0.37 -3.97
N MET B 100 33.34 -0.67 -4.94
CA MET B 100 33.69 -0.53 -6.35
C MET B 100 34.35 0.81 -6.68
N GLY B 101 34.10 1.82 -5.84
CA GLY B 101 34.68 3.13 -6.07
C GLY B 101 36.12 3.16 -5.60
N ALA B 102 36.42 2.43 -4.53
CA ALA B 102 37.78 2.38 -4.05
C ALA B 102 38.54 1.60 -5.12
N PHE B 103 37.86 0.60 -5.67
CA PHE B 103 38.42 -0.24 -6.72
C PHE B 103 38.81 0.60 -7.92
N LEU B 104 37.86 1.34 -8.48
CA LEU B 104 38.16 2.17 -9.64
C LEU B 104 39.18 3.25 -9.35
N LEU B 105 39.16 3.77 -8.12
CA LEU B 105 40.11 4.80 -7.74
C LEU B 105 41.52 4.24 -7.79
N SER B 106 41.69 2.99 -7.36
CA SER B 106 43.02 2.35 -7.33
C SER B 106 43.52 1.94 -8.70
N CYS B 107 42.60 1.85 -9.66
CA CYS B 107 42.94 1.47 -11.03
C CYS B 107 43.43 2.67 -11.86
N GLY B 108 43.49 3.83 -11.22
CA GLY B 108 43.95 5.01 -11.95
C GLY B 108 45.36 4.82 -12.46
N ALA B 109 45.73 5.63 -13.44
CA ALA B 109 47.06 5.59 -14.03
C ALA B 109 48.10 5.72 -12.93
N LYS B 110 49.08 4.83 -12.96
CA LYS B 110 50.15 4.81 -11.99
C LYS B 110 50.73 6.21 -11.74
N GLY B 111 50.81 6.60 -10.47
CA GLY B 111 51.35 7.91 -10.14
C GLY B 111 50.35 9.06 -10.23
N LYS B 112 49.25 8.83 -10.95
CA LYS B 112 48.22 9.83 -11.13
C LYS B 112 46.92 9.53 -10.38
N ARG B 113 47.00 8.73 -9.32
CA ARG B 113 45.84 8.37 -8.51
C ARG B 113 45.87 9.24 -7.25
N PHE B 114 44.91 10.15 -7.13
CA PHE B 114 44.89 11.04 -5.98
C PHE B 114 43.60 11.04 -5.18
N SER B 115 43.60 11.89 -4.16
CA SER B 115 42.49 12.06 -3.26
C SER B 115 42.69 13.42 -2.61
N LEU B 116 41.61 14.03 -2.12
CA LEU B 116 41.73 15.30 -1.43
C LEU B 116 42.01 14.91 0.03
N PRO B 117 42.55 15.84 0.82
CA PRO B 117 42.87 15.55 2.21
C PRO B 117 41.86 14.87 3.12
N HIS B 118 40.57 15.16 2.97
CA HIS B 118 39.58 14.59 3.87
C HIS B 118 38.75 13.42 3.41
N SER B 119 38.94 12.98 2.18
CA SER B 119 38.17 11.85 1.67
C SER B 119 38.26 10.63 2.57
N ARG B 120 37.49 9.61 2.23
CA ARG B 120 37.50 8.35 2.98
C ARG B 120 37.55 7.25 1.92
N ILE B 121 38.43 6.28 2.13
CA ILE B 121 38.54 5.16 1.21
C ILE B 121 38.20 3.89 2.01
N MET B 122 37.33 3.05 1.44
CA MET B 122 36.89 1.81 2.09
C MET B 122 36.76 0.69 1.06
N ILE B 123 37.33 -0.47 1.39
CA ILE B 123 37.27 -1.62 0.50
C ILE B 123 36.63 -2.79 1.24
N HIS B 124 36.05 -3.74 0.49
CA HIS B 124 35.41 -4.89 1.10
C HIS B 124 35.09 -5.93 0.04
N GLN B 125 34.56 -7.08 0.46
CA GLN B 125 34.25 -8.13 -0.49
C GLN B 125 32.89 -7.94 -1.17
N PRO B 126 32.68 -8.64 -2.30
CA PRO B 126 31.42 -8.54 -3.03
C PRO B 126 30.22 -8.92 -2.17
N LEU B 127 29.07 -8.34 -2.50
CA LEU B 127 27.80 -8.59 -1.83
C LEU B 127 26.89 -9.16 -2.93
N GLY B 128 25.98 -10.05 -2.57
CA GLY B 128 25.12 -10.61 -3.59
C GLY B 128 23.92 -11.38 -3.08
N GLY B 129 23.27 -12.09 -3.99
CA GLY B 129 22.10 -12.87 -3.61
C GLY B 129 21.78 -14.01 -4.56
N ALA B 130 21.12 -15.03 -4.03
CA ALA B 130 20.73 -16.19 -4.82
C ALA B 130 19.56 -16.88 -4.17
N GLN B 131 18.65 -17.38 -5.00
CA GLN B 131 17.49 -18.10 -4.51
C GLN B 131 17.17 -19.19 -5.50
N GLY B 132 16.50 -20.24 -5.03
CA GLY B 132 16.13 -21.32 -5.92
C GLY B 132 16.72 -22.65 -5.51
N GLN B 133 16.82 -23.56 -6.48
CA GLN B 133 17.37 -24.89 -6.26
C GLN B 133 18.81 -24.86 -5.78
N ALA B 134 19.17 -25.82 -4.95
CA ALA B 134 20.51 -25.93 -4.42
C ALA B 134 21.55 -25.73 -5.54
N SER B 135 21.35 -26.40 -6.66
CA SER B 135 22.28 -26.30 -7.79
C SER B 135 22.50 -24.87 -8.26
N ASP B 136 21.41 -24.10 -8.37
CA ASP B 136 21.53 -22.71 -8.82
C ASP B 136 22.20 -21.83 -7.77
N ILE B 137 22.01 -22.14 -6.49
CA ILE B 137 22.63 -21.34 -5.45
C ILE B 137 24.12 -21.53 -5.50
N GLU B 138 24.55 -22.76 -5.73
CA GLU B 138 25.96 -23.10 -5.83
C GLU B 138 26.58 -22.45 -7.06
N ILE B 139 25.83 -22.41 -8.16
CA ILE B 139 26.32 -21.78 -9.38
C ILE B 139 26.61 -20.32 -9.10
N ILE B 140 25.63 -19.64 -8.51
CA ILE B 140 25.76 -18.23 -8.19
C ILE B 140 26.83 -18.00 -7.13
N SER B 141 26.87 -18.87 -6.11
CA SER B 141 27.86 -18.73 -5.05
C SER B 141 29.27 -18.82 -5.65
N ASN B 142 29.44 -19.69 -6.64
CA ASN B 142 30.74 -19.87 -7.28
C ASN B 142 31.15 -18.63 -8.05
N GLU B 143 30.17 -18.00 -8.70
CA GLU B 143 30.43 -16.81 -9.50
C GLU B 143 30.78 -15.60 -8.62
N ILE B 144 30.07 -15.44 -7.51
CA ILE B 144 30.35 -14.33 -6.61
C ILE B 144 31.75 -14.55 -6.02
N LEU B 145 32.07 -15.81 -5.74
CA LEU B 145 33.38 -16.16 -5.19
C LEU B 145 34.42 -15.85 -6.26
N ARG B 146 34.12 -16.16 -7.51
CA ARG B 146 35.05 -15.87 -8.59
C ARG B 146 35.28 -14.37 -8.65
N LEU B 147 34.19 -13.59 -8.70
CA LEU B 147 34.31 -12.14 -8.74
C LEU B 147 35.07 -11.66 -7.52
N LYS B 148 34.87 -12.32 -6.39
CA LYS B 148 35.58 -11.93 -5.17
C LYS B 148 37.08 -12.08 -5.43
N GLY B 149 37.47 -13.21 -6.01
CA GLY B 149 38.87 -13.49 -6.30
C GLY B 149 39.46 -12.54 -7.32
N LEU B 150 38.70 -12.24 -8.37
CA LEU B 150 39.18 -11.34 -9.40
C LEU B 150 39.49 -9.97 -8.78
N MET B 151 38.48 -9.35 -8.16
CA MET B 151 38.63 -8.04 -7.54
C MET B 151 39.77 -7.91 -6.55
N ASN B 152 39.83 -8.84 -5.60
CA ASN B 152 40.88 -8.82 -4.61
C ASN B 152 42.24 -8.94 -5.30
N SER B 153 42.28 -9.70 -6.39
CA SER B 153 43.50 -9.87 -7.16
C SER B 153 43.97 -8.55 -7.78
N ILE B 154 43.05 -7.82 -8.40
CA ILE B 154 43.38 -6.54 -9.04
C ILE B 154 43.77 -5.50 -7.98
N LEU B 155 43.15 -5.57 -6.81
CA LEU B 155 43.45 -4.65 -5.72
C LEU B 155 44.87 -4.91 -5.20
N ALA B 156 45.27 -6.19 -5.26
CA ALA B 156 46.59 -6.62 -4.82
C ALA B 156 47.63 -6.04 -5.79
N GLN B 157 47.43 -6.27 -7.08
CA GLN B 157 48.32 -5.74 -8.11
C GLN B 157 48.47 -4.23 -7.91
N ASN B 158 47.33 -3.54 -7.96
CA ASN B 158 47.21 -2.08 -7.82
C ASN B 158 47.92 -1.44 -6.64
N SER B 159 47.84 -2.06 -5.46
CA SER B 159 48.44 -1.48 -4.27
C SER B 159 49.79 -2.06 -3.85
N GLY B 160 50.12 -3.23 -4.38
CA GLY B 160 51.37 -3.86 -4.02
C GLY B 160 51.16 -4.88 -2.92
N GLN B 161 50.03 -4.78 -2.22
CA GLN B 161 49.70 -5.70 -1.14
C GLN B 161 49.64 -7.12 -1.68
N SER B 162 49.69 -8.11 -0.81
CA SER B 162 49.63 -9.50 -1.25
C SER B 162 48.18 -9.96 -1.30
N LEU B 163 47.95 -11.05 -2.01
CA LEU B 163 46.62 -11.64 -2.15
C LEU B 163 46.02 -11.97 -0.79
N GLU B 164 46.81 -12.65 0.03
CA GLU B 164 46.38 -13.07 1.35
C GLU B 164 46.01 -11.85 2.21
N GLN B 165 46.79 -10.78 2.08
CA GLN B 165 46.55 -9.56 2.85
C GLN B 165 45.26 -8.81 2.46
N ILE B 166 44.99 -8.72 1.16
CA ILE B 166 43.79 -8.06 0.65
C ILE B 166 42.54 -8.83 1.10
N ALA B 167 42.61 -10.16 0.99
CA ALA B 167 41.52 -11.05 1.40
C ALA B 167 41.20 -10.88 2.87
N LYS B 168 42.24 -10.62 3.66
CA LYS B 168 42.05 -10.44 5.09
C LYS B 168 41.39 -9.10 5.40
N ASP B 169 41.92 -8.04 4.80
CA ASP B 169 41.38 -6.71 5.05
C ASP B 169 40.02 -6.41 4.43
N THR B 170 39.69 -7.08 3.33
CA THR B 170 38.41 -6.89 2.65
C THR B 170 37.28 -7.79 3.15
N ASP B 171 37.59 -8.65 4.13
CA ASP B 171 36.61 -9.57 4.69
C ASP B 171 35.35 -8.85 5.18
N ARG B 172 35.57 -7.74 5.91
CA ARG B 172 34.49 -6.89 6.42
C ARG B 172 34.94 -5.49 6.00
N ASP B 173 34.05 -4.50 6.09
CA ASP B 173 34.39 -3.15 5.66
C ASP B 173 35.69 -2.60 6.26
N PHE B 174 36.54 -2.10 5.38
CA PHE B 174 37.86 -1.57 5.74
C PHE B 174 37.93 -0.08 5.41
N TYR B 175 37.73 0.77 6.43
CA TYR B 175 37.76 2.21 6.23
C TYR B 175 39.12 2.82 6.50
N MET B 176 39.54 3.75 5.66
CA MET B 176 40.81 4.42 5.86
C MET B 176 40.76 5.86 5.35
N SER B 177 41.61 6.70 5.92
CA SER B 177 41.71 8.11 5.55
C SER B 177 42.48 8.19 4.22
N ALA B 178 42.69 9.40 3.71
CA ALA B 178 43.43 9.57 2.46
C ALA B 178 44.90 9.16 2.66
N LYS B 179 45.48 9.52 3.81
CA LYS B 179 46.86 9.16 4.11
C LYS B 179 47.06 7.66 4.17
N GLU B 180 46.23 6.98 4.96
CA GLU B 180 46.32 5.53 5.08
C GLU B 180 46.15 4.89 3.72
N ALA B 181 45.23 5.43 2.93
CA ALA B 181 44.99 4.91 1.58
C ALA B 181 46.30 4.95 0.77
N LYS B 182 47.10 5.99 1.01
CA LYS B 182 48.37 6.15 0.32
C LYS B 182 49.34 5.10 0.82
N GLU B 183 49.53 5.09 2.15
CA GLU B 183 50.43 4.14 2.79
C GLU B 183 50.07 2.72 2.33
N TYR B 184 48.78 2.51 2.08
CA TYR B 184 48.27 1.21 1.65
C TYR B 184 48.58 0.85 0.20
N GLY B 185 48.74 1.85 -0.67
CA GLY B 185 49.03 1.58 -2.07
C GLY B 185 47.89 1.76 -3.04
N LEU B 186 46.75 2.23 -2.54
CA LEU B 186 45.56 2.44 -3.35
C LEU B 186 45.61 3.79 -4.04
N ILE B 187 46.28 4.74 -3.37
CA ILE B 187 46.41 6.12 -3.84
C ILE B 187 47.89 6.53 -3.90
N ASP B 188 48.28 7.23 -4.96
CA ASP B 188 49.67 7.67 -5.11
C ASP B 188 50.01 8.92 -4.32
N LYS B 189 49.14 9.93 -4.38
CA LYS B 189 49.39 11.16 -3.66
C LYS B 189 48.12 11.80 -3.08
N VAL B 190 48.30 12.62 -2.06
CA VAL B 190 47.20 13.33 -1.41
C VAL B 190 47.47 14.82 -1.67
N LEU B 191 46.56 15.49 -2.38
CA LEU B 191 46.71 16.90 -2.68
C LEU B 191 46.47 17.74 -1.41
N GLN B 192 46.88 19.01 -1.45
CA GLN B 192 46.72 19.92 -0.31
C GLN B 192 46.27 21.32 -0.75
N ASP C 20 24.64 15.52 -26.95
CA ASP C 20 24.34 14.14 -26.49
C ASP C 20 25.52 13.24 -26.80
N ILE C 21 26.17 12.72 -25.75
CA ILE C 21 27.32 11.85 -25.93
C ILE C 21 27.02 10.65 -26.81
N TYR C 22 25.95 9.94 -26.47
CA TYR C 22 25.56 8.77 -27.24
C TYR C 22 25.41 9.12 -28.72
N SER C 23 24.82 10.27 -29.01
CA SER C 23 24.64 10.70 -30.39
C SER C 23 26.00 10.92 -31.06
N ARG C 24 26.94 11.49 -30.31
CA ARG C 24 28.27 11.76 -30.82
C ARG C 24 28.91 10.42 -31.22
N LEU C 25 28.81 9.43 -30.33
CA LEU C 25 29.36 8.11 -30.57
C LEU C 25 28.71 7.43 -31.77
N LEU C 26 27.40 7.65 -31.91
CA LEU C 26 26.63 7.06 -32.99
C LEU C 26 27.12 7.45 -34.38
N LYS C 27 27.70 8.64 -34.50
CA LYS C 27 28.19 9.07 -35.80
C LYS C 27 29.51 8.39 -36.12
N ASP C 28 30.13 7.81 -35.09
CA ASP C 28 31.39 7.09 -35.28
C ASP C 28 31.03 5.64 -35.46
N ARG C 29 29.74 5.40 -35.67
CA ARG C 29 29.18 4.08 -35.90
C ARG C 29 29.28 3.14 -34.70
N ILE C 30 29.36 3.74 -33.51
CA ILE C 30 29.44 3.02 -32.25
C ILE C 30 28.03 3.03 -31.66
N VAL C 31 27.45 1.84 -31.47
CA VAL C 31 26.12 1.71 -30.89
C VAL C 31 26.20 1.00 -29.55
N LEU C 32 25.57 1.56 -28.53
CA LEU C 32 25.62 0.95 -27.21
C LEU C 32 24.34 0.23 -26.79
N LEU C 33 24.49 -1.04 -26.44
CA LEU C 33 23.37 -1.84 -25.96
C LEU C 33 23.68 -2.06 -24.49
N SER C 34 23.03 -1.29 -23.63
CA SER C 34 23.26 -1.38 -22.20
C SER C 34 21.98 -1.63 -21.40
N GLY C 35 22.09 -2.39 -20.31
CA GLY C 35 20.92 -2.68 -19.49
C GLY C 35 20.09 -3.78 -20.09
N GLU C 36 18.94 -4.05 -19.47
CA GLU C 36 18.03 -5.10 -19.93
C GLU C 36 17.56 -4.92 -21.36
N ILE C 37 17.15 -6.02 -21.99
CA ILE C 37 16.66 -5.98 -23.36
C ILE C 37 15.16 -6.22 -23.37
N ASN C 38 14.43 -5.30 -24.01
CA ASN C 38 12.97 -5.41 -24.13
C ASN C 38 12.60 -4.75 -25.46
N ASP C 39 11.32 -4.64 -25.78
CA ASP C 39 10.91 -4.06 -27.06
C ASP C 39 11.33 -2.61 -27.35
N SER C 40 11.28 -1.75 -26.35
CA SER C 40 11.66 -0.36 -26.59
C SER C 40 13.16 -0.23 -26.79
N VAL C 41 13.94 -1.04 -26.08
CA VAL C 41 15.40 -1.00 -26.23
C VAL C 41 15.82 -1.63 -27.56
N ALA C 42 15.12 -2.68 -27.99
CA ALA C 42 15.45 -3.35 -29.26
C ALA C 42 15.15 -2.42 -30.43
N SER C 43 13.95 -1.84 -30.45
CA SER C 43 13.55 -0.92 -31.51
C SER C 43 14.61 0.16 -31.63
N SER C 44 15.07 0.64 -30.48
CA SER C 44 16.09 1.67 -30.44
C SER C 44 17.36 1.18 -31.15
N ILE C 45 17.81 -0.02 -30.82
CA ILE C 45 19.02 -0.58 -31.43
C ILE C 45 18.84 -0.82 -32.92
N VAL C 46 17.73 -1.42 -33.29
CA VAL C 46 17.47 -1.69 -34.70
C VAL C 46 17.49 -0.40 -35.49
N ALA C 47 16.73 0.60 -35.01
CA ALA C 47 16.66 1.89 -35.68
C ALA C 47 18.03 2.50 -35.96
N GLN C 48 18.95 2.36 -35.00
CA GLN C 48 20.29 2.90 -35.17
C GLN C 48 21.08 2.08 -36.18
N LEU C 49 20.67 0.83 -36.37
CA LEU C 49 21.33 -0.08 -37.29
C LEU C 49 20.84 0.12 -38.72
N LEU C 50 19.58 0.49 -38.86
CA LEU C 50 19.00 0.74 -40.17
C LEU C 50 19.55 2.10 -40.61
N PHE C 51 19.78 2.96 -39.61
CA PHE C 51 20.31 4.30 -39.83
C PHE C 51 21.76 4.25 -40.27
N LEU C 52 22.57 3.46 -39.57
CA LEU C 52 23.97 3.37 -39.93
C LEU C 52 24.11 2.75 -41.32
N GLU C 53 23.20 1.83 -41.67
CA GLU C 53 23.25 1.22 -42.98
C GLU C 53 22.96 2.28 -44.03
N ALA C 54 21.81 2.93 -43.89
CA ALA C 54 21.40 3.99 -44.82
C ALA C 54 22.28 5.22 -44.64
N GLU C 55 23.47 5.02 -44.11
CA GLU C 55 24.42 6.11 -43.87
C GLU C 55 25.72 5.76 -44.59
N ASP C 56 25.87 4.49 -44.92
CA ASP C 56 27.03 3.94 -45.60
C ASP C 56 26.93 2.43 -45.41
N PRO C 57 26.30 1.73 -46.37
CA PRO C 57 26.13 0.28 -46.31
C PRO C 57 27.41 -0.56 -46.42
N GLU C 58 28.56 0.09 -46.34
CA GLU C 58 29.82 -0.63 -46.46
C GLU C 58 30.68 -0.59 -45.19
N LYS C 59 30.67 0.53 -44.49
CA LYS C 59 31.48 0.68 -43.27
C LYS C 59 31.00 -0.17 -42.10
N ASP C 60 31.97 -0.60 -41.29
CA ASP C 60 31.69 -1.45 -40.13
C ASP C 60 30.97 -0.72 -39.00
N ILE C 61 30.23 -1.49 -38.22
CA ILE C 61 29.48 -0.94 -37.08
C ILE C 61 29.95 -1.61 -35.80
N GLY C 62 30.22 -0.81 -34.78
CA GLY C 62 30.66 -1.36 -33.51
C GLY C 62 29.47 -1.42 -32.55
N LEU C 63 29.08 -2.64 -32.16
CA LEU C 63 27.96 -2.83 -31.25
C LEU C 63 28.46 -3.29 -29.88
N TYR C 64 28.54 -2.35 -28.95
CA TYR C 64 29.00 -2.68 -27.62
C TYR C 64 27.89 -3.30 -26.77
N ILE C 65 28.22 -4.41 -26.11
CA ILE C 65 27.26 -5.10 -25.28
C ILE C 65 27.66 -5.18 -23.81
N ASN C 66 26.72 -4.79 -22.96
CA ASN C 66 26.90 -4.84 -21.51
C ASN C 66 25.49 -4.94 -20.98
N SER C 67 24.95 -6.15 -20.94
CA SER C 67 23.58 -6.37 -20.47
C SER C 67 23.36 -7.77 -19.92
N PRO C 68 22.46 -7.90 -18.93
CA PRO C 68 22.13 -9.18 -18.30
C PRO C 68 21.22 -10.03 -19.19
N GLY C 69 20.80 -9.47 -20.31
CA GLY C 69 19.91 -10.19 -21.20
C GLY C 69 18.54 -9.55 -21.21
N GLY C 70 17.52 -10.33 -21.61
CA GLY C 70 16.17 -9.79 -21.66
C GLY C 70 15.21 -10.60 -22.50
N VAL C 71 14.09 -9.97 -22.88
CA VAL C 71 13.03 -10.60 -23.67
C VAL C 71 13.53 -11.24 -24.95
N ILE C 72 13.32 -12.54 -25.07
CA ILE C 72 13.77 -13.32 -26.21
C ILE C 72 13.47 -12.77 -27.60
N THR C 73 12.19 -12.53 -27.90
CA THR C 73 11.82 -12.01 -29.21
C THR C 73 12.42 -10.64 -29.45
N SER C 74 12.49 -9.83 -28.41
CA SER C 74 13.07 -8.50 -28.53
C SER C 74 14.52 -8.67 -28.97
N GLY C 75 15.20 -9.63 -28.35
CA GLY C 75 16.59 -9.88 -28.69
C GLY C 75 16.79 -10.36 -30.11
N LEU C 76 15.87 -11.18 -30.63
CA LEU C 76 15.99 -11.71 -31.98
C LEU C 76 15.81 -10.66 -33.08
N SER C 77 14.96 -9.66 -32.83
CA SER C 77 14.74 -8.62 -33.83
C SER C 77 16.08 -7.93 -34.07
N ILE C 78 16.84 -7.73 -33.01
CA ILE C 78 18.15 -7.09 -33.09
C ILE C 78 19.07 -7.97 -33.92
N TYR C 79 19.05 -9.26 -33.59
CA TYR C 79 19.86 -10.27 -34.25
C TYR C 79 19.62 -10.37 -35.76
N ASP C 80 18.37 -10.56 -36.16
CA ASP C 80 18.05 -10.65 -37.58
C ASP C 80 18.36 -9.35 -38.29
N THR C 81 18.18 -8.22 -37.60
CA THR C 81 18.45 -6.91 -38.19
C THR C 81 19.95 -6.79 -38.47
N MET C 82 20.77 -7.30 -37.57
CA MET C 82 22.20 -7.23 -37.75
C MET C 82 22.61 -7.89 -39.05
N ASN C 83 21.97 -9.00 -39.38
CA ASN C 83 22.29 -9.72 -40.61
C ASN C 83 21.49 -9.19 -41.80
N PHE C 84 20.36 -8.55 -41.51
CA PHE C 84 19.51 -8.00 -42.56
C PHE C 84 20.29 -6.92 -43.29
N ILE C 85 20.87 -5.99 -42.52
CA ILE C 85 21.64 -4.90 -43.11
C ILE C 85 22.84 -5.44 -43.87
N ARG C 86 23.54 -4.55 -44.55
CA ARG C 86 24.70 -4.95 -45.33
C ARG C 86 26.01 -4.74 -44.57
N PRO C 87 26.13 -3.65 -43.80
CA PRO C 87 27.38 -3.42 -43.06
C PRO C 87 27.63 -4.51 -42.02
N ASP C 88 28.90 -4.86 -41.85
CA ASP C 88 29.28 -5.86 -40.85
C ASP C 88 29.03 -5.21 -39.49
N VAL C 89 28.38 -5.93 -38.58
CA VAL C 89 28.14 -5.40 -37.25
C VAL C 89 28.96 -6.18 -36.24
N SER C 90 30.11 -5.63 -35.88
CA SER C 90 31.00 -6.23 -34.91
C SER C 90 30.39 -6.12 -33.51
N THR C 91 30.73 -7.07 -32.63
CA THR C 91 30.23 -7.07 -31.27
C THR C 91 31.37 -6.97 -30.26
N ILE C 92 31.26 -6.03 -29.32
CA ILE C 92 32.26 -5.84 -28.28
C ILE C 92 31.57 -5.99 -26.93
N CYS C 93 32.09 -6.88 -26.08
CA CYS C 93 31.47 -7.08 -24.78
C CYS C 93 32.26 -6.40 -23.68
N ILE C 94 31.64 -5.43 -23.01
CA ILE C 94 32.29 -4.75 -21.90
C ILE C 94 31.42 -4.94 -20.66
N GLY C 95 32.06 -5.24 -19.53
CA GLY C 95 31.31 -5.47 -18.31
C GLY C 95 30.72 -6.87 -18.25
N GLN C 96 29.71 -7.12 -19.07
CA GLN C 96 29.09 -8.44 -19.10
C GLN C 96 28.19 -8.59 -20.30
N ALA C 97 28.01 -9.83 -20.73
CA ALA C 97 27.13 -10.17 -21.81
C ALA C 97 26.51 -11.45 -21.29
N ALA C 98 25.29 -11.35 -20.77
CA ALA C 98 24.63 -12.53 -20.20
C ALA C 98 23.32 -12.86 -20.88
N SER C 99 23.03 -14.16 -20.99
CA SER C 99 21.81 -14.64 -21.61
C SER C 99 21.67 -14.11 -23.03
N MET C 100 20.52 -13.52 -23.34
CA MET C 100 20.26 -12.97 -24.68
C MET C 100 21.37 -12.03 -25.13
N GLY C 101 22.07 -11.45 -24.16
CA GLY C 101 23.15 -10.54 -24.49
C GLY C 101 24.34 -11.34 -25.02
N ALA C 102 24.62 -12.47 -24.37
CA ALA C 102 25.72 -13.32 -24.82
C ALA C 102 25.34 -13.85 -26.19
N PHE C 103 24.07 -14.19 -26.36
CA PHE C 103 23.57 -14.68 -27.64
C PHE C 103 23.94 -13.67 -28.71
N LEU C 104 23.53 -12.42 -28.51
CA LEU C 104 23.82 -11.37 -29.47
C LEU C 104 25.33 -11.13 -29.64
N LEU C 105 26.08 -11.22 -28.57
CA LEU C 105 27.52 -11.02 -28.69
C LEU C 105 28.08 -12.05 -29.65
N SER C 106 27.57 -13.27 -29.59
CA SER C 106 28.04 -14.36 -30.45
C SER C 106 27.51 -14.30 -31.87
N CYS C 107 26.59 -13.37 -32.13
CA CYS C 107 26.02 -13.24 -33.45
C CYS C 107 26.71 -12.19 -34.31
N GLY C 108 27.80 -11.62 -33.79
CA GLY C 108 28.50 -10.63 -34.55
C GLY C 108 29.31 -11.21 -35.71
N ALA C 109 29.79 -10.33 -36.58
CA ALA C 109 30.59 -10.73 -37.73
C ALA C 109 31.74 -11.61 -37.27
N LYS C 110 31.92 -12.75 -37.94
CA LYS C 110 32.97 -13.68 -37.57
C LYS C 110 34.33 -12.98 -37.63
N GLY C 111 35.23 -13.36 -36.72
CA GLY C 111 36.53 -12.75 -36.68
C GLY C 111 36.45 -11.34 -36.10
N LYS C 112 35.23 -10.87 -35.85
CA LYS C 112 35.03 -9.53 -35.31
C LYS C 112 34.24 -9.48 -34.00
N ARG C 113 34.16 -10.62 -33.31
CA ARG C 113 33.46 -10.69 -32.03
C ARG C 113 34.49 -10.55 -30.90
N PHE C 114 34.52 -9.39 -30.26
CA PHE C 114 35.49 -9.13 -29.20
C PHE C 114 34.89 -9.04 -27.80
N SER C 115 35.77 -8.79 -26.84
CA SER C 115 35.41 -8.65 -25.44
C SER C 115 36.57 -8.06 -24.66
N LEU C 116 36.28 -7.29 -23.63
CA LEU C 116 37.35 -6.73 -22.82
C LEU C 116 37.80 -7.87 -21.90
N PRO C 117 38.99 -7.74 -21.30
CA PRO C 117 39.58 -8.74 -20.40
C PRO C 117 38.86 -9.15 -19.12
N HIS C 118 38.21 -8.23 -18.43
CA HIS C 118 37.54 -8.57 -17.19
C HIS C 118 36.02 -8.69 -17.31
N SER C 119 35.56 -8.73 -18.56
CA SER C 119 34.14 -8.83 -18.83
C SER C 119 33.73 -10.28 -18.54
N ARG C 120 32.43 -10.53 -18.48
CA ARG C 120 31.97 -11.88 -18.24
C ARG C 120 30.79 -12.19 -19.15
N ILE C 121 30.77 -13.43 -19.63
CA ILE C 121 29.73 -13.93 -20.52
C ILE C 121 29.02 -15.09 -19.83
N MET C 122 27.73 -15.23 -20.08
CA MET C 122 26.97 -16.32 -19.47
C MET C 122 25.87 -16.76 -20.41
N ILE C 123 25.77 -18.06 -20.65
CA ILE C 123 24.74 -18.58 -21.53
C ILE C 123 23.83 -19.52 -20.75
N HIS C 124 22.52 -19.45 -21.02
CA HIS C 124 21.56 -20.30 -20.34
C HIS C 124 20.41 -20.70 -21.26
N GLN C 125 19.39 -21.35 -20.70
CA GLN C 125 18.24 -21.74 -21.50
C GLN C 125 17.14 -20.70 -21.23
N PRO C 126 16.10 -20.69 -22.07
CA PRO C 126 15.00 -19.74 -21.89
C PRO C 126 14.25 -19.83 -20.57
N LEU C 127 13.73 -18.67 -20.14
CA LEU C 127 12.92 -18.55 -18.93
C LEU C 127 11.58 -17.99 -19.37
N GLY C 128 10.51 -18.43 -18.72
CA GLY C 128 9.19 -17.92 -19.09
C GLY C 128 8.15 -18.17 -18.03
N GLY C 129 6.90 -18.19 -18.47
CA GLY C 129 5.79 -18.42 -17.57
C GLY C 129 4.54 -18.65 -18.37
N ALA C 130 3.62 -19.43 -17.81
CA ALA C 130 2.35 -19.72 -18.48
C ALA C 130 1.28 -19.84 -17.42
N GLN C 131 0.05 -19.50 -17.77
CA GLN C 131 -1.06 -19.58 -16.83
C GLN C 131 -2.38 -19.85 -17.52
N GLY C 132 -3.24 -20.62 -16.86
CA GLY C 132 -4.53 -20.92 -17.45
C GLY C 132 -4.83 -22.39 -17.64
N GLN C 133 -5.59 -22.70 -18.67
CA GLN C 133 -5.97 -24.07 -18.96
C GLN C 133 -4.76 -24.89 -19.38
N ALA C 134 -4.78 -26.17 -19.03
CA ALA C 134 -3.68 -27.06 -19.39
C ALA C 134 -3.41 -26.96 -20.89
N SER C 135 -4.47 -26.75 -21.67
CA SER C 135 -4.34 -26.63 -23.12
C SER C 135 -3.50 -25.44 -23.50
N ASP C 136 -3.65 -24.34 -22.77
CA ASP C 136 -2.86 -23.14 -23.07
C ASP C 136 -1.46 -23.27 -22.50
N ILE C 137 -1.35 -23.95 -21.36
CA ILE C 137 -0.04 -24.15 -20.74
C ILE C 137 0.83 -25.00 -21.65
N GLU C 138 0.21 -25.96 -22.34
CA GLU C 138 0.95 -26.83 -23.25
C GLU C 138 1.47 -25.99 -24.41
N ILE C 139 0.58 -25.21 -25.00
CA ILE C 139 0.95 -24.37 -26.12
C ILE C 139 2.15 -23.48 -25.78
N ILE C 140 2.12 -22.88 -24.59
CA ILE C 140 3.23 -22.02 -24.17
C ILE C 140 4.48 -22.85 -23.98
N SER C 141 4.34 -23.97 -23.27
CA SER C 141 5.45 -24.87 -23.03
C SER C 141 6.10 -25.29 -24.35
N ASN C 142 5.27 -25.70 -25.31
CA ASN C 142 5.77 -26.12 -26.63
C ASN C 142 6.45 -24.94 -27.31
N GLU C 143 5.83 -23.77 -27.21
CA GLU C 143 6.38 -22.59 -27.84
C GLU C 143 7.72 -22.17 -27.24
N ILE C 144 7.89 -22.29 -25.93
CA ILE C 144 9.16 -21.89 -25.32
C ILE C 144 10.22 -22.92 -25.70
N LEU C 145 9.85 -24.19 -25.68
CA LEU C 145 10.77 -25.25 -26.06
C LEU C 145 11.28 -24.92 -27.48
N ARG C 146 10.36 -24.53 -28.36
CA ARG C 146 10.72 -24.17 -29.73
C ARG C 146 11.82 -23.11 -29.69
N LEU C 147 11.63 -22.08 -28.88
CA LEU C 147 12.63 -21.02 -28.74
C LEU C 147 13.91 -21.57 -28.14
N LYS C 148 13.77 -22.56 -27.26
CA LYS C 148 14.94 -23.15 -26.63
C LYS C 148 15.77 -23.83 -27.69
N GLY C 149 15.11 -24.65 -28.52
CA GLY C 149 15.80 -25.35 -29.58
C GLY C 149 16.44 -24.39 -30.57
N LEU C 150 15.63 -23.52 -31.14
CA LEU C 150 16.10 -22.54 -32.11
C LEU C 150 17.40 -21.87 -31.67
N MET C 151 17.41 -21.29 -30.47
CA MET C 151 18.60 -20.61 -29.96
C MET C 151 19.75 -21.55 -29.60
N ASN C 152 19.44 -22.84 -29.48
CA ASN C 152 20.46 -23.82 -29.17
C ASN C 152 21.21 -24.22 -30.44
N SER C 153 20.50 -24.22 -31.57
CA SER C 153 21.12 -24.57 -32.84
C SER C 153 21.88 -23.35 -33.36
N ILE C 154 21.33 -22.16 -33.14
CA ILE C 154 21.99 -20.94 -33.58
C ILE C 154 23.25 -20.72 -32.74
N LEU C 155 23.14 -20.98 -31.45
CA LEU C 155 24.28 -20.82 -30.56
C LEU C 155 25.38 -21.82 -30.90
N ALA C 156 24.99 -23.06 -31.20
CA ALA C 156 25.96 -24.08 -31.56
C ALA C 156 26.62 -23.60 -32.85
N GLN C 157 25.77 -23.13 -33.76
CA GLN C 157 26.20 -22.62 -35.04
C GLN C 157 27.31 -21.56 -34.96
N ASN C 158 27.18 -20.61 -34.03
CA ASN C 158 28.18 -19.54 -33.88
C ASN C 158 29.42 -19.89 -33.06
N SER C 159 29.29 -20.88 -32.19
CA SER C 159 30.39 -21.28 -31.29
C SER C 159 31.32 -22.38 -31.78
N GLY C 160 30.77 -23.32 -32.56
CA GLY C 160 31.57 -24.42 -33.04
C GLY C 160 31.29 -25.69 -32.25
N GLN C 161 30.54 -25.52 -31.15
CA GLN C 161 30.16 -26.64 -30.30
C GLN C 161 28.99 -27.31 -30.99
N SER C 162 28.70 -28.55 -30.62
CA SER C 162 27.58 -29.27 -31.22
C SER C 162 26.29 -28.92 -30.49
N LEU C 163 25.16 -29.12 -31.16
CA LEU C 163 23.85 -28.83 -30.57
C LEU C 163 23.72 -29.52 -29.22
N GLU C 164 24.18 -30.77 -29.15
CA GLU C 164 24.10 -31.57 -27.94
C GLU C 164 24.95 -30.99 -26.80
N GLN C 165 26.07 -30.39 -27.17
CA GLN C 165 26.98 -29.79 -26.20
C GLN C 165 26.40 -28.54 -25.54
N ILE C 166 25.95 -27.59 -26.36
CA ILE C 166 25.39 -26.36 -25.81
C ILE C 166 24.10 -26.63 -25.04
N ALA C 167 23.33 -27.61 -25.48
CA ALA C 167 22.08 -27.94 -24.79
C ALA C 167 22.42 -28.38 -23.36
N LYS C 168 23.60 -28.97 -23.20
CA LYS C 168 24.05 -29.45 -21.89
C LYS C 168 24.64 -28.33 -21.04
N ASP C 169 25.53 -27.54 -21.62
CA ASP C 169 26.15 -26.44 -20.89
C ASP C 169 25.15 -25.37 -20.45
N THR C 170 24.19 -25.06 -21.32
CA THR C 170 23.18 -24.04 -21.03
C THR C 170 22.01 -24.42 -20.11
N ASP C 171 21.78 -25.71 -19.89
CA ASP C 171 20.70 -26.19 -19.01
C ASP C 171 20.58 -25.35 -17.72
N ARG C 172 21.72 -24.92 -17.19
CA ARG C 172 21.76 -24.07 -16.01
C ARG C 172 22.79 -22.98 -16.35
N ASP C 173 22.67 -21.80 -15.75
CA ASP C 173 23.58 -20.70 -16.04
C ASP C 173 25.06 -21.12 -16.14
N PHE C 174 25.65 -20.83 -17.29
CA PHE C 174 27.04 -21.17 -17.58
C PHE C 174 27.89 -19.89 -17.63
N TYR C 175 28.56 -19.56 -16.54
CA TYR C 175 29.38 -18.36 -16.49
C TYR C 175 30.80 -18.65 -17.00
N MET C 176 31.40 -17.67 -17.65
CA MET C 176 32.76 -17.83 -18.14
C MET C 176 33.44 -16.48 -18.37
N SER C 177 34.76 -16.49 -18.20
CA SER C 177 35.58 -15.30 -18.38
C SER C 177 35.70 -14.91 -19.86
N ALA C 178 36.37 -13.81 -20.12
CA ALA C 178 36.57 -13.33 -21.49
C ALA C 178 37.38 -14.37 -22.26
N LYS C 179 38.42 -14.91 -21.61
CA LYS C 179 39.29 -15.93 -22.22
C LYS C 179 38.50 -17.21 -22.47
N GLU C 180 37.81 -17.69 -21.45
CA GLU C 180 37.03 -18.92 -21.58
C GLU C 180 36.10 -18.79 -22.77
N ALA C 181 35.36 -17.68 -22.80
CA ALA C 181 34.42 -17.42 -23.89
C ALA C 181 35.10 -17.59 -25.24
N LYS C 182 36.37 -17.20 -25.32
CA LYS C 182 37.13 -17.32 -26.56
C LYS C 182 37.32 -18.81 -26.88
N GLU C 183 37.81 -19.56 -25.90
CA GLU C 183 38.03 -20.99 -26.07
C GLU C 183 36.74 -21.70 -26.45
N TYR C 184 35.61 -21.16 -26.01
CA TYR C 184 34.31 -21.74 -26.26
C TYR C 184 33.75 -21.39 -27.64
N GLY C 185 34.31 -20.38 -28.29
CA GLY C 185 33.83 -20.00 -29.60
C GLY C 185 32.71 -18.97 -29.61
N LEU C 186 32.56 -18.22 -28.52
CA LEU C 186 31.54 -17.19 -28.41
C LEU C 186 32.08 -15.86 -28.95
N ILE C 187 33.36 -15.59 -28.69
CA ILE C 187 33.99 -14.38 -29.20
C ILE C 187 35.21 -14.83 -30.00
N ASP C 188 35.82 -13.90 -30.73
CA ASP C 188 36.98 -14.25 -31.54
C ASP C 188 38.28 -13.78 -30.90
N LYS C 189 38.25 -12.60 -30.29
CA LYS C 189 39.46 -12.07 -29.66
C LYS C 189 39.13 -11.31 -28.36
N VAL C 190 40.06 -11.37 -27.41
CA VAL C 190 39.91 -10.69 -26.13
C VAL C 190 40.90 -9.54 -26.10
N LEU C 191 40.43 -8.33 -26.46
CA LEU C 191 41.28 -7.14 -26.47
C LEU C 191 42.22 -7.14 -25.27
N GLN C 192 43.45 -6.70 -25.48
CA GLN C 192 44.45 -6.66 -24.41
C GLN C 192 44.54 -5.30 -23.74
N LYS C 193 44.95 -4.29 -24.50
CA LYS C 193 45.09 -2.93 -23.99
C LYS C 193 44.68 -1.88 -25.03
N ASP D 20 16.74 13.18 -34.03
CA ASP D 20 15.93 12.10 -33.41
C ASP D 20 15.93 10.84 -34.28
N ILE D 21 16.72 9.85 -33.88
CA ILE D 21 16.86 8.59 -34.62
C ILE D 21 15.60 8.12 -35.33
N TYR D 22 14.47 8.17 -34.64
CA TYR D 22 13.22 7.75 -35.23
C TYR D 22 12.75 8.70 -36.34
N SER D 23 12.84 10.00 -36.08
CA SER D 23 12.44 11.00 -37.05
C SER D 23 13.32 10.85 -38.29
N ARG D 24 14.57 10.48 -38.05
CA ARG D 24 15.54 10.30 -39.13
C ARG D 24 15.05 9.20 -40.08
N LEU D 25 14.50 8.13 -39.50
CA LEU D 25 13.98 7.03 -40.31
C LEU D 25 12.67 7.42 -40.96
N LEU D 26 11.94 8.33 -40.33
CA LEU D 26 10.66 8.75 -40.89
C LEU D 26 10.91 9.48 -42.20
N LYS D 27 12.11 10.05 -42.35
CA LYS D 27 12.45 10.77 -43.58
C LYS D 27 12.75 9.79 -44.69
N ASP D 28 13.05 8.55 -44.33
CA ASP D 28 13.34 7.51 -45.32
C ASP D 28 12.08 6.69 -45.55
N ARG D 29 10.96 7.19 -45.04
CA ARG D 29 9.66 6.52 -45.19
C ARG D 29 9.55 5.30 -44.27
N ILE D 30 10.34 5.25 -43.21
CA ILE D 30 10.28 4.12 -42.29
C ILE D 30 9.57 4.42 -40.98
N VAL D 31 8.55 3.61 -40.69
CA VAL D 31 7.76 3.76 -39.48
C VAL D 31 7.91 2.51 -38.63
N LEU D 32 8.14 2.70 -37.33
CA LEU D 32 8.34 1.59 -36.41
C LEU D 32 7.21 1.35 -35.41
N LEU D 33 6.55 0.21 -35.54
CA LEU D 33 5.46 -0.18 -34.65
C LEU D 33 5.96 -1.28 -33.72
N SER D 34 6.26 -0.92 -32.47
CA SER D 34 6.75 -1.91 -31.52
C SER D 34 6.16 -1.72 -30.14
N GLY D 35 5.87 -2.85 -29.48
CA GLY D 35 5.29 -2.82 -28.15
C GLY D 35 3.79 -3.05 -28.18
N GLU D 36 3.14 -2.91 -27.02
CA GLU D 36 1.70 -3.11 -26.98
C GLU D 36 1.05 -2.04 -27.84
N ILE D 37 -0.15 -2.33 -28.31
CA ILE D 37 -0.89 -1.40 -29.16
C ILE D 37 -2.10 -0.88 -28.39
N ASN D 38 -2.25 0.43 -28.34
CA ASN D 38 -3.38 1.02 -27.66
C ASN D 38 -3.77 2.28 -28.42
N ASP D 39 -4.70 3.05 -27.88
CA ASP D 39 -5.10 4.26 -28.58
C ASP D 39 -3.97 5.25 -28.82
N SER D 40 -3.20 5.53 -27.78
CA SER D 40 -2.08 6.46 -27.85
C SER D 40 -1.08 6.05 -28.92
N VAL D 41 -0.69 4.78 -28.92
CA VAL D 41 0.27 4.27 -29.91
C VAL D 41 -0.34 4.23 -31.31
N ALA D 42 -1.64 3.96 -31.37
CA ALA D 42 -2.33 3.90 -32.66
C ALA D 42 -2.32 5.24 -33.40
N SER D 43 -2.63 6.32 -32.69
CA SER D 43 -2.67 7.65 -33.29
C SER D 43 -1.30 8.13 -33.71
N SER D 44 -0.26 7.63 -33.06
CA SER D 44 1.09 8.02 -33.43
C SER D 44 1.41 7.43 -34.80
N ILE D 45 1.09 6.15 -34.96
CA ILE D 45 1.30 5.45 -36.22
C ILE D 45 0.45 6.08 -37.32
N VAL D 46 -0.81 6.33 -37.02
CA VAL D 46 -1.71 6.94 -37.99
C VAL D 46 -1.13 8.30 -38.39
N ALA D 47 -0.69 9.07 -37.39
CA ALA D 47 -0.10 10.39 -37.62
C ALA D 47 1.07 10.33 -38.62
N GLN D 48 1.85 9.27 -38.53
CA GLN D 48 3.00 9.10 -39.43
C GLN D 48 2.53 8.68 -40.82
N LEU D 49 1.50 7.85 -40.87
CA LEU D 49 0.99 7.40 -42.16
C LEU D 49 0.42 8.62 -42.92
N LEU D 50 -0.49 9.34 -42.27
CA LEU D 50 -1.08 10.53 -42.89
C LEU D 50 0.03 11.47 -43.33
N PHE D 51 0.93 11.79 -42.41
CA PHE D 51 2.05 12.68 -42.71
C PHE D 51 2.73 12.22 -43.98
N LEU D 52 3.28 11.01 -43.95
CA LEU D 52 3.97 10.47 -45.12
C LEU D 52 3.14 10.48 -46.40
N GLU D 53 1.81 10.53 -46.28
CA GLU D 53 0.98 10.56 -47.48
C GLU D 53 1.04 11.94 -48.13
N ALA D 54 1.13 12.98 -47.31
CA ALA D 54 1.19 14.34 -47.80
C ALA D 54 2.57 14.65 -48.32
N GLU D 55 3.58 14.02 -47.73
CA GLU D 55 4.97 14.22 -48.14
C GLU D 55 5.26 13.64 -49.51
N ASP D 56 4.50 12.62 -49.90
CA ASP D 56 4.69 11.95 -51.18
C ASP D 56 3.72 10.78 -51.24
N PRO D 57 2.51 11.00 -51.79
CA PRO D 57 1.49 9.96 -51.91
C PRO D 57 1.85 8.83 -52.88
N GLU D 58 3.10 8.85 -53.35
CA GLU D 58 3.57 7.84 -54.29
C GLU D 58 4.37 6.72 -53.63
N LYS D 59 5.57 7.06 -53.16
CA LYS D 59 6.44 6.07 -52.53
C LYS D 59 5.75 5.25 -51.44
N ASP D 60 6.24 4.03 -51.25
CA ASP D 60 5.69 3.12 -50.26
C ASP D 60 6.20 3.44 -48.85
N ILE D 61 5.47 2.96 -47.85
CA ILE D 61 5.83 3.21 -46.46
C ILE D 61 6.78 2.19 -45.85
N GLY D 62 6.33 0.95 -45.68
CA GLY D 62 7.20 -0.03 -45.06
C GLY D 62 7.10 0.11 -43.54
N LEU D 63 6.02 -0.45 -43.00
CA LEU D 63 5.73 -0.41 -41.58
C LEU D 63 6.39 -1.59 -40.86
N TYR D 64 7.45 -1.33 -40.10
CA TYR D 64 8.14 -2.39 -39.37
C TYR D 64 7.39 -2.72 -38.08
N ILE D 65 7.02 -4.00 -37.94
CA ILE D 65 6.22 -4.45 -36.81
C ILE D 65 6.88 -5.47 -35.89
N ASN D 66 7.00 -5.11 -34.61
CA ASN D 66 7.54 -5.98 -33.56
C ASN D 66 6.59 -5.74 -32.39
N SER D 67 5.39 -6.29 -32.49
CA SER D 67 4.38 -6.10 -31.45
C SER D 67 3.77 -7.42 -30.98
N PRO D 68 3.27 -7.44 -29.75
CA PRO D 68 2.64 -8.60 -29.13
C PRO D 68 1.11 -8.46 -29.23
N GLY D 69 0.65 -7.37 -29.84
CA GLY D 69 -0.77 -7.12 -30.00
C GLY D 69 -1.28 -5.96 -29.16
N GLY D 70 -2.59 -5.91 -28.92
CA GLY D 70 -3.14 -4.82 -28.12
C GLY D 70 -4.64 -4.60 -28.27
N VAL D 71 -5.07 -3.35 -28.13
CA VAL D 71 -6.49 -3.02 -28.25
C VAL D 71 -6.98 -3.23 -29.68
N ILE D 72 -8.11 -3.91 -29.81
CA ILE D 72 -8.70 -4.21 -31.12
C ILE D 72 -9.02 -2.97 -31.97
N THR D 73 -9.81 -2.06 -31.39
CA THR D 73 -10.18 -0.84 -32.09
C THR D 73 -8.95 0.00 -32.44
N SER D 74 -7.94 0.01 -31.57
CA SER D 74 -6.73 0.78 -31.86
C SER D 74 -6.02 0.17 -33.07
N GLY D 75 -5.93 -1.16 -33.08
CA GLY D 75 -5.30 -1.84 -34.19
C GLY D 75 -6.11 -1.68 -35.46
N LEU D 76 -7.42 -1.69 -35.32
CA LEU D 76 -8.31 -1.54 -36.46
C LEU D 76 -8.12 -0.18 -37.15
N SER D 77 -7.81 0.85 -36.37
CA SER D 77 -7.61 2.18 -36.91
C SER D 77 -6.37 2.22 -37.79
N ILE D 78 -5.30 1.56 -37.35
CA ILE D 78 -4.07 1.53 -38.11
C ILE D 78 -4.34 0.89 -39.46
N TYR D 79 -4.95 -0.29 -39.42
CA TYR D 79 -5.29 -1.04 -40.61
C TYR D 79 -6.11 -0.22 -41.61
N ASP D 80 -7.13 0.48 -41.14
CA ASP D 80 -7.95 1.28 -42.03
C ASP D 80 -7.20 2.46 -42.64
N THR D 81 -6.35 3.12 -41.84
CA THR D 81 -5.56 4.25 -42.32
C THR D 81 -4.62 3.73 -43.41
N MET D 82 -4.06 2.54 -43.17
CA MET D 82 -3.17 1.90 -44.13
C MET D 82 -3.87 1.77 -45.48
N ASN D 83 -5.19 1.56 -45.46
CA ASN D 83 -5.95 1.41 -46.71
C ASN D 83 -6.67 2.71 -47.10
N PHE D 84 -6.48 3.74 -46.29
CA PHE D 84 -7.10 5.03 -46.55
C PHE D 84 -6.09 5.85 -47.35
N ILE D 85 -4.83 5.84 -46.90
CA ILE D 85 -3.79 6.59 -47.59
C ILE D 85 -3.49 5.96 -48.93
N ARG D 86 -2.91 6.74 -49.83
CA ARG D 86 -2.61 6.27 -51.18
C ARG D 86 -1.49 5.23 -51.29
N PRO D 87 -0.28 5.58 -50.84
CA PRO D 87 0.85 4.65 -50.92
C PRO D 87 0.63 3.22 -50.42
N ASP D 88 1.35 2.30 -51.03
CA ASP D 88 1.29 0.90 -50.66
C ASP D 88 2.09 0.77 -49.36
N VAL D 89 1.41 0.38 -48.29
CA VAL D 89 2.07 0.21 -47.01
C VAL D 89 2.61 -1.20 -46.86
N SER D 90 3.92 -1.35 -46.98
CA SER D 90 4.55 -2.65 -46.83
C SER D 90 4.71 -2.93 -45.33
N THR D 91 4.68 -4.21 -44.96
CA THR D 91 4.82 -4.58 -43.56
C THR D 91 5.93 -5.61 -43.34
N ILE D 92 6.90 -5.25 -42.50
CA ILE D 92 8.02 -6.11 -42.20
C ILE D 92 7.96 -6.55 -40.72
N CYS D 93 8.11 -7.84 -40.47
CA CYS D 93 8.06 -8.37 -39.12
C CYS D 93 9.45 -8.57 -38.53
N ILE D 94 9.74 -7.89 -37.43
CA ILE D 94 11.02 -8.01 -36.75
C ILE D 94 10.75 -8.43 -35.32
N GLY D 95 11.47 -9.43 -34.83
CA GLY D 95 11.22 -9.88 -33.47
C GLY D 95 9.95 -10.69 -33.41
N GLN D 96 8.80 -10.04 -33.48
CA GLN D 96 7.53 -10.77 -33.41
C GLN D 96 6.31 -9.94 -33.82
N ALA D 97 5.20 -10.64 -34.05
CA ALA D 97 3.93 -10.02 -34.42
C ALA D 97 2.85 -11.00 -33.98
N ALA D 98 2.18 -10.69 -32.88
CA ALA D 98 1.14 -11.58 -32.36
C ALA D 98 -0.22 -10.89 -32.24
N SER D 99 -1.29 -11.69 -32.30
CA SER D 99 -2.64 -11.15 -32.20
C SER D 99 -2.81 -10.02 -33.18
N MET D 100 -3.26 -8.88 -32.67
CA MET D 100 -3.48 -7.70 -33.49
C MET D 100 -2.22 -7.30 -34.24
N GLY D 101 -1.06 -7.69 -33.69
CA GLY D 101 0.21 -7.38 -34.32
C GLY D 101 0.34 -8.20 -35.59
N ALA D 102 -0.04 -9.47 -35.49
CA ALA D 102 0.01 -10.36 -36.65
C ALA D 102 -1.04 -9.89 -37.67
N PHE D 103 -2.22 -9.53 -37.18
CA PHE D 103 -3.30 -9.04 -38.03
C PHE D 103 -2.75 -7.93 -38.93
N LEU D 104 -2.30 -6.85 -38.31
CA LEU D 104 -1.75 -5.72 -39.04
C LEU D 104 -0.67 -6.14 -40.01
N LEU D 105 0.13 -7.14 -39.64
CA LEU D 105 1.19 -7.62 -40.53
C LEU D 105 0.63 -8.24 -41.81
N SER D 106 -0.56 -8.82 -41.73
CA SER D 106 -1.19 -9.45 -42.89
C SER D 106 -1.99 -8.46 -43.73
N CYS D 107 -2.11 -7.22 -43.24
CA CYS D 107 -2.85 -6.19 -43.95
C CYS D 107 -1.96 -5.33 -44.83
N GLY D 108 -0.68 -5.64 -44.85
CA GLY D 108 0.24 -4.90 -45.68
C GLY D 108 -0.09 -5.10 -47.14
N ALA D 109 0.43 -4.23 -48.01
CA ALA D 109 0.16 -4.33 -49.43
C ALA D 109 0.60 -5.71 -49.92
N LYS D 110 -0.27 -6.38 -50.67
CA LYS D 110 0.00 -7.71 -51.20
C LYS D 110 1.36 -7.75 -51.90
N GLY D 111 2.03 -8.89 -51.80
CA GLY D 111 3.34 -9.01 -52.42
C GLY D 111 4.34 -8.13 -51.68
N LYS D 112 3.87 -7.40 -50.69
CA LYS D 112 4.75 -6.53 -49.92
C LYS D 112 4.75 -6.81 -48.42
N ARG D 113 4.31 -8.00 -48.03
CA ARG D 113 4.29 -8.39 -46.62
C ARG D 113 5.50 -9.29 -46.34
N PHE D 114 6.45 -8.81 -45.54
CA PHE D 114 7.66 -9.57 -45.24
C PHE D 114 7.92 -9.89 -43.77
N SER D 115 9.03 -10.57 -43.53
CA SER D 115 9.47 -10.95 -42.20
C SER D 115 10.92 -11.40 -42.21
N LEU D 116 11.66 -11.07 -41.14
CA LEU D 116 13.06 -11.48 -41.05
C LEU D 116 13.08 -12.97 -40.69
N PRO D 117 14.25 -13.62 -40.85
CA PRO D 117 14.45 -15.04 -40.56
C PRO D 117 13.79 -15.67 -39.33
N HIS D 118 14.14 -15.20 -38.15
CA HIS D 118 13.62 -15.78 -36.91
C HIS D 118 12.52 -15.00 -36.20
N SER D 119 11.54 -14.51 -36.93
CA SER D 119 10.46 -13.76 -36.29
C SER D 119 9.34 -14.71 -35.92
N ARG D 120 8.61 -14.40 -34.85
CA ARG D 120 7.48 -15.24 -34.43
C ARG D 120 6.16 -14.56 -34.75
N ILE D 121 5.30 -15.26 -35.47
CA ILE D 121 3.98 -14.73 -35.83
C ILE D 121 2.96 -15.59 -35.09
N MET D 122 1.99 -14.97 -34.46
CA MET D 122 0.98 -15.71 -33.71
C MET D 122 -0.37 -15.04 -33.87
N ILE D 123 -1.36 -15.81 -34.29
CA ILE D 123 -2.72 -15.31 -34.47
C ILE D 123 -3.58 -15.97 -33.39
N HIS D 124 -4.71 -15.34 -33.05
CA HIS D 124 -5.60 -15.90 -32.05
C HIS D 124 -6.95 -15.19 -32.03
N GLN D 125 -7.82 -15.56 -31.08
CA GLN D 125 -9.13 -14.93 -31.00
C GLN D 125 -9.11 -13.77 -30.02
N PRO D 126 -10.10 -12.86 -30.12
CA PRO D 126 -10.17 -11.70 -29.24
C PRO D 126 -10.20 -12.01 -27.75
N LEU D 127 -9.71 -11.03 -26.97
CA LEU D 127 -9.70 -11.10 -25.51
C LEU D 127 -10.49 -9.89 -25.00
N GLY D 128 -11.11 -10.03 -23.82
CA GLY D 128 -11.89 -8.95 -23.28
C GLY D 128 -12.46 -9.22 -21.91
N GLY D 129 -13.45 -8.42 -21.51
CA GLY D 129 -14.07 -8.60 -20.21
C GLY D 129 -15.39 -7.87 -20.11
N ALA D 130 -16.26 -8.34 -19.22
CA ALA D 130 -17.57 -7.72 -19.03
C ALA D 130 -18.02 -7.82 -17.56
N GLN D 131 -18.63 -6.76 -17.05
CA GLN D 131 -19.09 -6.72 -15.66
C GLN D 131 -20.43 -6.00 -15.54
N GLY D 132 -21.27 -6.47 -14.62
CA GLY D 132 -22.55 -5.82 -14.41
C GLY D 132 -23.75 -6.72 -14.62
N GLN D 133 -24.84 -6.11 -15.08
CA GLN D 133 -26.08 -6.84 -15.34
C GLN D 133 -25.98 -7.75 -16.55
N ALA D 134 -26.76 -8.83 -16.53
CA ALA D 134 -26.77 -9.80 -17.62
C ALA D 134 -26.96 -9.11 -18.96
N SER D 135 -27.93 -8.20 -19.02
CA SER D 135 -28.21 -7.43 -20.24
C SER D 135 -26.89 -6.87 -20.77
N ASP D 136 -26.19 -6.16 -19.89
CA ASP D 136 -24.91 -5.54 -20.23
C ASP D 136 -23.86 -6.56 -20.63
N ILE D 137 -23.80 -7.69 -19.91
CA ILE D 137 -22.82 -8.72 -20.24
C ILE D 137 -23.07 -9.29 -21.63
N GLU D 138 -24.34 -9.50 -21.97
CA GLU D 138 -24.69 -10.05 -23.29
C GLU D 138 -24.25 -9.09 -24.39
N ILE D 139 -24.55 -7.81 -24.20
CA ILE D 139 -24.18 -6.78 -25.18
C ILE D 139 -22.69 -6.79 -25.47
N ILE D 140 -21.88 -6.79 -24.41
CA ILE D 140 -20.42 -6.78 -24.53
C ILE D 140 -19.94 -8.03 -25.24
N SER D 141 -20.44 -9.17 -24.80
CA SER D 141 -20.08 -10.46 -25.38
C SER D 141 -20.35 -10.47 -26.88
N ASN D 142 -21.57 -10.08 -27.25
CA ASN D 142 -21.92 -10.07 -28.66
C ASN D 142 -20.97 -9.20 -29.47
N GLU D 143 -20.65 -8.02 -28.94
CA GLU D 143 -19.74 -7.09 -29.62
C GLU D 143 -18.34 -7.69 -29.79
N ILE D 144 -17.90 -8.50 -28.84
CA ILE D 144 -16.59 -9.14 -28.95
C ILE D 144 -16.70 -10.22 -30.04
N LEU D 145 -17.83 -10.92 -30.04
CA LEU D 145 -18.06 -11.95 -31.04
C LEU D 145 -18.09 -11.30 -32.42
N ARG D 146 -18.73 -10.13 -32.47
CA ARG D 146 -18.81 -9.36 -33.69
C ARG D 146 -17.39 -9.10 -34.17
N LEU D 147 -16.55 -8.49 -33.33
CA LEU D 147 -15.16 -8.23 -33.73
C LEU D 147 -14.44 -9.51 -34.09
N LYS D 148 -14.71 -10.59 -33.35
CA LYS D 148 -14.10 -11.89 -33.60
C LYS D 148 -14.34 -12.30 -35.06
N GLY D 149 -15.61 -12.39 -35.44
CA GLY D 149 -15.94 -12.76 -36.80
C GLY D 149 -15.35 -11.77 -37.81
N LEU D 150 -15.55 -10.47 -37.54
CA LEU D 150 -15.04 -9.43 -38.42
C LEU D 150 -13.54 -9.56 -38.72
N MET D 151 -12.78 -10.14 -37.79
CA MET D 151 -11.35 -10.30 -38.00
C MET D 151 -10.98 -11.62 -38.66
N ASN D 152 -11.75 -12.67 -38.40
CA ASN D 152 -11.49 -13.96 -39.02
C ASN D 152 -11.63 -13.80 -40.53
N SER D 153 -12.75 -13.22 -40.96
CA SER D 153 -13.01 -13.00 -42.38
C SER D 153 -11.92 -12.16 -43.03
N ILE D 154 -11.43 -11.15 -42.31
CA ILE D 154 -10.37 -10.31 -42.86
C ILE D 154 -9.10 -11.14 -42.99
N LEU D 155 -8.83 -11.98 -41.99
CA LEU D 155 -7.65 -12.83 -42.04
C LEU D 155 -7.80 -13.88 -43.14
N ALA D 156 -8.98 -14.48 -43.22
CA ALA D 156 -9.25 -15.49 -44.23
C ALA D 156 -8.96 -14.94 -45.63
N GLN D 157 -9.28 -13.67 -45.83
CA GLN D 157 -9.06 -13.00 -47.11
C GLN D 157 -7.59 -12.75 -47.41
N ASN D 158 -6.93 -12.03 -46.51
CA ASN D 158 -5.52 -11.70 -46.68
C ASN D 158 -4.65 -12.93 -46.86
N SER D 159 -5.10 -14.04 -46.31
CA SER D 159 -4.34 -15.28 -46.38
C SER D 159 -4.90 -16.27 -47.40
N GLY D 160 -6.16 -16.09 -47.75
CA GLY D 160 -6.77 -16.99 -48.72
C GLY D 160 -7.35 -18.19 -48.00
N GLN D 161 -7.02 -18.35 -46.71
CA GLN D 161 -7.53 -19.45 -45.92
C GLN D 161 -9.04 -19.27 -45.84
N SER D 162 -9.75 -20.30 -45.38
CA SER D 162 -11.20 -20.19 -45.27
C SER D 162 -11.58 -19.70 -43.89
N LEU D 163 -12.75 -19.08 -43.80
CA LEU D 163 -13.26 -18.56 -42.55
C LEU D 163 -13.17 -19.68 -41.52
N GLU D 164 -13.88 -20.76 -41.79
CA GLU D 164 -13.92 -21.94 -40.94
C GLU D 164 -12.52 -22.45 -40.57
N GLN D 165 -11.55 -22.25 -41.44
CA GLN D 165 -10.18 -22.70 -41.18
C GLN D 165 -9.52 -21.75 -40.17
N ILE D 166 -9.78 -20.46 -40.31
CA ILE D 166 -9.23 -19.45 -39.41
C ILE D 166 -9.95 -19.59 -38.08
N ALA D 167 -11.27 -19.67 -38.15
CA ALA D 167 -12.10 -19.81 -36.96
C ALA D 167 -11.68 -21.05 -36.18
N LYS D 168 -10.84 -21.87 -36.81
CA LYS D 168 -10.38 -23.11 -36.24
C LYS D 168 -8.96 -23.01 -35.64
N ASP D 169 -8.02 -22.54 -36.45
CA ASP D 169 -6.63 -22.42 -36.03
C ASP D 169 -6.42 -21.35 -34.95
N THR D 170 -7.29 -20.36 -34.90
CA THR D 170 -7.12 -19.30 -33.91
C THR D 170 -7.96 -19.49 -32.66
N ASP D 171 -8.57 -20.67 -32.49
CA ASP D 171 -9.36 -20.88 -31.29
C ASP D 171 -8.49 -20.71 -30.05
N ARG D 172 -7.19 -21.02 -30.21
CA ARG D 172 -6.20 -20.86 -29.15
C ARG D 172 -4.98 -20.26 -29.85
N ASP D 173 -3.96 -19.86 -29.10
CA ASP D 173 -2.81 -19.22 -29.71
C ASP D 173 -2.08 -20.12 -30.71
N PHE D 174 -1.89 -19.58 -31.90
CA PHE D 174 -1.28 -20.31 -33.01
C PHE D 174 0.06 -19.70 -33.44
N TYR D 175 1.16 -20.24 -32.93
CA TYR D 175 2.50 -19.73 -33.25
C TYR D 175 3.08 -20.28 -34.55
N MET D 176 3.73 -19.41 -35.30
CA MET D 176 4.32 -19.79 -36.57
C MET D 176 5.72 -19.21 -36.71
N SER D 177 6.56 -19.91 -37.46
CA SER D 177 7.89 -19.41 -37.72
C SER D 177 7.68 -18.52 -38.95
N ALA D 178 8.73 -17.84 -39.41
CA ALA D 178 8.61 -16.98 -40.58
C ALA D 178 8.20 -17.80 -41.81
N LYS D 179 8.75 -19.00 -41.92
CA LYS D 179 8.45 -19.89 -43.03
C LYS D 179 6.96 -20.28 -43.03
N GLU D 180 6.49 -20.75 -41.86
CA GLU D 180 5.11 -21.20 -41.70
C GLU D 180 4.05 -20.14 -41.99
N ALA D 181 4.36 -18.88 -41.65
CA ALA D 181 3.43 -17.79 -41.90
C ALA D 181 3.34 -17.53 -43.40
N LYS D 182 4.47 -17.66 -44.08
CA LYS D 182 4.50 -17.46 -45.52
C LYS D 182 3.63 -18.50 -46.19
N GLU D 183 3.85 -19.76 -45.83
CA GLU D 183 3.11 -20.86 -46.40
C GLU D 183 1.64 -20.84 -45.99
N TYR D 184 1.35 -20.16 -44.88
CA TYR D 184 -0.01 -20.08 -44.38
C TYR D 184 -0.77 -18.94 -45.09
N GLY D 185 -0.02 -17.98 -45.60
CA GLY D 185 -0.63 -16.86 -46.32
C GLY D 185 -0.57 -15.51 -45.63
N LEU D 186 -0.13 -15.48 -44.38
CA LEU D 186 -0.05 -14.23 -43.62
C LEU D 186 1.05 -13.31 -44.15
N ILE D 187 2.04 -13.91 -44.80
CA ILE D 187 3.15 -13.17 -45.38
C ILE D 187 3.35 -13.57 -46.84
N ASP D 188 4.15 -12.81 -47.56
CA ASP D 188 4.43 -13.07 -48.97
C ASP D 188 5.83 -13.61 -49.18
N LYS D 189 6.81 -12.91 -48.61
CA LYS D 189 8.20 -13.31 -48.75
C LYS D 189 8.89 -13.29 -47.39
N VAL D 190 10.04 -13.95 -47.31
CA VAL D 190 10.82 -14.01 -46.08
C VAL D 190 12.23 -13.55 -46.42
N LEU D 191 12.51 -12.27 -46.16
CA LEU D 191 13.81 -11.67 -46.44
C LEU D 191 14.94 -12.43 -45.77
N GLN D 192 15.38 -13.51 -46.42
CA GLN D 192 16.44 -14.37 -45.90
C GLN D 192 17.81 -13.68 -45.81
N ASP E 20 7.54 19.03 -35.95
CA ASP E 20 6.92 18.11 -34.95
C ASP E 20 5.68 17.42 -35.52
N ILE E 21 5.57 16.11 -35.30
CA ILE E 21 4.41 15.36 -35.79
C ILE E 21 3.20 15.88 -35.03
N TYR E 22 2.00 15.65 -35.57
CA TYR E 22 0.77 16.15 -34.96
C TYR E 22 0.71 17.63 -35.29
N SER E 23 1.86 18.28 -35.19
CA SER E 23 1.95 19.70 -35.49
C SER E 23 1.93 19.87 -37.01
N ARG E 24 2.78 19.12 -37.71
CA ARG E 24 2.81 19.22 -39.16
C ARG E 24 1.43 18.92 -39.73
N LEU E 25 0.71 18.03 -39.06
CA LEU E 25 -0.63 17.68 -39.52
C LEU E 25 -1.60 18.82 -39.26
N LEU E 26 -1.22 19.70 -38.35
CA LEU E 26 -2.08 20.84 -38.04
C LEU E 26 -1.95 21.86 -39.17
N LYS E 27 -0.75 21.98 -39.74
CA LYS E 27 -0.53 22.91 -40.84
C LYS E 27 -1.44 22.53 -42.00
N ASP E 28 -1.80 21.24 -42.05
CA ASP E 28 -2.68 20.70 -43.08
C ASP E 28 -4.13 20.82 -42.64
N ARG E 29 -4.32 21.28 -41.41
CA ARG E 29 -5.66 21.48 -40.85
C ARG E 29 -6.38 20.25 -40.32
N ILE E 30 -5.62 19.27 -39.81
CA ILE E 30 -6.27 18.09 -39.23
C ILE E 30 -5.95 18.04 -37.74
N VAL E 31 -6.96 17.67 -36.94
CA VAL E 31 -6.78 17.56 -35.51
C VAL E 31 -7.27 16.19 -35.10
N LEU E 32 -6.52 15.54 -34.22
CA LEU E 32 -6.87 14.21 -33.73
C LEU E 32 -7.42 14.26 -32.33
N LEU E 33 -8.56 13.62 -32.12
CA LEU E 33 -9.16 13.51 -30.80
C LEU E 33 -9.02 12.02 -30.56
N SER E 34 -7.95 11.65 -29.86
CA SER E 34 -7.67 10.25 -29.59
C SER E 34 -7.63 9.90 -28.11
N GLY E 35 -8.39 8.88 -27.74
CA GLY E 35 -8.41 8.46 -26.36
C GLY E 35 -9.52 9.11 -25.55
N GLU E 36 -9.43 8.93 -24.24
CA GLU E 36 -10.39 9.45 -23.28
C GLU E 36 -10.62 10.94 -23.45
N ILE E 37 -11.80 11.39 -23.06
CA ILE E 37 -12.14 12.80 -23.16
C ILE E 37 -12.27 13.46 -21.79
N ASN E 38 -11.51 14.52 -21.57
CA ASN E 38 -11.55 15.28 -20.32
C ASN E 38 -11.22 16.74 -20.61
N ASP E 39 -11.36 17.59 -19.60
CA ASP E 39 -11.09 19.02 -19.76
C ASP E 39 -9.78 19.34 -20.47
N SER E 40 -8.69 18.70 -20.06
CA SER E 40 -7.40 19.00 -20.67
C SER E 40 -7.37 18.60 -22.12
N VAL E 41 -7.97 17.45 -22.45
CA VAL E 41 -8.02 16.98 -23.81
C VAL E 41 -8.87 17.97 -24.62
N ALA E 42 -10.00 18.38 -24.03
CA ALA E 42 -10.89 19.32 -24.69
C ALA E 42 -10.17 20.64 -24.95
N SER E 43 -9.55 21.20 -23.90
CA SER E 43 -8.83 22.46 -24.03
C SER E 43 -7.82 22.38 -25.16
N SER E 44 -7.23 21.20 -25.31
CA SER E 44 -6.25 20.98 -26.38
C SER E 44 -6.94 21.04 -27.73
N ILE E 45 -8.15 20.50 -27.78
CA ILE E 45 -8.93 20.48 -29.03
C ILE E 45 -9.50 21.84 -29.40
N VAL E 46 -10.16 22.53 -28.46
CA VAL E 46 -10.73 23.84 -28.79
C VAL E 46 -9.60 24.82 -29.12
N ALA E 47 -8.48 24.71 -28.41
CA ALA E 47 -7.37 25.60 -28.68
C ALA E 47 -6.99 25.44 -30.14
N GLN E 48 -6.90 24.18 -30.58
CA GLN E 48 -6.55 23.88 -31.96
C GLN E 48 -7.59 24.40 -32.93
N LEU E 49 -8.87 24.24 -32.58
CA LEU E 49 -9.95 24.73 -33.42
C LEU E 49 -9.89 26.25 -33.51
N LEU E 50 -9.72 26.92 -32.38
CA LEU E 50 -9.63 28.38 -32.35
C LEU E 50 -8.44 28.87 -33.15
N PHE E 51 -7.30 28.20 -32.98
CA PHE E 51 -6.09 28.56 -33.71
C PHE E 51 -6.30 28.44 -35.22
N LEU E 52 -6.81 27.29 -35.65
CA LEU E 52 -7.03 27.05 -37.08
C LEU E 52 -7.95 28.08 -37.70
N GLU E 53 -8.93 28.57 -36.93
CA GLU E 53 -9.83 29.59 -37.46
C GLU E 53 -9.11 30.90 -37.65
N ALA E 54 -8.44 31.39 -36.61
CA ALA E 54 -7.70 32.65 -36.70
C ALA E 54 -6.89 32.62 -37.97
N GLU E 55 -6.29 31.47 -38.24
CA GLU E 55 -5.48 31.25 -39.43
C GLU E 55 -6.26 31.47 -40.73
N ASP E 56 -7.32 30.70 -40.90
CA ASP E 56 -8.14 30.79 -42.11
C ASP E 56 -9.60 30.44 -41.81
N PRO E 57 -10.44 31.46 -41.58
CA PRO E 57 -11.86 31.24 -41.28
C PRO E 57 -12.66 30.63 -42.41
N GLU E 58 -11.95 30.12 -43.43
CA GLU E 58 -12.61 29.54 -44.59
C GLU E 58 -12.40 28.03 -44.77
N LYS E 59 -11.14 27.61 -44.93
CA LYS E 59 -10.84 26.19 -45.14
C LYS E 59 -11.39 25.24 -44.09
N ASP E 60 -11.86 24.09 -44.59
CA ASP E 60 -12.44 23.02 -43.76
C ASP E 60 -11.47 22.55 -42.71
N ILE E 61 -12.01 21.87 -41.70
CA ILE E 61 -11.19 21.32 -40.62
C ILE E 61 -11.53 19.84 -40.49
N GLY E 62 -10.50 19.00 -40.52
CA GLY E 62 -10.71 17.58 -40.38
C GLY E 62 -10.48 17.12 -38.94
N LEU E 63 -11.57 16.70 -38.29
CA LEU E 63 -11.51 16.23 -36.93
C LEU E 63 -11.51 14.71 -36.87
N TYR E 64 -10.33 14.10 -36.91
CA TYR E 64 -10.23 12.65 -36.82
C TYR E 64 -10.51 12.25 -35.37
N ILE E 65 -11.40 11.29 -35.19
CA ILE E 65 -11.82 10.82 -33.88
C ILE E 65 -11.64 9.33 -33.63
N ASN E 66 -10.94 9.00 -32.56
CA ASN E 66 -10.75 7.63 -32.13
C ASN E 66 -10.84 7.75 -30.62
N SER E 67 -12.06 7.74 -30.11
CA SER E 67 -12.25 7.90 -28.68
C SER E 67 -13.35 7.06 -28.09
N PRO E 68 -13.15 6.61 -26.85
CA PRO E 68 -14.13 5.79 -26.13
C PRO E 68 -15.07 6.71 -25.35
N GLY E 69 -14.96 8.02 -25.55
CA GLY E 69 -15.81 8.96 -24.84
C GLY E 69 -15.11 9.68 -23.68
N GLY E 70 -15.89 10.27 -22.79
CA GLY E 70 -15.31 11.00 -21.67
C GLY E 70 -16.30 11.84 -20.87
N VAL E 71 -15.80 12.93 -20.28
CA VAL E 71 -16.66 13.82 -19.49
C VAL E 71 -17.56 14.59 -20.44
N ILE E 72 -18.85 14.59 -20.15
CA ILE E 72 -19.82 15.28 -20.99
C ILE E 72 -19.50 16.77 -21.22
N THR E 73 -19.46 17.57 -20.16
CA THR E 73 -19.17 19.00 -20.32
C THR E 73 -17.89 19.20 -21.15
N SER E 74 -16.89 18.35 -20.96
CA SER E 74 -15.64 18.45 -21.71
C SER E 74 -15.97 18.28 -23.20
N GLY E 75 -16.84 17.32 -23.47
CA GLY E 75 -17.24 17.05 -24.84
C GLY E 75 -18.06 18.18 -25.43
N LEU E 76 -19.05 18.64 -24.69
CA LEU E 76 -19.89 19.72 -25.19
C LEU E 76 -19.05 20.95 -25.57
N SER E 77 -18.00 21.22 -24.81
CA SER E 77 -17.13 22.36 -25.10
C SER E 77 -16.50 22.22 -26.49
N ILE E 78 -16.22 20.99 -26.90
CA ILE E 78 -15.64 20.75 -28.22
C ILE E 78 -16.79 20.96 -29.21
N TYR E 79 -17.94 20.38 -28.89
CA TYR E 79 -19.11 20.51 -29.74
C TYR E 79 -19.39 21.99 -30.06
N ASP E 80 -19.80 22.74 -29.04
CA ASP E 80 -20.12 24.16 -29.19
C ASP E 80 -19.04 24.97 -29.89
N THR E 81 -17.79 24.60 -29.69
CA THR E 81 -16.68 25.30 -30.32
C THR E 81 -16.69 24.96 -31.80
N MET E 82 -16.89 23.68 -32.12
CA MET E 82 -16.95 23.25 -33.50
C MET E 82 -17.86 24.17 -34.30
N ASN E 83 -19.06 24.38 -33.76
CA ASN E 83 -20.06 25.23 -34.39
C ASN E 83 -19.93 26.68 -33.97
N PHE E 84 -18.85 26.99 -33.27
CA PHE E 84 -18.59 28.36 -32.83
C PHE E 84 -17.73 29.03 -33.89
N ILE E 85 -16.72 28.32 -34.38
CA ILE E 85 -15.85 28.86 -35.39
C ILE E 85 -16.61 28.89 -36.72
N ARG E 86 -16.00 29.49 -37.73
CA ARG E 86 -16.64 29.58 -39.05
C ARG E 86 -16.34 28.36 -39.92
N PRO E 87 -15.06 27.99 -40.04
CA PRO E 87 -14.74 26.82 -40.88
C PRO E 87 -15.55 25.57 -40.52
N ASP E 88 -16.01 24.86 -41.55
CA ASP E 88 -16.77 23.63 -41.38
C ASP E 88 -15.92 22.60 -40.66
N VAL E 89 -16.49 21.93 -39.68
CA VAL E 89 -15.78 20.90 -38.95
C VAL E 89 -16.28 19.51 -39.35
N SER E 90 -15.56 18.86 -40.26
CA SER E 90 -15.96 17.52 -40.68
C SER E 90 -15.26 16.53 -39.75
N THR E 91 -15.96 15.44 -39.44
CA THR E 91 -15.40 14.44 -38.56
C THR E 91 -15.12 13.13 -39.31
N ILE E 92 -14.00 12.49 -38.97
CA ILE E 92 -13.59 11.23 -39.60
C ILE E 92 -13.33 10.21 -38.50
N CYS E 93 -14.19 9.20 -38.40
CA CYS E 93 -14.03 8.19 -37.37
C CYS E 93 -13.05 7.07 -37.74
N ILE E 94 -11.99 6.92 -36.93
CA ILE E 94 -11.00 5.88 -37.14
C ILE E 94 -10.86 5.09 -35.84
N GLY E 95 -10.88 3.77 -35.95
CA GLY E 95 -10.78 2.92 -34.77
C GLY E 95 -12.14 2.84 -34.10
N GLN E 96 -12.57 3.95 -33.50
CA GLN E 96 -13.88 3.96 -32.84
C GLN E 96 -14.27 5.33 -32.33
N ALA E 97 -15.56 5.47 -32.09
CA ALA E 97 -16.16 6.68 -31.55
C ALA E 97 -17.29 6.14 -30.69
N ALA E 98 -17.03 6.05 -29.39
CA ALA E 98 -18.04 5.54 -28.45
C ALA E 98 -18.50 6.65 -27.52
N SER E 99 -19.77 6.62 -27.15
CA SER E 99 -20.32 7.63 -26.26
C SER E 99 -20.09 9.07 -26.75
N MET E 100 -19.51 9.91 -25.89
CA MET E 100 -19.26 11.31 -26.24
C MET E 100 -18.49 11.38 -27.54
N GLY E 101 -17.80 10.29 -27.87
CA GLY E 101 -17.03 10.25 -29.10
C GLY E 101 -17.97 10.19 -30.30
N ALA E 102 -18.96 9.29 -30.24
CA ALA E 102 -19.94 9.14 -31.31
C ALA E 102 -20.77 10.43 -31.41
N PHE E 103 -21.00 11.05 -30.26
CA PHE E 103 -21.75 12.31 -30.18
C PHE E 103 -21.04 13.37 -31.04
N LEU E 104 -19.76 13.61 -30.76
CA LEU E 104 -18.99 14.59 -31.52
C LEU E 104 -18.94 14.24 -33.00
N LEU E 105 -18.83 12.95 -33.29
CA LEU E 105 -18.77 12.49 -34.67
C LEU E 105 -19.99 13.02 -35.42
N SER E 106 -21.16 12.72 -34.87
CA SER E 106 -22.42 13.13 -35.47
C SER E 106 -22.61 14.64 -35.54
N CYS E 107 -21.84 15.39 -34.75
CA CYS E 107 -21.96 16.83 -34.72
C CYS E 107 -21.17 17.54 -35.80
N GLY E 108 -20.44 16.77 -36.59
CA GLY E 108 -19.65 17.33 -37.68
C GLY E 108 -20.54 18.03 -38.70
N ALA E 109 -19.93 18.80 -39.59
CA ALA E 109 -20.67 19.53 -40.61
C ALA E 109 -21.60 18.60 -41.40
N LYS E 110 -22.91 18.80 -41.27
CA LYS E 110 -23.87 17.95 -41.98
C LYS E 110 -23.40 17.78 -43.41
N GLY E 111 -23.14 16.53 -43.78
CA GLY E 111 -22.67 16.25 -45.13
C GLY E 111 -21.19 15.91 -45.15
N LYS E 112 -20.49 16.20 -44.06
CA LYS E 112 -19.06 15.93 -43.98
C LYS E 112 -18.63 14.97 -42.86
N ARG E 113 -19.59 14.27 -42.26
CA ARG E 113 -19.31 13.33 -41.19
C ARG E 113 -18.99 11.97 -41.83
N PHE E 114 -17.72 11.58 -41.75
CA PHE E 114 -17.26 10.32 -42.32
C PHE E 114 -16.92 9.26 -41.28
N SER E 115 -16.26 8.21 -41.76
CA SER E 115 -15.83 7.08 -40.93
C SER E 115 -15.10 6.10 -41.85
N LEU E 116 -14.07 5.44 -41.32
CA LEU E 116 -13.37 4.46 -42.12
C LEU E 116 -14.21 3.17 -42.10
N PRO E 117 -14.04 2.31 -43.11
CA PRO E 117 -14.78 1.05 -43.24
C PRO E 117 -15.00 0.19 -42.00
N HIS E 118 -13.93 -0.14 -41.29
CA HIS E 118 -14.03 -1.03 -40.13
C HIS E 118 -14.18 -0.41 -38.74
N SER E 119 -14.39 0.89 -38.67
CA SER E 119 -14.56 1.53 -37.37
C SER E 119 -15.89 1.09 -36.77
N ARG E 120 -16.06 1.34 -35.47
CA ARG E 120 -17.30 0.99 -34.78
C ARG E 120 -17.78 2.21 -34.01
N ILE E 121 -19.08 2.44 -34.05
CA ILE E 121 -19.69 3.58 -33.37
C ILE E 121 -20.55 3.02 -32.24
N MET E 122 -20.71 3.80 -31.18
CA MET E 122 -21.55 3.34 -30.06
C MET E 122 -22.14 4.54 -29.33
N ILE E 123 -23.44 4.48 -29.08
CA ILE E 123 -24.15 5.54 -28.36
C ILE E 123 -24.81 4.96 -27.12
N HIS E 124 -24.98 5.79 -26.10
CA HIS E 124 -25.58 5.31 -24.86
C HIS E 124 -26.01 6.49 -24.00
N GLN E 125 -26.50 6.22 -22.80
CA GLN E 125 -26.94 7.29 -21.92
C GLN E 125 -25.80 7.70 -20.97
N PRO E 126 -25.91 8.88 -20.35
CA PRO E 126 -24.88 9.37 -19.42
C PRO E 126 -24.60 8.46 -18.21
N LEU E 127 -23.37 8.54 -17.72
CA LEU E 127 -22.90 7.78 -16.56
C LEU E 127 -22.40 8.76 -15.51
N GLY E 128 -22.52 8.41 -14.24
CA GLY E 128 -22.07 9.31 -13.20
C GLY E 128 -22.26 8.76 -11.80
N GLY E 129 -22.28 9.64 -10.82
CA GLY E 129 -22.47 9.22 -9.45
C GLY E 129 -22.88 10.35 -8.54
N ALA E 130 -23.39 10.01 -7.36
CA ALA E 130 -23.81 11.01 -6.40
C ALA E 130 -23.63 10.45 -5.00
N GLN E 131 -23.13 11.28 -4.10
CA GLN E 131 -22.93 10.88 -2.72
C GLN E 131 -23.35 12.04 -1.82
N GLY E 132 -23.90 11.71 -0.67
CA GLY E 132 -24.31 12.75 0.26
C GLY E 132 -25.73 12.61 0.75
N GLN E 133 -26.30 13.74 1.14
CA GLN E 133 -27.67 13.81 1.64
C GLN E 133 -28.64 13.49 0.51
N ALA E 134 -29.81 12.97 0.85
CA ALA E 134 -30.81 12.66 -0.18
C ALA E 134 -31.11 13.90 -1.06
N SER E 135 -31.14 15.08 -0.42
CA SER E 135 -31.40 16.35 -1.11
C SER E 135 -30.37 16.63 -2.21
N ASP E 136 -29.12 16.25 -1.96
CA ASP E 136 -28.06 16.47 -2.93
C ASP E 136 -28.09 15.42 -4.03
N ILE E 137 -28.34 14.17 -3.64
CA ILE E 137 -28.40 13.09 -4.60
C ILE E 137 -29.50 13.42 -5.61
N GLU E 138 -30.59 14.01 -5.12
CA GLU E 138 -31.70 14.38 -5.99
C GLU E 138 -31.27 15.43 -7.01
N ILE E 139 -30.52 16.43 -6.55
CA ILE E 139 -30.02 17.51 -7.43
C ILE E 139 -29.11 16.94 -8.52
N ILE E 140 -28.17 16.10 -8.11
CA ILE E 140 -27.24 15.50 -9.05
C ILE E 140 -27.99 14.63 -10.03
N SER E 141 -28.94 13.87 -9.52
CA SER E 141 -29.76 12.97 -10.33
C SER E 141 -30.54 13.78 -11.37
N ASN E 142 -31.15 14.87 -10.92
CA ASN E 142 -31.91 15.74 -11.83
C ASN E 142 -31.01 16.35 -12.90
N GLU E 143 -29.77 16.68 -12.54
CA GLU E 143 -28.85 17.26 -13.51
C GLU E 143 -28.36 16.25 -14.55
N ILE E 144 -28.10 15.03 -14.11
CA ILE E 144 -27.64 13.99 -15.04
C ILE E 144 -28.77 13.67 -16.01
N LEU E 145 -30.00 13.73 -15.52
CA LEU E 145 -31.15 13.46 -16.37
C LEU E 145 -31.31 14.63 -17.35
N ARG E 146 -31.09 15.85 -16.87
CA ARG E 146 -31.19 17.03 -17.73
C ARG E 146 -30.21 16.93 -18.88
N LEU E 147 -29.04 16.33 -18.63
CA LEU E 147 -28.02 16.16 -19.65
C LEU E 147 -28.35 14.97 -20.55
N LYS E 148 -29.15 14.04 -20.02
CA LYS E 148 -29.56 12.85 -20.77
C LYS E 148 -30.50 13.29 -21.89
N GLY E 149 -31.52 14.03 -21.50
CA GLY E 149 -32.47 14.54 -22.48
C GLY E 149 -31.79 15.46 -23.47
N LEU E 150 -30.91 16.32 -22.98
CA LEU E 150 -30.23 17.27 -23.85
C LEU E 150 -29.44 16.58 -24.94
N MET E 151 -28.73 15.52 -24.60
CA MET E 151 -27.95 14.82 -25.61
C MET E 151 -28.78 13.90 -26.50
N ASN E 152 -29.91 13.41 -25.97
CA ASN E 152 -30.78 12.57 -26.77
C ASN E 152 -31.34 13.44 -27.89
N SER E 153 -31.77 14.65 -27.53
CA SER E 153 -32.33 15.60 -28.51
C SER E 153 -31.32 15.98 -29.58
N ILE E 154 -30.14 16.44 -29.17
CA ILE E 154 -29.12 16.84 -30.13
C ILE E 154 -28.79 15.62 -30.99
N LEU E 155 -28.70 14.46 -30.36
CA LEU E 155 -28.38 13.25 -31.09
C LEU E 155 -29.47 13.00 -32.13
N ALA E 156 -30.73 13.09 -31.70
CA ALA E 156 -31.85 12.91 -32.62
C ALA E 156 -31.67 13.84 -33.83
N GLN E 157 -31.66 15.15 -33.57
CA GLN E 157 -31.49 16.12 -34.64
C GLN E 157 -30.32 15.85 -35.61
N ASN E 158 -29.24 15.25 -35.12
CA ASN E 158 -28.08 14.97 -35.97
C ASN E 158 -28.33 13.78 -36.90
N SER E 159 -29.47 13.11 -36.69
CA SER E 159 -29.86 11.97 -37.50
C SER E 159 -31.37 12.02 -37.74
N GLY E 160 -31.87 11.27 -38.71
CA GLY E 160 -33.30 11.31 -38.97
C GLY E 160 -34.11 10.58 -37.93
N GLN E 161 -33.53 10.36 -36.74
CA GLN E 161 -34.21 9.63 -35.68
C GLN E 161 -35.08 10.51 -34.80
N SER E 162 -36.04 9.89 -34.14
CA SER E 162 -36.93 10.63 -33.25
C SER E 162 -36.37 10.57 -31.83
N LEU E 163 -36.79 11.52 -31.00
CA LEU E 163 -36.33 11.60 -29.63
C LEU E 163 -36.64 10.27 -28.94
N GLU E 164 -37.76 9.66 -29.33
CA GLU E 164 -38.23 8.40 -28.78
C GLU E 164 -37.31 7.25 -29.20
N GLN E 165 -36.97 7.21 -30.47
CA GLN E 165 -36.12 6.17 -31.03
C GLN E 165 -34.71 6.25 -30.43
N ILE E 166 -34.23 7.47 -30.18
CA ILE E 166 -32.92 7.64 -29.59
C ILE E 166 -32.95 7.23 -28.12
N ALA E 167 -33.98 7.68 -27.40
CA ALA E 167 -34.10 7.36 -25.99
C ALA E 167 -34.18 5.85 -25.75
N LYS E 168 -34.66 5.09 -26.73
CA LYS E 168 -34.75 3.65 -26.57
C LYS E 168 -33.45 2.93 -26.91
N ASP E 169 -32.79 3.34 -27.97
CA ASP E 169 -31.54 2.71 -28.39
C ASP E 169 -30.32 3.04 -27.55
N THR E 170 -30.39 4.09 -26.74
CA THR E 170 -29.25 4.45 -25.92
C THR E 170 -29.41 4.04 -24.46
N ASP E 171 -30.57 3.48 -24.11
CA ASP E 171 -30.80 3.06 -22.73
C ASP E 171 -29.65 2.15 -22.31
N ARG E 172 -29.05 1.46 -23.27
CA ARG E 172 -27.92 0.58 -23.01
C ARG E 172 -26.97 0.69 -24.20
N ASP E 173 -25.73 0.25 -24.03
CA ASP E 173 -24.76 0.33 -25.11
C ASP E 173 -25.36 -0.19 -26.41
N PHE E 174 -25.23 0.62 -27.46
CA PHE E 174 -25.76 0.32 -28.77
C PHE E 174 -24.61 0.41 -29.75
N TYR E 175 -23.97 -0.72 -30.02
CA TYR E 175 -22.85 -0.74 -30.95
C TYR E 175 -23.34 -0.93 -32.37
N MET E 176 -22.69 -0.20 -33.29
CA MET E 176 -23.02 -0.25 -34.70
C MET E 176 -21.72 -0.30 -35.47
N SER E 177 -21.83 -0.64 -36.74
CA SER E 177 -20.68 -0.69 -37.62
C SER E 177 -20.74 0.63 -38.37
N ALA E 178 -19.80 0.83 -39.29
CA ALA E 178 -19.80 2.06 -40.09
C ALA E 178 -21.08 2.17 -40.92
N LYS E 179 -21.36 1.16 -41.76
CA LYS E 179 -22.56 1.18 -42.58
C LYS E 179 -23.82 1.33 -41.73
N GLU E 180 -23.81 0.68 -40.56
CA GLU E 180 -24.96 0.75 -39.68
C GLU E 180 -25.07 2.18 -39.16
N ALA E 181 -23.93 2.84 -39.14
CA ALA E 181 -23.84 4.22 -38.67
C ALA E 181 -24.38 5.18 -39.73
N LYS E 182 -24.08 4.89 -41.00
CA LYS E 182 -24.56 5.71 -42.10
C LYS E 182 -26.10 5.61 -42.18
N GLU E 183 -26.60 4.37 -42.19
CA GLU E 183 -28.04 4.14 -42.27
C GLU E 183 -28.78 4.68 -41.05
N TYR E 184 -28.15 4.63 -39.88
CA TYR E 184 -28.81 5.12 -38.68
C TYR E 184 -28.85 6.65 -38.71
N GLY E 185 -27.92 7.25 -39.46
CA GLY E 185 -27.88 8.71 -39.57
C GLY E 185 -26.88 9.48 -38.71
N LEU E 186 -25.82 8.80 -38.24
CA LEU E 186 -24.81 9.47 -37.40
C LEU E 186 -23.70 10.07 -38.26
N ILE E 187 -23.37 9.38 -39.35
CA ILE E 187 -22.36 9.88 -40.26
C ILE E 187 -23.05 10.06 -41.61
N ASP E 188 -22.41 10.76 -42.53
CA ASP E 188 -23.00 11.00 -43.83
C ASP E 188 -22.56 9.96 -44.85
N LYS E 189 -21.33 9.48 -44.71
CA LYS E 189 -20.83 8.48 -45.63
C LYS E 189 -19.65 7.70 -45.06
N VAL E 190 -19.50 6.48 -45.57
CA VAL E 190 -18.42 5.59 -45.17
C VAL E 190 -17.44 5.49 -46.33
N LEU E 191 -16.25 6.05 -46.14
CA LEU E 191 -15.22 6.01 -47.16
C LEU E 191 -14.82 4.56 -47.40
N GLN E 192 -14.13 4.30 -48.51
CA GLN E 192 -13.67 2.94 -48.85
C GLN E 192 -12.57 2.94 -49.91
N ASP F 20 4.15 27.32 -29.68
CA ASP F 20 3.14 26.59 -28.87
C ASP F 20 1.76 27.15 -29.13
N ILE F 21 0.81 26.28 -29.50
CA ILE F 21 -0.55 26.71 -29.80
C ILE F 21 -1.18 27.57 -28.70
N TYR F 22 -1.16 27.08 -27.46
CA TYR F 22 -1.72 27.86 -26.36
C TYR F 22 -1.04 29.22 -26.33
N SER F 23 0.24 29.24 -26.68
CA SER F 23 1.01 30.48 -26.72
C SER F 23 0.59 31.31 -27.93
N ARG F 24 0.24 30.62 -29.03
CA ARG F 24 -0.19 31.30 -30.24
C ARG F 24 -1.49 32.05 -29.96
N LEU F 25 -2.37 31.45 -29.14
CA LEU F 25 -3.66 32.06 -28.80
C LEU F 25 -3.51 33.25 -27.85
N LEU F 26 -2.47 33.21 -27.01
CA LEU F 26 -2.21 34.29 -26.08
C LEU F 26 -1.90 35.51 -26.93
N LYS F 27 -1.28 35.28 -28.07
CA LYS F 27 -0.91 36.34 -29.00
C LYS F 27 -2.15 37.09 -29.50
N ASP F 28 -3.28 36.38 -29.62
CA ASP F 28 -4.52 37.02 -30.05
C ASP F 28 -5.28 37.53 -28.82
N ARG F 29 -4.60 37.53 -27.67
CA ARG F 29 -5.22 37.99 -26.43
C ARG F 29 -6.26 37.01 -25.90
N ILE F 30 -5.99 35.72 -26.07
CA ILE F 30 -6.93 34.71 -25.60
C ILE F 30 -6.29 33.89 -24.49
N VAL F 31 -6.97 33.81 -23.36
CA VAL F 31 -6.49 33.04 -22.23
C VAL F 31 -7.47 31.91 -21.93
N LEU F 32 -6.96 30.69 -21.84
CA LEU F 32 -7.82 29.55 -21.54
C LEU F 32 -7.70 29.09 -20.11
N LEU F 33 -8.81 29.11 -19.39
CA LEU F 33 -8.86 28.65 -18.01
C LEU F 33 -9.66 27.34 -18.01
N SER F 34 -8.98 26.21 -17.81
CA SER F 34 -9.66 24.93 -17.79
C SER F 34 -9.25 24.03 -16.63
N GLY F 35 -10.20 23.26 -16.12
CA GLY F 35 -9.93 22.37 -15.02
C GLY F 35 -10.03 23.01 -13.65
N GLU F 36 -9.50 22.32 -12.67
CA GLU F 36 -9.50 22.75 -11.26
C GLU F 36 -8.69 24.03 -11.05
N ILE F 37 -9.18 24.92 -10.21
CA ILE F 37 -8.47 26.15 -9.91
C ILE F 37 -7.74 26.02 -8.57
N ASN F 38 -6.43 26.27 -8.59
CA ASN F 38 -5.60 26.21 -7.40
C ASN F 38 -4.56 27.33 -7.55
N ASP F 39 -3.59 27.41 -6.63
CA ASP F 39 -2.59 28.47 -6.71
C ASP F 39 -1.74 28.41 -8.00
N SER F 40 -1.29 27.23 -8.37
CA SER F 40 -0.49 27.09 -9.57
C SER F 40 -1.22 27.56 -10.83
N VAL F 41 -2.45 27.11 -11.03
CA VAL F 41 -3.27 27.49 -12.17
C VAL F 41 -3.57 28.97 -12.13
N ALA F 42 -3.91 29.48 -10.94
CA ALA F 42 -4.22 30.88 -10.72
C ALA F 42 -3.03 31.79 -11.06
N SER F 43 -1.85 31.39 -10.61
CA SER F 43 -0.66 32.16 -10.89
C SER F 43 -0.47 32.25 -12.41
N SER F 44 -0.62 31.11 -13.07
CA SER F 44 -0.46 31.06 -14.52
C SER F 44 -1.39 32.00 -15.28
N ILE F 45 -2.65 32.08 -14.84
CA ILE F 45 -3.60 32.96 -15.49
C ILE F 45 -3.17 34.38 -15.23
N VAL F 46 -2.94 34.70 -13.96
CA VAL F 46 -2.52 36.04 -13.55
C VAL F 46 -1.33 36.53 -14.38
N ALA F 47 -0.35 35.65 -14.61
CA ALA F 47 0.83 36.02 -15.38
C ALA F 47 0.43 36.37 -16.82
N GLN F 48 -0.59 35.71 -17.33
CA GLN F 48 -1.08 35.96 -18.68
C GLN F 48 -1.86 37.27 -18.75
N LEU F 49 -2.54 37.62 -17.66
CA LEU F 49 -3.29 38.87 -17.62
C LEU F 49 -2.29 40.02 -17.58
N LEU F 50 -1.34 39.93 -16.65
CA LEU F 50 -0.33 40.97 -16.51
C LEU F 50 0.45 41.16 -17.81
N PHE F 51 0.89 40.05 -18.42
CA PHE F 51 1.65 40.15 -19.65
C PHE F 51 0.85 40.85 -20.74
N LEU F 52 -0.39 40.42 -20.95
CA LEU F 52 -1.20 41.04 -21.97
C LEU F 52 -1.30 42.53 -21.67
N GLU F 53 -1.60 42.90 -20.44
CA GLU F 53 -1.67 44.32 -20.10
C GLU F 53 -0.43 45.08 -20.57
N ALA F 54 0.74 44.53 -20.29
CA ALA F 54 1.98 45.17 -20.70
C ALA F 54 2.01 45.37 -22.21
N GLU F 55 1.64 44.34 -22.95
CA GLU F 55 1.62 44.39 -24.40
C GLU F 55 0.82 45.55 -24.95
N ASP F 56 -0.41 45.69 -24.45
CA ASP F 56 -1.32 46.76 -24.85
C ASP F 56 -2.44 46.85 -23.81
N PRO F 57 -2.43 47.91 -22.99
CA PRO F 57 -3.41 48.13 -21.92
C PRO F 57 -4.83 48.56 -22.32
N GLU F 58 -5.11 48.60 -23.62
CA GLU F 58 -6.45 49.00 -24.07
C GLU F 58 -7.21 47.91 -24.82
N LYS F 59 -6.50 46.92 -25.34
CA LYS F 59 -7.18 45.86 -26.09
C LYS F 59 -7.87 44.84 -25.18
N ASP F 60 -9.14 44.56 -25.48
CA ASP F 60 -9.89 43.60 -24.71
C ASP F 60 -9.16 42.28 -24.58
N ILE F 61 -9.63 41.46 -23.65
CA ILE F 61 -9.05 40.14 -23.43
C ILE F 61 -10.18 39.14 -23.36
N GLY F 62 -9.93 37.98 -23.94
CA GLY F 62 -10.93 36.93 -23.89
C GLY F 62 -10.47 35.86 -22.91
N LEU F 63 -11.20 35.70 -21.81
CA LEU F 63 -10.88 34.67 -20.84
C LEU F 63 -11.88 33.52 -20.98
N TYR F 64 -11.49 32.45 -21.68
CA TYR F 64 -12.36 31.29 -21.85
C TYR F 64 -12.33 30.44 -20.60
N ILE F 65 -13.51 30.07 -20.12
CA ILE F 65 -13.63 29.31 -18.89
C ILE F 65 -14.39 28.01 -18.93
N ASN F 66 -13.65 26.93 -18.65
CA ASN F 66 -14.21 25.60 -18.56
C ASN F 66 -13.57 25.09 -17.28
N SER F 67 -14.26 25.30 -16.17
CA SER F 67 -13.74 24.90 -14.87
C SER F 67 -14.80 24.39 -13.90
N PRO F 68 -14.48 23.35 -13.15
CA PRO F 68 -15.38 22.75 -12.17
C PRO F 68 -15.40 23.55 -10.87
N GLY F 69 -14.44 24.47 -10.74
CA GLY F 69 -14.36 25.27 -9.54
C GLY F 69 -12.97 25.15 -8.93
N GLY F 70 -12.86 25.32 -7.61
CA GLY F 70 -11.56 25.19 -6.99
C GLY F 70 -11.32 25.96 -5.71
N VAL F 71 -10.05 26.28 -5.45
CA VAL F 71 -9.64 27.01 -4.26
C VAL F 71 -10.12 28.46 -4.34
N ILE F 72 -10.83 28.90 -3.30
CA ILE F 72 -11.39 30.25 -3.23
C ILE F 72 -10.38 31.39 -3.29
N THR F 73 -9.33 31.33 -2.46
CA THR F 73 -8.38 32.41 -2.49
C THR F 73 -7.69 32.42 -3.85
N SER F 74 -7.57 31.24 -4.47
CA SER F 74 -6.95 31.16 -5.80
C SER F 74 -7.83 31.88 -6.82
N GLY F 75 -9.13 31.60 -6.76
CA GLY F 75 -10.06 32.25 -7.67
C GLY F 75 -10.11 33.75 -7.47
N LEU F 76 -10.10 34.19 -6.22
CA LEU F 76 -10.13 35.62 -5.95
C LEU F 76 -8.92 36.35 -6.50
N SER F 77 -7.77 35.67 -6.58
CA SER F 77 -6.60 36.33 -7.12
C SER F 77 -6.86 36.61 -8.59
N ILE F 78 -7.56 35.70 -9.25
CA ILE F 78 -7.89 35.87 -10.66
C ILE F 78 -8.89 36.98 -10.81
N TYR F 79 -9.93 36.96 -9.97
CA TYR F 79 -10.98 37.97 -9.98
C TYR F 79 -10.40 39.37 -9.89
N ASP F 80 -9.64 39.61 -8.83
CA ASP F 80 -9.03 40.91 -8.58
C ASP F 80 -8.07 41.37 -9.66
N THR F 81 -7.30 40.45 -10.23
CA THR F 81 -6.35 40.81 -11.27
C THR F 81 -7.07 41.24 -12.55
N MET F 82 -8.26 40.69 -12.78
CA MET F 82 -9.05 41.05 -13.95
C MET F 82 -9.51 42.50 -13.86
N ASN F 83 -9.71 42.97 -12.63
CA ASN F 83 -10.14 44.35 -12.35
C ASN F 83 -8.94 45.24 -12.02
N PHE F 84 -7.81 44.62 -11.72
CA PHE F 84 -6.62 45.36 -11.38
C PHE F 84 -6.00 46.00 -12.61
N ILE F 85 -6.00 45.23 -13.70
CA ILE F 85 -5.41 45.70 -14.96
C ILE F 85 -6.31 46.65 -15.71
N ARG F 86 -5.76 47.18 -16.80
CA ARG F 86 -6.45 48.13 -17.66
C ARG F 86 -7.42 47.44 -18.62
N PRO F 87 -6.93 46.45 -19.37
CA PRO F 87 -7.80 45.74 -20.32
C PRO F 87 -9.11 45.22 -19.74
N ASP F 88 -10.15 45.33 -20.55
CA ASP F 88 -11.48 44.83 -20.23
C ASP F 88 -11.31 43.33 -20.39
N VAL F 89 -11.74 42.55 -19.41
CA VAL F 89 -11.62 41.10 -19.55
C VAL F 89 -12.96 40.45 -19.79
N SER F 90 -13.18 40.07 -21.05
CA SER F 90 -14.40 39.40 -21.47
C SER F 90 -14.32 37.93 -21.05
N THR F 91 -15.42 37.39 -20.54
CA THR F 91 -15.43 35.99 -20.15
C THR F 91 -16.37 35.20 -21.04
N ILE F 92 -15.93 34.01 -21.45
CA ILE F 92 -16.71 33.12 -22.29
C ILE F 92 -16.74 31.73 -21.66
N CYS F 93 -17.93 31.24 -21.34
CA CYS F 93 -18.08 29.92 -20.73
C CYS F 93 -18.27 28.79 -21.74
N ILE F 94 -17.36 27.82 -21.73
CA ILE F 94 -17.45 26.68 -22.61
C ILE F 94 -17.38 25.44 -21.73
N GLY F 95 -18.04 24.37 -22.15
CA GLY F 95 -18.07 23.17 -21.34
C GLY F 95 -18.93 23.54 -20.14
N GLN F 96 -18.28 24.01 -19.08
CA GLN F 96 -19.01 24.40 -17.87
C GLN F 96 -18.24 25.46 -17.09
N ALA F 97 -18.94 26.07 -16.14
CA ALA F 97 -18.36 27.06 -15.23
C ALA F 97 -19.17 26.86 -13.97
N ALA F 98 -18.61 26.10 -13.03
CA ALA F 98 -19.31 25.82 -11.77
C ALA F 98 -18.52 26.31 -10.57
N SER F 99 -19.24 26.70 -9.53
CA SER F 99 -18.63 27.19 -8.31
C SER F 99 -17.77 28.42 -8.61
N MET F 100 -16.52 28.39 -8.17
CA MET F 100 -15.63 29.52 -8.38
C MET F 100 -15.54 29.80 -9.88
N GLY F 101 -15.76 28.77 -10.69
CA GLY F 101 -15.71 28.94 -12.13
C GLY F 101 -16.81 29.90 -12.58
N ALA F 102 -18.03 29.68 -12.09
CA ALA F 102 -19.16 30.53 -12.41
C ALA F 102 -18.98 31.92 -11.78
N PHE F 103 -18.34 31.99 -10.62
CA PHE F 103 -18.10 33.28 -9.97
C PHE F 103 -17.23 34.14 -10.90
N LEU F 104 -16.15 33.54 -11.41
CA LEU F 104 -15.23 34.24 -12.31
C LEU F 104 -15.93 34.68 -13.60
N LEU F 105 -16.72 33.77 -14.17
CA LEU F 105 -17.46 34.07 -15.40
C LEU F 105 -18.31 35.34 -15.21
N SER F 106 -18.90 35.47 -14.04
CA SER F 106 -19.77 36.62 -13.73
C SER F 106 -18.99 37.90 -13.41
N CYS F 107 -17.68 37.77 -13.21
CA CYS F 107 -16.85 38.93 -12.88
C CYS F 107 -16.27 39.58 -14.13
N GLY F 108 -16.63 39.03 -15.28
CA GLY F 108 -16.11 39.58 -16.51
C GLY F 108 -16.62 40.98 -16.76
N ALA F 109 -15.98 41.67 -17.70
CA ALA F 109 -16.38 43.02 -18.06
C ALA F 109 -17.89 43.11 -18.39
N LYS F 110 -18.56 44.12 -17.86
CA LYS F 110 -19.99 44.32 -18.10
C LYS F 110 -20.33 44.25 -19.60
N GLY F 111 -21.37 43.49 -19.93
CA GLY F 111 -21.78 43.37 -21.31
C GLY F 111 -20.81 42.56 -22.17
N LYS F 112 -19.82 41.93 -21.54
CA LYS F 112 -18.85 41.15 -22.29
C LYS F 112 -18.67 39.75 -21.68
N ARG F 113 -19.66 39.34 -20.89
CA ARG F 113 -19.65 38.04 -20.24
C ARG F 113 -20.55 37.13 -21.08
N PHE F 114 -19.93 36.22 -21.81
CA PHE F 114 -20.66 35.34 -22.69
C PHE F 114 -20.68 33.88 -22.27
N SER F 115 -21.26 33.06 -23.15
CA SER F 115 -21.36 31.64 -22.93
C SER F 115 -21.84 30.94 -24.20
N LEU F 116 -21.34 29.74 -24.45
CA LEU F 116 -21.77 29.00 -25.61
C LEU F 116 -23.14 28.41 -25.32
N PRO F 117 -23.92 28.11 -26.37
CA PRO F 117 -25.28 27.55 -26.23
C PRO F 117 -25.51 26.34 -25.33
N HIS F 118 -24.58 25.39 -25.29
CA HIS F 118 -24.77 24.20 -24.47
C HIS F 118 -23.92 24.11 -23.20
N SER F 119 -23.52 25.25 -22.68
CA SER F 119 -22.71 25.29 -21.47
C SER F 119 -23.54 25.11 -20.20
N ARG F 120 -22.93 24.51 -19.18
CA ARG F 120 -23.61 24.31 -17.91
C ARG F 120 -22.99 25.27 -16.89
N ILE F 121 -23.84 25.95 -16.13
CA ILE F 121 -23.39 26.89 -15.13
C ILE F 121 -23.99 26.51 -13.78
N MET F 122 -23.15 26.48 -12.74
CA MET F 122 -23.60 26.10 -11.41
C MET F 122 -22.94 26.94 -10.31
N ILE F 123 -23.77 27.44 -9.40
CA ILE F 123 -23.30 28.24 -8.28
C ILE F 123 -23.72 27.63 -6.96
N HIS F 124 -22.82 27.67 -5.98
CA HIS F 124 -23.14 27.12 -4.67
C HIS F 124 -22.35 27.82 -3.58
N GLN F 125 -22.53 27.37 -2.34
CA GLN F 125 -21.80 27.96 -1.23
C GLN F 125 -20.43 27.30 -1.08
N PRO F 126 -19.47 28.03 -0.49
CA PRO F 126 -18.15 27.43 -0.33
C PRO F 126 -18.12 26.08 0.41
N LEU F 127 -17.09 25.30 0.11
CA LEU F 127 -16.85 23.99 0.71
C LEU F 127 -15.55 24.11 1.50
N GLY F 128 -15.39 23.29 2.52
CA GLY F 128 -14.17 23.35 3.30
C GLY F 128 -14.06 22.32 4.42
N GLY F 129 -13.06 22.48 5.25
CA GLY F 129 -12.88 21.57 6.36
C GLY F 129 -12.07 22.19 7.47
N ALA F 130 -12.13 21.57 8.64
CA ALA F 130 -11.40 22.05 9.80
C ALA F 130 -11.25 20.91 10.79
N GLN F 131 -10.15 20.93 11.53
CA GLN F 131 -9.91 19.89 12.51
C GLN F 131 -9.06 20.46 13.63
N GLY F 132 -9.23 19.90 14.83
CA GLY F 132 -8.45 20.37 15.97
C GLY F 132 -9.32 20.80 17.14
N GLN F 133 -8.83 21.76 17.91
CA GLN F 133 -9.53 22.28 19.07
C GLN F 133 -10.80 23.04 18.70
N ALA F 134 -11.79 23.00 19.59
CA ALA F 134 -13.03 23.73 19.34
C ALA F 134 -12.69 25.19 18.95
N SER F 135 -11.80 25.81 19.69
CA SER F 135 -11.39 27.18 19.40
C SER F 135 -10.92 27.37 17.95
N ASP F 136 -10.08 26.47 17.47
CA ASP F 136 -9.57 26.60 16.11
C ASP F 136 -10.61 26.29 15.06
N ILE F 137 -11.50 25.34 15.36
CA ILE F 137 -12.56 24.96 14.44
C ILE F 137 -13.49 26.15 14.23
N GLU F 138 -13.78 26.85 15.32
CA GLU F 138 -14.66 28.01 15.31
C GLU F 138 -14.12 29.11 14.41
N ILE F 139 -12.87 29.49 14.67
CA ILE F 139 -12.25 30.54 13.88
C ILE F 139 -12.25 30.18 12.40
N ILE F 140 -12.03 28.91 12.07
CA ILE F 140 -12.06 28.52 10.66
C ILE F 140 -13.50 28.61 10.13
N SER F 141 -14.46 28.21 10.94
CA SER F 141 -15.87 28.27 10.54
C SER F 141 -16.21 29.72 10.23
N ASN F 142 -15.80 30.62 11.10
CA ASN F 142 -16.07 32.04 10.90
C ASN F 142 -15.44 32.57 9.62
N GLU F 143 -14.22 32.14 9.37
CA GLU F 143 -13.51 32.57 8.18
C GLU F 143 -14.22 32.06 6.94
N ILE F 144 -14.73 30.84 6.97
CA ILE F 144 -15.40 30.32 5.79
C ILE F 144 -16.74 31.00 5.60
N LEU F 145 -17.40 31.35 6.70
CA LEU F 145 -18.69 32.03 6.60
C LEU F 145 -18.44 33.45 6.09
N ARG F 146 -17.23 33.96 6.31
CA ARG F 146 -16.86 35.29 5.83
C ARG F 146 -16.75 35.27 4.31
N LEU F 147 -16.11 34.24 3.77
CA LEU F 147 -15.98 34.12 2.33
C LEU F 147 -17.36 33.87 1.71
N LYS F 148 -18.17 33.07 2.39
CA LYS F 148 -19.51 32.73 1.91
C LYS F 148 -20.30 34.02 1.67
N GLY F 149 -20.29 34.90 2.67
CA GLY F 149 -20.98 36.18 2.57
C GLY F 149 -20.32 37.16 1.59
N LEU F 150 -18.99 37.16 1.55
CA LEU F 150 -18.27 38.05 0.66
C LEU F 150 -18.58 37.72 -0.79
N MET F 151 -18.51 36.44 -1.11
CA MET F 151 -18.78 35.99 -2.47
C MET F 151 -20.25 36.08 -2.86
N ASN F 152 -21.13 35.88 -1.89
CA ASN F 152 -22.56 35.98 -2.17
C ASN F 152 -22.88 37.41 -2.56
N SER F 153 -22.35 38.36 -1.79
CA SER F 153 -22.58 39.78 -2.07
C SER F 153 -22.06 40.15 -3.45
N ILE F 154 -20.94 39.55 -3.86
CA ILE F 154 -20.37 39.82 -5.18
C ILE F 154 -21.22 39.23 -6.30
N LEU F 155 -21.79 38.04 -6.08
CA LEU F 155 -22.64 37.43 -7.09
C LEU F 155 -23.92 38.25 -7.25
N ALA F 156 -24.44 38.73 -6.14
CA ALA F 156 -25.67 39.53 -6.13
C ALA F 156 -25.43 40.81 -6.91
N GLN F 157 -24.28 41.41 -6.66
CA GLN F 157 -23.91 42.65 -7.32
C GLN F 157 -23.73 42.40 -8.81
N ASN F 158 -22.92 41.38 -9.15
CA ASN F 158 -22.63 41.02 -10.53
C ASN F 158 -23.84 40.66 -11.38
N SER F 159 -24.84 40.04 -10.77
CA SER F 159 -26.02 39.60 -11.50
C SER F 159 -27.23 40.52 -11.36
N GLY F 160 -27.17 41.44 -10.41
CA GLY F 160 -28.29 42.34 -10.20
C GLY F 160 -29.27 41.67 -9.26
N GLN F 161 -29.03 40.39 -9.01
CA GLN F 161 -29.88 39.60 -8.13
C GLN F 161 -29.72 40.11 -6.70
N SER F 162 -30.67 39.78 -5.84
CA SER F 162 -30.63 40.20 -4.46
C SER F 162 -29.72 39.29 -3.63
N LEU F 163 -29.19 39.81 -2.53
CA LEU F 163 -28.32 39.01 -1.68
C LEU F 163 -29.09 37.81 -1.13
N GLU F 164 -30.21 38.08 -0.49
CA GLU F 164 -31.05 37.03 0.08
C GLU F 164 -31.44 36.00 -0.96
N GLN F 165 -31.68 36.44 -2.20
CA GLN F 165 -32.05 35.54 -3.28
C GLN F 165 -30.86 34.69 -3.71
N ILE F 166 -29.68 35.30 -3.69
CA ILE F 166 -28.45 34.63 -4.05
C ILE F 166 -28.16 33.57 -3.00
N ALA F 167 -28.20 33.99 -1.74
CA ALA F 167 -27.95 33.09 -0.63
C ALA F 167 -28.86 31.86 -0.68
N LYS F 168 -30.15 32.08 -0.86
CA LYS F 168 -31.10 30.97 -0.90
C LYS F 168 -30.89 30.00 -2.06
N ASP F 169 -30.49 30.52 -3.21
CA ASP F 169 -30.26 29.67 -4.37
C ASP F 169 -28.94 28.90 -4.33
N THR F 170 -27.95 29.40 -3.59
CA THR F 170 -26.67 28.73 -3.51
C THR F 170 -26.54 27.87 -2.24
N ASP F 171 -27.64 27.66 -1.53
CA ASP F 171 -27.57 26.85 -0.31
C ASP F 171 -27.05 25.48 -0.72
N ARG F 172 -27.55 25.00 -1.85
CA ARG F 172 -27.12 23.72 -2.39
C ARG F 172 -26.81 23.97 -3.87
N ASP F 173 -26.09 23.05 -4.51
CA ASP F 173 -25.72 23.18 -5.91
C ASP F 173 -26.92 23.59 -6.77
N PHE F 174 -26.74 24.71 -7.47
CA PHE F 174 -27.78 25.29 -8.33
C PHE F 174 -27.26 25.27 -9.76
N TYR F 175 -27.74 24.32 -10.55
CA TYR F 175 -27.34 24.18 -11.95
C TYR F 175 -28.28 24.97 -12.86
N MET F 176 -27.77 25.38 -14.02
CA MET F 176 -28.58 26.09 -15.00
C MET F 176 -27.95 26.09 -16.37
N SER F 177 -28.79 26.29 -17.37
CA SER F 177 -28.37 26.32 -18.77
C SER F 177 -27.76 27.69 -19.09
N ALA F 178 -27.11 27.80 -20.25
CA ALA F 178 -26.51 29.07 -20.66
C ALA F 178 -27.62 30.13 -20.71
N LYS F 179 -28.75 29.76 -21.27
CA LYS F 179 -29.91 30.62 -21.41
C LYS F 179 -30.45 31.08 -20.03
N GLU F 180 -30.54 30.15 -19.09
CA GLU F 180 -31.03 30.46 -17.74
C GLU F 180 -30.01 31.34 -17.03
N ALA F 181 -28.74 31.09 -17.31
CA ALA F 181 -27.68 31.86 -16.72
C ALA F 181 -27.87 33.32 -17.11
N LYS F 182 -28.11 33.55 -18.40
CA LYS F 182 -28.31 34.91 -18.90
C LYS F 182 -29.48 35.59 -18.21
N GLU F 183 -30.54 34.84 -17.96
CA GLU F 183 -31.74 35.34 -17.30
C GLU F 183 -31.45 35.71 -15.86
N TYR F 184 -30.73 34.83 -15.17
CA TYR F 184 -30.37 35.06 -13.77
C TYR F 184 -29.52 36.32 -13.67
N GLY F 185 -28.74 36.60 -14.72
CA GLY F 185 -27.89 37.78 -14.71
C GLY F 185 -26.40 37.51 -14.62
N LEU F 186 -26.03 36.24 -14.75
CA LEU F 186 -24.63 35.83 -14.66
C LEU F 186 -23.81 36.13 -15.92
N ILE F 187 -24.44 36.02 -17.08
CA ILE F 187 -23.74 36.32 -18.32
C ILE F 187 -24.58 37.33 -19.06
N ASP F 188 -24.02 37.92 -20.10
CA ASP F 188 -24.71 38.92 -20.86
C ASP F 188 -25.37 38.37 -22.11
N LYS F 189 -24.60 37.65 -22.93
CA LYS F 189 -25.13 37.09 -24.17
C LYS F 189 -24.74 35.63 -24.41
N VAL F 190 -25.65 34.88 -25.03
CA VAL F 190 -25.40 33.49 -25.39
C VAL F 190 -25.12 33.50 -26.88
N LEU F 191 -23.94 33.04 -27.29
CA LEU F 191 -23.56 33.03 -28.70
C LEU F 191 -24.21 31.89 -29.49
N GLN F 192 -24.39 32.10 -30.79
CA GLN F 192 -25.02 31.09 -31.66
C GLN F 192 -24.13 30.74 -32.85
N ASP G 20 8.99 32.05 -22.33
CA ASP G 20 8.38 31.71 -21.01
C ASP G 20 7.69 32.93 -20.37
N ILE G 21 6.39 32.80 -20.09
CA ILE G 21 5.59 33.88 -19.50
C ILE G 21 6.20 34.46 -18.21
N TYR G 22 6.49 33.60 -17.23
CA TYR G 22 7.07 34.06 -15.99
C TYR G 22 8.39 34.78 -16.25
N SER G 23 9.26 34.17 -17.04
CA SER G 23 10.54 34.80 -17.35
C SER G 23 10.38 36.14 -18.02
N ARG G 24 9.27 36.34 -18.74
CA ARG G 24 9.04 37.62 -19.41
C ARG G 24 8.60 38.70 -18.43
N LEU G 25 7.89 38.31 -17.37
CA LEU G 25 7.44 39.27 -16.39
C LEU G 25 8.65 39.68 -15.55
N LEU G 26 9.58 38.75 -15.38
CA LEU G 26 10.80 39.00 -14.63
C LEU G 26 11.56 40.13 -15.33
N LYS G 27 11.43 40.14 -16.66
CA LYS G 27 12.06 41.14 -17.50
C LYS G 27 11.47 42.51 -17.17
N ASP G 28 10.22 42.54 -16.71
CA ASP G 28 9.58 43.78 -16.33
C ASP G 28 9.79 43.98 -14.83
N ARG G 29 10.69 43.17 -14.26
CA ARG G 29 11.03 43.21 -12.84
C ARG G 29 9.94 42.75 -11.87
N ILE G 30 9.16 41.76 -12.30
CA ILE G 30 8.09 41.18 -11.49
C ILE G 30 8.52 39.74 -11.16
N VAL G 31 8.42 39.34 -9.89
CA VAL G 31 8.83 37.99 -9.49
C VAL G 31 7.74 36.93 -9.25
N LEU G 32 6.75 37.23 -8.41
CA LEU G 32 5.68 36.25 -8.12
C LEU G 32 6.09 35.09 -7.21
N LEU G 33 5.52 35.03 -6.00
CA LEU G 33 5.85 33.97 -5.06
C LEU G 33 4.92 32.79 -5.33
N SER G 34 3.67 32.88 -4.91
CA SER G 34 2.69 31.80 -5.15
C SER G 34 3.02 30.40 -4.63
N GLY G 35 2.08 29.81 -3.89
CA GLY G 35 2.27 28.48 -3.34
C GLY G 35 3.02 28.45 -2.02
N GLU G 36 3.08 27.27 -1.40
CA GLU G 36 3.77 27.14 -0.13
C GLU G 36 5.25 27.47 -0.23
N ILE G 37 5.82 27.89 0.90
CA ILE G 37 7.22 28.27 0.95
C ILE G 37 8.12 27.22 1.60
N ASN G 38 9.13 26.77 0.84
CA ASN G 38 10.13 25.83 1.32
C ASN G 38 11.48 26.25 0.75
N ASP G 39 12.54 25.50 1.04
CA ASP G 39 13.87 25.84 0.56
C ASP G 39 13.97 25.98 -0.95
N SER G 40 13.34 25.05 -1.66
CA SER G 40 13.33 25.03 -3.12
C SER G 40 12.72 26.32 -3.69
N VAL G 41 11.56 26.69 -3.16
CA VAL G 41 10.87 27.90 -3.60
C VAL G 41 11.62 29.16 -3.19
N ALA G 42 12.13 29.18 -1.96
CA ALA G 42 12.87 30.33 -1.46
C ALA G 42 14.11 30.63 -2.31
N SER G 43 14.85 29.58 -2.65
CA SER G 43 16.06 29.75 -3.43
C SER G 43 15.81 30.30 -4.83
N SER G 44 14.63 30.04 -5.38
CA SER G 44 14.30 30.56 -6.68
C SER G 44 14.03 32.06 -6.55
N ILE G 45 13.34 32.43 -5.46
CA ILE G 45 13.01 33.83 -5.22
C ILE G 45 14.27 34.65 -5.01
N VAL G 46 15.14 34.15 -4.15
CA VAL G 46 16.39 34.81 -3.82
C VAL G 46 17.21 35.03 -5.09
N ALA G 47 17.30 33.99 -5.90
CA ALA G 47 18.07 34.06 -7.14
C ALA G 47 17.55 35.19 -8.06
N GLN G 48 16.23 35.27 -8.21
CA GLN G 48 15.64 36.30 -9.05
C GLN G 48 15.87 37.69 -8.43
N LEU G 49 15.89 37.76 -7.11
CA LEU G 49 16.14 39.04 -6.45
C LEU G 49 17.58 39.47 -6.73
N LEU G 50 18.54 38.56 -6.53
CA LEU G 50 19.95 38.85 -6.78
C LEU G 50 20.17 39.15 -8.26
N PHE G 51 19.48 38.40 -9.11
CA PHE G 51 19.59 38.60 -10.54
C PHE G 51 19.17 40.02 -10.90
N LEU G 52 17.96 40.38 -10.51
CA LEU G 52 17.45 41.72 -10.80
C LEU G 52 18.37 42.81 -10.25
N GLU G 53 18.97 42.58 -9.08
CA GLU G 53 19.88 43.58 -8.54
C GLU G 53 21.05 43.79 -9.48
N ALA G 54 21.54 42.69 -10.05
CA ALA G 54 22.65 42.73 -11.00
C ALA G 54 22.24 43.50 -12.24
N GLU G 55 21.07 43.17 -12.79
CA GLU G 55 20.58 43.87 -13.97
C GLU G 55 20.26 45.36 -13.76
N ASP G 56 19.98 45.76 -12.52
CA ASP G 56 19.71 47.17 -12.21
C ASP G 56 19.41 47.38 -10.72
N PRO G 57 20.43 47.78 -9.94
CA PRO G 57 20.32 48.02 -8.49
C PRO G 57 19.53 49.24 -8.05
N GLU G 58 18.91 49.96 -8.97
CA GLU G 58 18.13 51.14 -8.60
C GLU G 58 16.63 50.99 -8.86
N LYS G 59 16.28 50.30 -9.94
CA LYS G 59 14.88 50.10 -10.30
C LYS G 59 14.16 49.21 -9.28
N ASP G 60 12.98 49.65 -8.85
CA ASP G 60 12.19 48.88 -7.89
C ASP G 60 11.87 47.47 -8.39
N ILE G 61 11.40 46.63 -7.48
CA ILE G 61 11.02 45.26 -7.80
C ILE G 61 9.63 44.96 -7.25
N GLY G 62 8.80 44.33 -8.07
CA GLY G 62 7.45 43.97 -7.64
C GLY G 62 7.32 42.49 -7.31
N LEU G 63 7.31 42.18 -6.03
CA LEU G 63 7.16 40.78 -5.63
C LEU G 63 5.73 40.49 -5.26
N TYR G 64 5.03 39.78 -6.14
CA TYR G 64 3.64 39.40 -5.93
C TYR G 64 3.58 38.13 -5.08
N ILE G 65 2.77 38.20 -4.02
CA ILE G 65 2.63 37.11 -3.07
C ILE G 65 1.22 36.53 -2.97
N ASN G 66 1.14 35.22 -3.18
CA ASN G 66 -0.10 34.46 -3.04
C ASN G 66 0.42 33.18 -2.41
N SER G 67 0.44 33.17 -1.09
CA SER G 67 0.98 32.04 -0.39
C SER G 67 0.24 31.75 0.88
N PRO G 68 0.23 30.47 1.29
CA PRO G 68 -0.43 30.01 2.52
C PRO G 68 0.63 29.89 3.62
N GLY G 69 1.89 30.13 3.25
CA GLY G 69 2.98 30.05 4.20
C GLY G 69 3.98 28.93 3.91
N GLY G 70 4.74 28.54 4.92
CA GLY G 70 5.72 27.50 4.73
C GLY G 70 6.80 27.44 5.81
N VAL G 71 7.94 26.87 5.46
CA VAL G 71 9.06 26.71 6.37
C VAL G 71 9.60 28.06 6.82
N ILE G 72 9.63 28.27 8.13
CA ILE G 72 10.09 29.53 8.71
C ILE G 72 11.41 30.04 8.15
N THR G 73 12.46 29.22 8.26
CA THR G 73 13.78 29.64 7.78
C THR G 73 13.84 29.93 6.30
N SER G 74 12.98 29.27 5.51
CA SER G 74 12.96 29.48 4.07
C SER G 74 12.42 30.90 3.84
N GLY G 75 11.38 31.27 4.59
CA GLY G 75 10.82 32.60 4.46
C GLY G 75 11.84 33.64 4.89
N LEU G 76 12.57 33.35 5.97
CA LEU G 76 13.58 34.28 6.46
C LEU G 76 14.62 34.59 5.40
N SER G 77 15.02 33.56 4.64
CA SER G 77 16.02 33.75 3.60
C SER G 77 15.51 34.76 2.56
N ILE G 78 14.21 34.75 2.33
CA ILE G 78 13.62 35.67 1.36
C ILE G 78 13.58 37.09 1.94
N TYR G 79 13.18 37.16 3.21
CA TYR G 79 13.07 38.41 3.96
C TYR G 79 14.40 39.17 3.98
N ASP G 80 15.47 38.45 4.32
CA ASP G 80 16.79 39.05 4.39
C ASP G 80 17.39 39.38 3.03
N THR G 81 17.11 38.57 2.02
CA THR G 81 17.63 38.86 0.70
C THR G 81 17.00 40.17 0.22
N MET G 82 15.72 40.35 0.56
CA MET G 82 14.98 41.56 0.20
C MET G 82 15.71 42.82 0.72
N ASN G 83 16.03 42.81 2.02
CA ASN G 83 16.73 43.92 2.66
C ASN G 83 18.24 43.93 2.38
N PHE G 84 18.73 42.85 1.78
CA PHE G 84 20.13 42.71 1.44
C PHE G 84 20.52 43.44 0.15
N ILE G 85 19.64 43.37 -0.85
CA ILE G 85 19.88 44.02 -2.14
C ILE G 85 19.53 45.50 -2.05
N ARG G 86 20.01 46.27 -3.03
CA ARG G 86 19.76 47.71 -3.05
C ARG G 86 18.38 48.15 -3.51
N PRO G 87 17.88 47.61 -4.63
CA PRO G 87 16.56 48.02 -5.10
C PRO G 87 15.49 47.84 -4.03
N ASP G 88 14.49 48.72 -4.05
CA ASP G 88 13.40 48.61 -3.11
C ASP G 88 12.54 47.47 -3.64
N VAL G 89 12.07 46.61 -2.74
CA VAL G 89 11.24 45.48 -3.11
C VAL G 89 9.84 45.70 -2.60
N SER G 90 8.96 46.14 -3.47
CA SER G 90 7.57 46.34 -3.11
C SER G 90 6.91 44.96 -3.03
N THR G 91 5.87 44.83 -2.22
CA THR G 91 5.15 43.56 -2.13
C THR G 91 3.67 43.77 -2.49
N ILE G 92 3.09 42.81 -3.22
CA ILE G 92 1.68 42.90 -3.60
C ILE G 92 0.96 41.57 -3.34
N CYS G 93 -0.01 41.57 -2.42
CA CYS G 93 -0.75 40.37 -2.10
C CYS G 93 -1.97 40.14 -2.97
N ILE G 94 -1.95 39.02 -3.70
CA ILE G 94 -3.08 38.66 -4.54
C ILE G 94 -3.52 37.31 -3.98
N GLY G 95 -4.83 37.08 -3.96
CA GLY G 95 -5.34 35.84 -3.43
C GLY G 95 -5.21 35.83 -1.91
N GLN G 96 -4.02 35.51 -1.40
CA GLN G 96 -3.82 35.49 0.05
C GLN G 96 -2.37 35.57 0.46
N ALA G 97 -2.16 35.80 1.74
CA ALA G 97 -0.83 35.87 2.34
C ALA G 97 -1.07 35.47 3.79
N ALA G 98 -0.75 34.22 4.12
CA ALA G 98 -0.95 33.74 5.49
C ALA G 98 0.36 33.23 6.02
N SER G 99 0.44 33.08 7.34
CA SER G 99 1.66 32.57 7.98
C SER G 99 2.84 33.37 7.45
N MET G 100 3.84 32.67 6.95
CA MET G 100 5.03 33.30 6.42
C MET G 100 4.70 34.16 5.21
N GLY G 101 3.54 33.91 4.63
CA GLY G 101 3.13 34.70 3.47
C GLY G 101 2.86 36.12 3.91
N ALA G 102 2.17 36.28 5.03
CA ALA G 102 1.84 37.60 5.57
C ALA G 102 3.10 38.31 6.10
N PHE G 103 4.01 37.53 6.68
CA PHE G 103 5.25 38.07 7.21
C PHE G 103 6.01 38.75 6.07
N LEU G 104 6.18 38.04 4.96
CA LEU G 104 6.87 38.60 3.82
C LEU G 104 6.15 39.82 3.23
N LEU G 105 4.82 39.81 3.28
CA LEU G 105 4.05 40.93 2.72
C LEU G 105 4.37 42.20 3.50
N SER G 106 4.42 42.07 4.83
CA SER G 106 4.70 43.22 5.68
C SER G 106 6.16 43.68 5.59
N CYS G 107 7.06 42.78 5.18
CA CYS G 107 8.48 43.11 5.07
C CYS G 107 8.85 43.92 3.83
N GLY G 108 7.85 44.26 3.02
CA GLY G 108 8.13 45.02 1.81
C GLY G 108 8.61 46.43 2.11
N ALA G 109 9.15 47.10 1.09
CA ALA G 109 9.65 48.45 1.24
C ALA G 109 8.55 49.38 1.76
N LYS G 110 8.85 50.09 2.85
CA LYS G 110 7.90 51.01 3.44
C LYS G 110 7.28 51.89 2.37
N GLY G 111 5.95 51.95 2.39
CA GLY G 111 5.22 52.74 1.42
C GLY G 111 4.90 51.93 0.17
N LYS G 112 5.53 50.77 0.03
CA LYS G 112 5.30 49.97 -1.17
C LYS G 112 4.78 48.56 -0.89
N ARG G 113 3.99 48.41 0.16
CA ARG G 113 3.40 47.13 0.51
C ARG G 113 1.93 47.28 0.13
N PHE G 114 1.49 46.48 -0.84
CA PHE G 114 0.11 46.56 -1.33
C PHE G 114 -0.65 45.25 -1.32
N SER G 115 -1.92 45.34 -1.70
CA SER G 115 -2.80 44.19 -1.82
C SER G 115 -4.00 44.57 -2.67
N LEU G 116 -4.58 43.58 -3.33
CA LEU G 116 -5.76 43.82 -4.14
C LEU G 116 -6.89 43.73 -3.13
N PRO G 117 -8.04 44.38 -3.42
CA PRO G 117 -9.24 44.46 -2.60
C PRO G 117 -9.75 43.21 -1.87
N HIS G 118 -9.79 42.10 -2.57
CA HIS G 118 -10.34 40.88 -2.00
C HIS G 118 -9.37 39.84 -1.47
N SER G 119 -8.11 40.22 -1.28
CA SER G 119 -7.13 39.28 -0.75
C SER G 119 -7.44 39.10 0.75
N ARG G 120 -7.00 37.99 1.31
CA ARG G 120 -7.22 37.83 2.73
C ARG G 120 -5.83 37.66 3.30
N ILE G 121 -5.62 38.17 4.52
CA ILE G 121 -4.34 38.10 5.16
C ILE G 121 -4.51 37.44 6.52
N MET G 122 -3.60 36.53 6.85
CA MET G 122 -3.66 35.83 8.14
C MET G 122 -2.29 35.63 8.78
N ILE G 123 -2.20 36.01 10.04
CA ILE G 123 -0.98 35.86 10.81
C ILE G 123 -1.24 34.90 11.97
N HIS G 124 -0.20 34.22 12.44
CA HIS G 124 -0.37 33.30 13.55
C HIS G 124 0.99 33.01 14.17
N GLN G 125 1.06 32.05 15.09
CA GLN G 125 2.34 31.72 15.71
C GLN G 125 2.91 30.49 15.02
N PRO G 126 4.20 30.18 15.26
CA PRO G 126 4.89 29.02 14.67
C PRO G 126 4.25 27.65 14.93
N LEU G 127 4.50 26.72 14.00
CA LEU G 127 4.01 25.34 14.09
C LEU G 127 5.23 24.49 13.83
N GLY G 128 5.34 23.35 14.52
CA GLY G 128 6.48 22.49 14.29
C GLY G 128 6.34 21.11 14.89
N GLY G 129 7.46 20.42 15.03
CA GLY G 129 7.41 19.10 15.59
C GLY G 129 8.72 18.69 16.23
N ALA G 130 8.62 17.76 17.17
CA ALA G 130 9.76 17.23 17.88
C ALA G 130 9.43 15.86 18.42
N GLN G 131 10.44 15.00 18.46
CA GLN G 131 10.29 13.65 18.97
C GLN G 131 11.67 13.18 19.36
N GLY G 132 11.73 12.36 20.40
CA GLY G 132 13.01 11.84 20.84
C GLY G 132 13.13 12.01 22.33
N GLN G 133 14.36 12.16 22.80
CA GLN G 133 14.58 12.34 24.22
C GLN G 133 14.03 13.66 24.73
N ALA G 134 13.61 13.67 26.00
CA ALA G 134 13.10 14.88 26.63
C ALA G 134 14.08 16.04 26.39
N SER G 135 15.37 15.72 26.41
CA SER G 135 16.41 16.72 26.20
C SER G 135 16.40 17.29 24.78
N ASP G 136 16.16 16.44 23.78
CA ASP G 136 16.13 16.91 22.41
C ASP G 136 14.86 17.69 22.17
N ILE G 137 13.80 17.35 22.89
CA ILE G 137 12.54 18.03 22.73
C ILE G 137 12.57 19.42 23.34
N GLU G 138 13.18 19.56 24.52
CA GLU G 138 13.29 20.87 25.16
C GLU G 138 14.03 21.81 24.20
N ILE G 139 15.08 21.28 23.57
CA ILE G 139 15.89 22.02 22.63
C ILE G 139 15.11 22.49 21.40
N ILE G 140 14.23 21.65 20.88
CA ILE G 140 13.45 22.06 19.73
C ILE G 140 12.39 23.09 20.19
N SER G 141 11.74 22.79 21.30
CA SER G 141 10.72 23.68 21.84
C SER G 141 11.33 25.06 22.08
N ASN G 142 12.53 25.07 22.65
CA ASN G 142 13.21 26.33 22.91
C ASN G 142 13.51 27.05 21.60
N GLU G 143 14.01 26.31 20.62
CA GLU G 143 14.35 26.93 19.34
C GLU G 143 13.10 27.49 18.63
N ILE G 144 11.97 26.78 18.70
CA ILE G 144 10.77 27.30 18.05
C ILE G 144 10.28 28.54 18.82
N LEU G 145 10.40 28.52 20.15
CA LEU G 145 10.01 29.67 20.95
C LEU G 145 10.86 30.87 20.55
N ARG G 146 12.16 30.66 20.33
CA ARG G 146 13.03 31.75 19.92
C ARG G 146 12.55 32.34 18.59
N LEU G 147 12.10 31.48 17.68
CA LEU G 147 11.62 31.93 16.38
C LEU G 147 10.29 32.67 16.52
N LYS G 148 9.47 32.21 17.46
CA LYS G 148 8.20 32.84 17.71
C LYS G 148 8.40 34.31 18.14
N GLY G 149 9.31 34.53 19.11
CA GLY G 149 9.59 35.86 19.60
C GLY G 149 10.23 36.75 18.55
N LEU G 150 11.16 36.19 17.79
CA LEU G 150 11.85 36.92 16.74
C LEU G 150 10.86 37.47 15.72
N MET G 151 9.99 36.61 15.22
CA MET G 151 9.01 37.04 14.23
C MET G 151 7.94 37.98 14.80
N ASN G 152 7.57 37.80 16.06
CA ASN G 152 6.59 38.68 16.66
C ASN G 152 7.14 40.09 16.76
N SER G 153 8.42 40.22 17.11
CA SER G 153 9.02 41.54 17.23
C SER G 153 9.14 42.19 15.87
N ILE G 154 9.62 41.43 14.89
CA ILE G 154 9.76 41.96 13.54
C ILE G 154 8.39 42.35 12.99
N LEU G 155 7.39 41.53 13.29
CA LEU G 155 6.03 41.79 12.84
C LEU G 155 5.49 43.07 13.54
N ALA G 156 5.75 43.22 14.84
CA ALA G 156 5.33 44.42 15.59
C ALA G 156 6.06 45.62 15.00
N GLN G 157 7.30 45.37 14.65
CA GLN G 157 8.17 46.38 14.08
C GLN G 157 7.68 46.83 12.68
N ASN G 158 7.18 45.91 11.85
CA ASN G 158 6.73 46.28 10.50
C ASN G 158 5.34 46.94 10.46
N SER G 159 4.52 46.69 11.47
CA SER G 159 3.16 47.20 11.50
C SER G 159 2.90 48.40 12.42
N GLY G 160 3.78 48.60 13.40
CA GLY G 160 3.59 49.69 14.33
C GLY G 160 2.85 49.21 15.58
N GLN G 161 2.43 47.94 15.59
CA GLN G 161 1.72 47.37 16.74
C GLN G 161 2.75 47.11 17.83
N SER G 162 2.30 47.00 19.08
CA SER G 162 3.22 46.72 20.16
C SER G 162 3.44 45.20 20.24
N LEU G 163 4.60 44.80 20.72
CA LEU G 163 4.93 43.39 20.84
C LEU G 163 3.83 42.62 21.57
N GLU G 164 3.20 43.27 22.54
CA GLU G 164 2.15 42.65 23.32
C GLU G 164 0.93 42.36 22.45
N GLN G 165 0.56 43.30 21.60
CA GLN G 165 -0.60 43.15 20.73
C GLN G 165 -0.41 42.04 19.69
N ILE G 166 0.79 41.95 19.11
CA ILE G 166 1.08 40.92 18.12
C ILE G 166 1.04 39.54 18.77
N ALA G 167 1.68 39.41 19.91
CA ALA G 167 1.71 38.14 20.63
C ALA G 167 0.29 37.70 20.94
N LYS G 168 -0.53 38.67 21.29
CA LYS G 168 -1.92 38.43 21.62
C LYS G 168 -2.74 37.97 20.41
N ASP G 169 -2.65 38.71 19.31
CA ASP G 169 -3.42 38.39 18.12
C ASP G 169 -2.99 37.17 17.29
N THR G 170 -1.73 36.77 17.42
CA THR G 170 -1.24 35.61 16.67
C THR G 170 -1.29 34.28 17.44
N ASP G 171 -1.72 34.32 18.69
CA ASP G 171 -1.81 33.09 19.47
C ASP G 171 -2.59 32.04 18.65
N ARG G 172 -3.63 32.48 17.94
CA ARG G 172 -4.40 31.59 17.07
C ARG G 172 -4.52 32.28 15.73
N ASP G 173 -4.99 31.56 14.73
CA ASP G 173 -5.12 32.15 13.41
C ASP G 173 -5.90 33.45 13.45
N PHE G 174 -5.31 34.48 12.87
CA PHE G 174 -5.91 35.79 12.83
C PHE G 174 -6.06 36.18 11.38
N TYR G 175 -7.26 35.98 10.86
CA TYR G 175 -7.59 36.32 9.48
C TYR G 175 -8.11 37.75 9.38
N MET G 176 -7.74 38.42 8.29
CA MET G 176 -8.22 39.77 8.09
C MET G 176 -8.14 40.14 6.62
N SER G 177 -9.07 40.99 6.21
CA SER G 177 -9.17 41.47 4.83
C SER G 177 -7.97 42.37 4.50
N ALA G 178 -7.89 42.84 3.26
CA ALA G 178 -6.80 43.72 2.88
C ALA G 178 -6.97 45.06 3.61
N LYS G 179 -8.21 45.51 3.73
CA LYS G 179 -8.48 46.78 4.42
C LYS G 179 -8.00 46.69 5.87
N GLU G 180 -8.47 45.67 6.59
CA GLU G 180 -8.08 45.47 7.98
C GLU G 180 -6.56 45.27 8.11
N ALA G 181 -5.95 44.60 7.14
CA ALA G 181 -4.52 44.40 7.18
C ALA G 181 -3.79 45.73 7.05
N LYS G 182 -4.39 46.66 6.30
CA LYS G 182 -3.82 47.98 6.08
C LYS G 182 -3.95 48.75 7.38
N GLU G 183 -5.11 48.62 8.03
CA GLU G 183 -5.36 49.31 9.29
C GLU G 183 -4.59 48.74 10.46
N TYR G 184 -4.07 47.52 10.30
CA TYR G 184 -3.30 46.86 11.35
C TYR G 184 -1.84 47.23 11.14
N GLY G 185 -1.55 47.82 9.98
CA GLY G 185 -0.19 48.24 9.67
C GLY G 185 0.59 47.27 8.79
N LEU G 186 -0.02 46.11 8.51
CA LEU G 186 0.63 45.09 7.68
C LEU G 186 0.95 45.58 6.27
N ILE G 187 0.04 46.33 5.67
CA ILE G 187 0.27 46.88 4.33
C ILE G 187 0.03 48.38 4.31
N ASP G 188 0.51 49.03 3.26
CA ASP G 188 0.37 50.48 3.12
C ASP G 188 -0.89 50.91 2.38
N LYS G 189 -1.12 50.36 1.18
CA LYS G 189 -2.30 50.70 0.40
C LYS G 189 -2.98 49.49 -0.22
N VAL G 190 -4.28 49.64 -0.49
CA VAL G 190 -5.08 48.62 -1.13
C VAL G 190 -5.53 49.19 -2.48
N LEU G 191 -5.05 48.62 -3.57
CA LEU G 191 -5.39 49.09 -4.92
C LEU G 191 -6.84 48.83 -5.33
N GLN G 192 -7.64 49.88 -5.51
CA GLN G 192 -9.03 49.68 -5.91
C GLN G 192 -9.22 49.44 -7.41
N ASP H 20 -5.76 -30.92 25.49
CA ASP H 20 -4.71 -30.08 24.81
C ASP H 20 -3.39 -30.85 24.70
N ILE H 21 -2.93 -31.05 23.46
CA ILE H 21 -1.69 -31.78 23.17
C ILE H 21 -0.46 -31.36 23.98
N TYR H 22 -0.13 -30.08 23.97
CA TYR H 22 1.03 -29.58 24.69
C TYR H 22 0.78 -29.62 26.17
N SER H 23 -0.46 -29.35 26.56
CA SER H 23 -0.80 -29.38 27.97
C SER H 23 -0.62 -30.80 28.52
N ARG H 24 -0.83 -31.78 27.65
CA ARG H 24 -0.71 -33.18 28.04
C ARG H 24 0.74 -33.64 28.17
N LEU H 25 1.60 -33.16 27.28
CA LEU H 25 3.00 -33.54 27.33
C LEU H 25 3.65 -32.80 28.51
N LEU H 26 3.08 -31.66 28.85
CA LEU H 26 3.58 -30.87 29.96
C LEU H 26 3.43 -31.68 31.24
N LYS H 27 2.43 -32.55 31.24
CA LYS H 27 2.14 -33.40 32.39
C LYS H 27 3.29 -34.38 32.59
N ASP H 28 3.91 -34.81 31.49
CA ASP H 28 5.03 -35.74 31.55
C ASP H 28 6.35 -35.00 31.65
N ARG H 29 6.29 -33.70 31.92
CA ARG H 29 7.49 -32.87 32.06
C ARG H 29 8.18 -32.51 30.75
N ILE H 30 7.46 -32.63 29.63
CA ILE H 30 8.02 -32.31 28.33
C ILE H 30 7.62 -30.90 27.90
N VAL H 31 8.61 -30.03 27.71
CA VAL H 31 8.35 -28.66 27.29
C VAL H 31 8.89 -28.48 25.87
N LEU H 32 8.08 -27.93 24.97
CA LEU H 32 8.53 -27.72 23.61
C LEU H 32 8.87 -26.28 23.25
N LEU H 33 10.11 -26.05 22.83
CA LEU H 33 10.53 -24.72 22.41
C LEU H 33 10.66 -24.77 20.89
N SER H 34 9.62 -24.29 20.21
CA SER H 34 9.58 -24.29 18.76
C SER H 34 9.49 -22.91 18.11
N GLY H 35 10.25 -22.73 17.03
CA GLY H 35 10.26 -21.47 16.31
C GLY H 35 11.06 -20.34 16.94
N GLU H 36 10.81 -19.13 16.44
CA GLU H 36 11.48 -17.92 16.88
C GLU H 36 11.34 -17.64 18.37
N ILE H 37 12.41 -17.13 18.96
CA ILE H 37 12.43 -16.80 20.38
C ILE H 37 12.33 -15.30 20.57
N ASN H 38 11.30 -14.89 21.30
CA ASN H 38 11.06 -13.49 21.61
C ASN H 38 10.48 -13.50 23.02
N ASP H 39 10.15 -12.34 23.56
CA ASP H 39 9.62 -12.28 24.92
C ASP H 39 8.40 -13.13 25.14
N SER H 40 7.54 -13.16 24.14
CA SER H 40 6.31 -13.93 24.24
C SER H 40 6.60 -15.41 24.51
N VAL H 41 7.33 -16.06 23.59
CA VAL H 41 7.63 -17.47 23.78
C VAL H 41 8.52 -17.69 25.00
N ALA H 42 9.37 -16.72 25.30
CA ALA H 42 10.24 -16.83 26.45
C ALA H 42 9.44 -16.89 27.76
N SER H 43 8.47 -15.99 27.93
CA SER H 43 7.67 -15.97 29.16
C SER H 43 6.80 -17.21 29.32
N SER H 44 6.50 -17.88 28.21
CA SER H 44 5.68 -19.09 28.23
C SER H 44 6.55 -20.30 28.64
N ILE H 45 7.79 -20.33 28.15
CA ILE H 45 8.71 -21.41 28.48
C ILE H 45 9.08 -21.23 29.95
N VAL H 46 9.34 -19.98 30.34
CA VAL H 46 9.69 -19.66 31.71
C VAL H 46 8.60 -20.16 32.64
N ALA H 47 7.34 -19.80 32.32
CA ALA H 47 6.20 -20.20 33.15
C ALA H 47 6.13 -21.71 33.28
N GLN H 48 6.19 -22.40 32.15
CA GLN H 48 6.12 -23.85 32.15
C GLN H 48 7.20 -24.44 33.07
N LEU H 49 8.41 -23.90 33.00
CA LEU H 49 9.49 -24.39 33.85
C LEU H 49 9.22 -24.10 35.34
N LEU H 50 8.67 -22.92 35.64
CA LEU H 50 8.35 -22.59 37.03
C LEU H 50 7.28 -23.58 37.51
N PHE H 51 6.31 -23.84 36.65
CA PHE H 51 5.22 -24.75 36.95
C PHE H 51 5.75 -26.14 37.25
N LEU H 52 6.58 -26.66 36.35
CA LEU H 52 7.15 -27.99 36.51
C LEU H 52 8.10 -28.12 37.70
N GLU H 53 8.28 -27.05 38.45
CA GLU H 53 9.16 -27.15 39.60
C GLU H 53 8.31 -27.22 40.86
N ALA H 54 7.16 -26.56 40.81
CA ALA H 54 6.24 -26.56 41.94
C ALA H 54 5.49 -27.89 41.96
N GLU H 55 5.56 -28.62 40.85
CA GLU H 55 4.90 -29.92 40.72
C GLU H 55 5.82 -31.02 41.21
N ASP H 56 7.13 -30.77 41.14
CA ASP H 56 8.13 -31.72 41.59
C ASP H 56 9.54 -31.15 41.34
N PRO H 57 10.18 -30.63 42.39
CA PRO H 57 11.52 -30.04 42.32
C PRO H 57 12.62 -31.06 42.10
N GLU H 58 12.25 -32.33 42.14
CA GLU H 58 13.22 -33.40 41.96
C GLU H 58 13.31 -33.96 40.55
N LYS H 59 12.18 -34.36 39.99
CA LYS H 59 12.16 -34.96 38.66
C LYS H 59 12.74 -34.11 37.53
N ASP H 60 13.32 -34.81 36.56
CA ASP H 60 13.92 -34.17 35.40
C ASP H 60 12.89 -33.63 34.42
N ILE H 61 13.30 -32.59 33.69
CA ILE H 61 12.46 -31.95 32.68
C ILE H 61 13.10 -32.12 31.31
N GLY H 62 12.28 -32.44 30.32
CA GLY H 62 12.80 -32.60 28.98
C GLY H 62 12.42 -31.40 28.11
N LEU H 63 13.40 -30.55 27.77
CA LEU H 63 13.15 -29.39 26.93
C LEU H 63 13.56 -29.68 25.48
N TYR H 64 12.58 -29.90 24.61
CA TYR H 64 12.85 -30.17 23.20
C TYR H 64 12.93 -28.84 22.45
N ILE H 65 14.03 -28.64 21.73
CA ILE H 65 14.27 -27.41 21.00
C ILE H 65 14.36 -27.53 19.50
N ASN H 66 13.46 -26.84 18.82
CA ASN H 66 13.50 -26.80 17.37
C ASN H 66 13.46 -25.30 17.10
N SER H 67 14.61 -24.65 17.10
CA SER H 67 14.57 -23.21 16.93
C SER H 67 15.70 -22.59 16.12
N PRO H 68 15.40 -21.49 15.41
CA PRO H 68 16.37 -20.77 14.59
C PRO H 68 16.99 -19.59 15.36
N GLY H 69 16.50 -19.36 16.57
CA GLY H 69 17.04 -18.28 17.37
C GLY H 69 16.04 -17.20 17.72
N GLY H 70 16.55 -16.04 18.12
CA GLY H 70 15.68 -14.93 18.48
C GLY H 70 16.33 -13.87 19.36
N VAL H 71 15.48 -13.11 20.05
CA VAL H 71 15.92 -12.04 20.93
C VAL H 71 16.82 -12.57 22.04
N ILE H 72 17.99 -11.95 22.16
CA ILE H 72 18.99 -12.36 23.14
C ILE H 72 18.54 -12.35 24.58
N THR H 73 18.04 -11.20 25.05
CA THR H 73 17.59 -11.12 26.44
C THR H 73 16.46 -12.14 26.64
N SER H 74 15.62 -12.30 25.62
CA SER H 74 14.52 -13.25 25.73
C SER H 74 15.13 -14.61 25.97
N GLY H 75 16.18 -14.91 25.20
CA GLY H 75 16.84 -16.19 25.31
C GLY H 75 17.51 -16.38 26.67
N LEU H 76 18.19 -15.35 27.15
CA LEU H 76 18.86 -15.46 28.43
C LEU H 76 17.86 -15.69 29.55
N SER H 77 16.63 -15.23 29.36
CA SER H 77 15.62 -15.41 30.40
C SER H 77 15.40 -16.90 30.59
N ILE H 78 15.43 -17.65 29.49
CA ILE H 78 15.23 -19.09 29.56
C ILE H 78 16.42 -19.77 30.26
N TYR H 79 17.62 -19.42 29.82
CA TYR H 79 18.86 -19.96 30.39
C TYR H 79 18.92 -19.82 31.91
N ASP H 80 18.72 -18.60 32.42
CA ASP H 80 18.77 -18.37 33.85
C ASP H 80 17.69 -19.09 34.64
N THR H 81 16.50 -19.18 34.05
CA THR H 81 15.40 -19.87 34.69
C THR H 81 15.78 -21.36 34.78
N MET H 82 16.38 -21.89 33.73
CA MET H 82 16.81 -23.28 33.70
C MET H 82 17.71 -23.57 34.90
N ASN H 83 18.59 -22.64 35.21
CA ASN H 83 19.51 -22.78 36.33
C ASN H 83 18.89 -22.25 37.63
N PHE H 84 17.78 -21.54 37.51
CA PHE H 84 17.13 -20.98 38.70
C PHE H 84 16.48 -22.08 39.51
N ILE H 85 15.62 -22.85 38.87
CA ILE H 85 14.90 -23.94 39.52
C ILE H 85 15.81 -25.11 39.87
N ARG H 86 15.30 -26.00 40.72
CA ARG H 86 16.08 -27.17 41.14
C ARG H 86 16.03 -28.32 40.15
N PRO H 87 14.88 -28.56 39.50
CA PRO H 87 14.89 -29.67 38.56
C PRO H 87 15.99 -29.56 37.50
N ASP H 88 16.49 -30.72 37.09
CA ASP H 88 17.50 -30.81 36.04
C ASP H 88 16.74 -30.59 34.74
N VAL H 89 17.21 -29.66 33.91
CA VAL H 89 16.55 -29.38 32.64
C VAL H 89 17.38 -29.96 31.50
N SER H 90 16.97 -31.14 31.04
CA SER H 90 17.65 -31.82 29.94
C SER H 90 17.24 -31.14 28.64
N THR H 91 18.13 -31.09 27.66
CA THR H 91 17.81 -30.49 26.36
C THR H 91 17.97 -31.53 25.24
N ILE H 92 16.98 -31.55 24.34
CA ILE H 92 16.94 -32.48 23.21
C ILE H 92 16.71 -31.71 21.90
N CYS H 93 17.64 -31.82 20.96
CA CYS H 93 17.52 -31.11 19.70
C CYS H 93 16.82 -31.86 18.58
N ILE H 94 15.67 -31.35 18.15
CA ILE H 94 14.95 -31.97 17.05
C ILE H 94 14.82 -30.89 15.97
N GLY H 95 15.15 -31.25 14.73
CA GLY H 95 15.08 -30.29 13.65
C GLY H 95 16.35 -29.48 13.61
N GLN H 96 16.36 -28.36 14.31
CA GLN H 96 17.55 -27.55 14.34
C GLN H 96 17.59 -26.73 15.61
N ALA H 97 18.77 -26.17 15.88
CA ALA H 97 19.01 -25.30 17.02
C ALA H 97 20.06 -24.35 16.49
N ALA H 98 19.66 -23.11 16.18
CA ALA H 98 20.61 -22.15 15.63
C ALA H 98 20.67 -20.89 16.47
N SER H 99 21.88 -20.37 16.61
CA SER H 99 22.07 -19.17 17.37
C SER H 99 21.56 -19.43 18.79
N MET H 100 20.70 -18.53 19.27
CA MET H 100 20.16 -18.65 20.62
C MET H 100 19.61 -20.04 20.89
N GLY H 101 19.10 -20.69 19.85
CA GLY H 101 18.60 -22.03 20.02
C GLY H 101 19.77 -22.92 20.39
N ALA H 102 20.84 -22.87 19.59
CA ALA H 102 22.01 -23.69 19.89
C ALA H 102 22.58 -23.33 21.27
N PHE H 103 22.50 -22.06 21.62
CA PHE H 103 23.00 -21.63 22.91
C PHE H 103 22.23 -22.35 24.02
N LEU H 104 20.90 -22.26 24.00
CA LEU H 104 20.08 -22.91 25.02
C LEU H 104 20.33 -24.41 25.08
N LEU H 105 20.47 -25.05 23.92
CA LEU H 105 20.74 -26.49 23.86
C LEU H 105 21.98 -26.76 24.72
N SER H 106 23.05 -26.04 24.42
CA SER H 106 24.31 -26.22 25.13
C SER H 106 24.20 -25.88 26.61
N CYS H 107 23.10 -25.25 27.00
CA CYS H 107 22.94 -24.89 28.40
C CYS H 107 22.21 -25.95 29.19
N GLY H 108 21.86 -27.07 28.55
CA GLY H 108 21.15 -28.13 29.23
C GLY H 108 21.98 -28.73 30.34
N ALA H 109 21.33 -29.38 31.30
CA ALA H 109 22.03 -29.98 32.42
C ALA H 109 23.19 -30.79 31.88
N LYS H 110 24.37 -30.59 32.46
CA LYS H 110 25.57 -31.30 32.05
C LYS H 110 25.30 -32.80 32.03
N GLY H 111 25.63 -33.43 30.92
CA GLY H 111 25.43 -34.87 30.77
C GLY H 111 24.10 -35.23 30.14
N LYS H 112 23.16 -34.29 30.15
CA LYS H 112 21.84 -34.57 29.59
C LYS H 112 21.44 -33.68 28.42
N ARG H 113 22.43 -33.24 27.64
CA ARG H 113 22.20 -32.41 26.45
C ARG H 113 22.23 -33.38 25.27
N PHE H 114 21.09 -33.58 24.63
CA PHE H 114 21.00 -34.52 23.52
C PHE H 114 20.59 -33.89 22.19
N SER H 115 20.46 -34.75 21.18
CA SER H 115 20.03 -34.34 19.86
C SER H 115 19.70 -35.57 19.05
N LEU H 116 18.70 -35.46 18.18
CA LEU H 116 18.36 -36.58 17.32
C LEU H 116 19.44 -36.59 16.26
N PRO H 117 19.58 -37.71 15.52
CA PRO H 117 20.60 -37.87 14.47
C PRO H 117 20.69 -36.91 13.29
N HIS H 118 19.57 -36.42 12.77
CA HIS H 118 19.66 -35.52 11.62
C HIS H 118 19.38 -34.05 11.91
N SER H 119 19.49 -33.66 13.18
CA SER H 119 19.26 -32.26 13.54
C SER H 119 20.50 -31.45 13.13
N ARG H 120 20.34 -30.13 12.99
CA ARG H 120 21.47 -29.30 12.65
C ARG H 120 21.66 -28.21 13.71
N ILE H 121 22.90 -28.05 14.16
CA ILE H 121 23.19 -27.04 15.17
C ILE H 121 24.03 -25.98 14.49
N MET H 122 23.76 -24.72 14.81
CA MET H 122 24.48 -23.62 14.21
C MET H 122 24.70 -22.54 15.24
N ILE H 123 25.94 -22.11 15.39
CA ILE H 123 26.29 -21.06 16.32
C ILE H 123 26.80 -19.86 15.52
N HIS H 124 26.72 -18.68 16.13
CA HIS H 124 27.15 -17.46 15.48
C HIS H 124 27.32 -16.33 16.50
N GLN H 125 27.57 -15.12 16.00
CA GLN H 125 27.71 -13.97 16.89
C GLN H 125 26.40 -13.19 16.86
N PRO H 126 26.15 -12.35 17.87
CA PRO H 126 24.91 -11.57 17.90
C PRO H 126 24.68 -10.60 16.76
N LEU H 127 23.40 -10.38 16.45
CA LEU H 127 22.94 -9.48 15.39
C LEU H 127 22.07 -8.42 16.03
N GLY H 128 22.09 -7.23 15.45
CA GLY H 128 21.29 -6.13 15.97
C GLY H 128 21.34 -4.89 15.10
N GLY H 129 20.92 -3.76 15.67
CA GLY H 129 20.93 -2.53 14.92
C GLY H 129 20.96 -1.30 15.79
N ALA H 130 21.47 -0.20 15.22
CA ALA H 130 21.58 1.08 15.91
C ALA H 130 21.30 2.20 14.91
N GLN H 131 20.61 3.25 15.37
CA GLN H 131 20.26 4.39 14.52
C GLN H 131 20.28 5.67 15.35
N GLY H 132 20.87 6.74 14.81
CA GLY H 132 20.89 7.98 15.54
C GLY H 132 22.24 8.65 15.65
N GLN H 133 22.41 9.40 16.74
CA GLN H 133 23.65 10.12 16.99
C GLN H 133 24.83 9.18 17.24
N ALA H 134 26.01 9.64 16.85
CA ALA H 134 27.23 8.87 17.05
C ALA H 134 27.27 8.28 18.45
N SER H 135 26.99 9.10 19.46
CA SER H 135 27.01 8.67 20.85
C SER H 135 26.08 7.52 21.16
N ASP H 136 24.92 7.49 20.51
CA ASP H 136 23.95 6.42 20.74
C ASP H 136 24.33 5.15 19.99
N ILE H 137 24.82 5.31 18.77
CA ILE H 137 25.23 4.16 18.00
C ILE H 137 26.33 3.48 18.81
N GLU H 138 27.23 4.30 19.36
CA GLU H 138 28.35 3.83 20.15
C GLU H 138 27.91 3.07 21.39
N ILE H 139 26.91 3.59 22.09
CA ILE H 139 26.42 2.92 23.28
C ILE H 139 25.84 1.55 22.90
N ILE H 140 25.08 1.51 21.81
CA ILE H 140 24.48 0.27 21.34
C ILE H 140 25.57 -0.71 20.91
N SER H 141 26.54 -0.21 20.15
CA SER H 141 27.67 -1.04 19.71
C SER H 141 28.39 -1.67 20.91
N ASN H 142 28.59 -0.92 21.99
CA ASN H 142 29.25 -1.47 23.17
C ASN H 142 28.36 -2.49 23.89
N GLU H 143 27.05 -2.22 23.93
CA GLU H 143 26.16 -3.16 24.61
C GLU H 143 26.13 -4.48 23.86
N ILE H 144 25.98 -4.43 22.54
CA ILE H 144 25.92 -5.66 21.77
C ILE H 144 27.24 -6.42 21.86
N LEU H 145 28.36 -5.71 21.95
CA LEU H 145 29.65 -6.39 22.07
C LEU H 145 29.77 -7.05 23.44
N ARG H 146 29.22 -6.39 24.45
CA ARG H 146 29.24 -6.91 25.81
C ARG H 146 28.38 -8.17 25.86
N LEU H 147 27.31 -8.18 25.09
CA LEU H 147 26.44 -9.34 25.03
C LEU H 147 27.17 -10.47 24.30
N LYS H 148 27.92 -10.10 23.28
CA LYS H 148 28.67 -11.06 22.51
C LYS H 148 29.76 -11.71 23.36
N GLY H 149 30.36 -10.92 24.26
CA GLY H 149 31.40 -11.47 25.10
C GLY H 149 30.78 -12.42 26.09
N LEU H 150 29.69 -11.96 26.69
CA LEU H 150 28.94 -12.73 27.67
C LEU H 150 28.59 -14.12 27.20
N MET H 151 28.07 -14.21 25.98
CA MET H 151 27.64 -15.49 25.45
C MET H 151 28.75 -16.38 24.92
N ASN H 152 29.86 -15.78 24.49
CA ASN H 152 30.96 -16.58 24.00
C ASN H 152 31.57 -17.27 25.22
N SER H 153 31.50 -16.58 26.37
CA SER H 153 32.04 -17.08 27.64
C SER H 153 31.25 -18.28 28.13
N ILE H 154 29.94 -18.14 28.12
CA ILE H 154 29.06 -19.22 28.57
C ILE H 154 29.18 -20.37 27.58
N LEU H 155 29.25 -20.03 26.30
CA LEU H 155 29.35 -21.03 25.25
C LEU H 155 30.67 -21.79 25.35
N ALA H 156 31.73 -21.10 25.77
CA ALA H 156 33.04 -21.74 25.92
C ALA H 156 33.00 -22.63 27.15
N GLN H 157 32.40 -22.10 28.21
CA GLN H 157 32.26 -22.78 29.48
C GLN H 157 31.49 -24.09 29.28
N ASN H 158 30.42 -24.05 28.48
CA ASN H 158 29.57 -25.22 28.22
C ASN H 158 30.15 -26.31 27.31
N SER H 159 30.93 -25.90 26.31
CA SER H 159 31.49 -26.87 25.37
C SER H 159 32.93 -27.23 25.68
N GLY H 160 33.52 -26.59 26.68
CA GLY H 160 34.91 -26.90 27.00
C GLY H 160 35.88 -26.30 26.00
N GLN H 161 35.43 -25.27 25.28
CA GLN H 161 36.27 -24.61 24.28
C GLN H 161 36.88 -23.32 24.87
N SER H 162 37.93 -22.82 24.24
CA SER H 162 38.55 -21.59 24.69
C SER H 162 37.73 -20.38 24.24
N LEU H 163 37.58 -19.39 25.12
CA LEU H 163 36.82 -18.19 24.80
C LEU H 163 37.26 -17.70 23.42
N GLU H 164 38.55 -17.82 23.16
CA GLU H 164 39.12 -17.38 21.90
C GLU H 164 38.68 -18.27 20.73
N GLN H 165 38.47 -19.56 21.00
CA GLN H 165 38.07 -20.48 19.95
C GLN H 165 36.64 -20.20 19.48
N ILE H 166 35.75 -20.00 20.44
CA ILE H 166 34.35 -19.75 20.12
C ILE H 166 34.20 -18.47 19.33
N ALA H 167 34.89 -17.42 19.77
CA ALA H 167 34.80 -16.14 19.06
C ALA H 167 35.28 -16.35 17.62
N LYS H 168 36.32 -17.15 17.44
CA LYS H 168 36.82 -17.39 16.09
C LYS H 168 35.82 -18.20 15.27
N ASP H 169 35.34 -19.30 15.85
CA ASP H 169 34.40 -20.16 15.13
C ASP H 169 33.01 -19.53 14.93
N THR H 170 32.66 -18.53 15.72
CA THR H 170 31.34 -17.92 15.58
C THR H 170 31.33 -16.56 14.89
N ASP H 171 32.46 -16.21 14.25
CA ASP H 171 32.53 -14.92 13.54
C ASP H 171 31.44 -14.89 12.47
N ARG H 172 31.21 -16.05 11.83
CA ARG H 172 30.17 -16.19 10.83
C ARG H 172 29.40 -17.46 11.19
N ASP H 173 28.33 -17.77 10.46
CA ASP H 173 27.52 -18.93 10.76
C ASP H 173 28.27 -20.26 10.68
N PHE H 174 28.34 -20.95 11.80
CA PHE H 174 29.03 -22.23 11.85
C PHE H 174 28.01 -23.38 11.99
N TYR H 175 27.76 -24.07 10.89
CA TYR H 175 26.82 -25.17 10.86
C TYR H 175 27.51 -26.49 11.13
N MET H 176 26.77 -27.42 11.70
CA MET H 176 27.29 -28.74 11.97
C MET H 176 26.18 -29.73 12.26
N SER H 177 26.46 -31.00 11.97
CA SER H 177 25.50 -32.07 12.18
C SER H 177 25.45 -32.41 13.66
N ALA H 178 24.50 -33.25 14.05
CA ALA H 178 24.38 -33.65 15.45
C ALA H 178 25.72 -34.22 15.91
N LYS H 179 26.31 -35.07 15.08
CA LYS H 179 27.58 -35.70 15.39
C LYS H 179 28.64 -34.65 15.73
N GLU H 180 28.92 -33.78 14.77
CA GLU H 180 29.90 -32.72 14.95
C GLU H 180 29.63 -31.89 16.21
N ALA H 181 28.36 -31.63 16.49
CA ALA H 181 27.97 -30.85 17.65
C ALA H 181 28.46 -31.48 18.95
N LYS H 182 28.36 -32.81 19.04
CA LYS H 182 28.80 -33.53 20.24
C LYS H 182 30.33 -33.48 20.32
N GLU H 183 30.98 -33.69 19.18
CA GLU H 183 32.45 -33.64 19.14
C GLU H 183 32.93 -32.25 19.50
N TYR H 184 32.10 -31.24 19.27
CA TYR H 184 32.46 -29.86 19.58
C TYR H 184 32.22 -29.57 21.05
N GLY H 185 31.28 -30.31 21.66
CA GLY H 185 30.98 -30.11 23.07
C GLY H 185 29.70 -29.38 23.41
N LEU H 186 28.87 -29.12 22.40
CA LEU H 186 27.60 -28.42 22.62
C LEU H 186 26.58 -29.40 23.19
N ILE H 187 26.72 -30.67 22.86
CA ILE H 187 25.81 -31.69 23.38
C ILE H 187 26.65 -32.83 23.97
N ASP H 188 25.97 -33.82 24.55
CA ASP H 188 26.65 -34.95 25.19
C ASP H 188 26.38 -36.25 24.45
N LYS H 189 25.23 -36.35 23.81
CA LYS H 189 24.88 -37.58 23.13
C LYS H 189 23.87 -37.39 22.02
N VAL H 190 23.91 -38.30 21.06
CA VAL H 190 23.00 -38.29 19.93
C VAL H 190 22.17 -39.57 19.98
N LEU H 191 20.92 -39.45 20.44
CA LEU H 191 20.03 -40.61 20.54
C LEU H 191 19.80 -41.20 19.13
N GLN H 192 20.46 -42.31 18.82
CA GLN H 192 20.34 -42.97 17.52
C GLN H 192 18.99 -43.67 17.32
N ASP I 20 -12.93 -31.80 18.83
CA ASP I 20 -12.13 -31.70 17.58
C ASP I 20 -12.08 -33.04 16.87
N ILE I 21 -12.51 -33.05 15.61
CA ILE I 21 -12.54 -34.28 14.81
C ILE I 21 -11.18 -34.97 14.74
N TYR I 22 -10.12 -34.19 14.52
CA TYR I 22 -8.77 -34.73 14.44
C TYR I 22 -8.41 -35.40 15.75
N SER I 23 -8.89 -34.80 16.85
CA SER I 23 -8.65 -35.29 18.19
C SER I 23 -9.28 -36.67 18.38
N ARG I 24 -10.45 -36.86 17.80
CA ARG I 24 -11.12 -38.15 17.90
C ARG I 24 -10.32 -39.21 17.15
N LEU I 25 -9.89 -38.86 15.95
CA LEU I 25 -9.09 -39.77 15.12
C LEU I 25 -7.76 -40.07 15.81
N LEU I 26 -7.31 -39.16 16.66
CA LEU I 26 -6.06 -39.36 17.37
C LEU I 26 -6.23 -40.54 18.34
N LYS I 27 -7.41 -40.70 18.91
CA LYS I 27 -7.66 -41.79 19.84
C LYS I 27 -7.64 -43.12 19.08
N ASP I 28 -7.75 -43.04 17.75
CA ASP I 28 -7.69 -44.24 16.91
C ASP I 28 -6.27 -44.33 16.34
N ARG I 29 -5.36 -43.58 16.94
CA ARG I 29 -3.95 -43.54 16.53
C ARG I 29 -3.66 -43.06 15.11
N ILE I 30 -4.49 -42.15 14.62
CA ILE I 30 -4.29 -41.61 13.27
C ILE I 30 -3.83 -40.17 13.35
N VAL I 31 -2.82 -39.84 12.55
CA VAL I 31 -2.31 -38.48 12.52
C VAL I 31 -2.33 -37.97 11.07
N LEU I 32 -2.77 -36.73 10.89
CA LEU I 32 -2.82 -36.13 9.57
C LEU I 32 -1.81 -35.01 9.37
N LEU I 33 -1.04 -35.11 8.30
CA LEU I 33 -0.09 -34.08 7.94
C LEU I 33 -0.58 -33.55 6.61
N SER I 34 -1.17 -32.35 6.64
CA SER I 34 -1.73 -31.73 5.44
C SER I 34 -1.13 -30.34 5.18
N GLY I 35 -0.84 -30.06 3.91
CA GLY I 35 -0.28 -28.78 3.54
C GLY I 35 1.23 -28.61 3.75
N GLU I 36 1.70 -27.37 3.61
CA GLU I 36 3.10 -27.04 3.78
C GLU I 36 3.64 -27.33 5.16
N ILE I 37 4.85 -27.84 5.22
CA ILE I 37 5.48 -28.14 6.50
C ILE I 37 6.35 -26.95 6.93
N ASN I 38 6.26 -26.61 8.21
CA ASN I 38 7.05 -25.53 8.79
C ASN I 38 7.19 -25.89 10.25
N ASP I 39 7.95 -25.12 11.02
CA ASP I 39 8.15 -25.46 12.42
C ASP I 39 6.87 -25.65 13.21
N SER I 40 5.94 -24.72 13.06
CA SER I 40 4.67 -24.81 13.78
C SER I 40 3.96 -26.15 13.45
N VAL I 41 3.77 -26.45 12.16
CA VAL I 41 3.13 -27.70 11.77
C VAL I 41 3.99 -28.90 12.19
N ALA I 42 5.31 -28.80 12.00
CA ALA I 42 6.20 -29.89 12.37
C ALA I 42 6.11 -30.22 13.85
N SER I 43 6.04 -29.19 14.68
CA SER I 43 5.97 -29.38 16.13
C SER I 43 4.67 -30.03 16.58
N SER I 44 3.59 -29.77 15.85
CA SER I 44 2.30 -30.33 16.18
C SER I 44 2.34 -31.83 15.88
N ILE I 45 3.02 -32.21 14.80
CA ILE I 45 3.12 -33.61 14.43
C ILE I 45 3.99 -34.33 15.45
N VAL I 46 5.09 -33.69 15.84
CA VAL I 46 6.01 -34.25 16.82
C VAL I 46 5.29 -34.48 18.14
N ALA I 47 4.54 -33.49 18.58
CA ALA I 47 3.80 -33.58 19.84
C ALA I 47 2.81 -34.74 19.82
N GLN I 48 2.18 -34.97 18.68
CA GLN I 48 1.21 -36.05 18.55
C GLN I 48 1.93 -37.39 18.59
N LEU I 49 3.06 -37.48 17.89
CA LEU I 49 3.84 -38.72 17.87
C LEU I 49 4.39 -39.04 19.26
N LEU I 50 4.68 -38.02 20.06
CA LEU I 50 5.17 -38.27 21.40
C LEU I 50 4.02 -38.66 22.33
N PHE I 51 2.82 -38.19 22.01
CA PHE I 51 1.63 -38.49 22.80
C PHE I 51 1.17 -39.92 22.55
N LEU I 52 1.11 -40.31 21.28
CA LEU I 52 0.70 -41.66 20.95
C LEU I 52 1.73 -42.64 21.54
N GLU I 53 2.98 -42.19 21.62
CA GLU I 53 4.08 -42.97 22.18
C GLU I 53 3.80 -43.25 23.67
N ALA I 54 3.47 -42.20 24.41
CA ALA I 54 3.17 -42.31 25.83
C ALA I 54 1.88 -43.06 26.09
N GLU I 55 0.94 -43.02 25.15
CA GLU I 55 -0.34 -43.70 25.30
C GLU I 55 -0.24 -45.20 25.11
N ASP I 56 0.66 -45.62 24.22
CA ASP I 56 0.87 -47.04 23.94
C ASP I 56 2.06 -47.18 23.01
N PRO I 57 3.22 -47.55 23.56
CA PRO I 57 4.47 -47.72 22.80
C PRO I 57 4.59 -48.96 21.93
N GLU I 58 3.55 -49.78 21.89
CA GLU I 58 3.60 -51.01 21.09
C GLU I 58 2.73 -50.99 19.83
N LYS I 59 1.61 -50.27 19.87
CA LYS I 59 0.73 -50.21 18.73
C LYS I 59 1.24 -49.31 17.61
N ASP I 60 0.78 -49.59 16.40
CA ASP I 60 1.18 -48.81 15.23
C ASP I 60 0.48 -47.45 15.17
N ILE I 61 1.16 -46.49 14.56
CA ILE I 61 0.59 -45.16 14.38
C ILE I 61 0.38 -44.99 12.89
N GLY I 62 -0.72 -44.35 12.53
CA GLY I 62 -1.01 -44.12 11.13
C GLY I 62 -0.79 -42.67 10.73
N LEU I 63 0.23 -42.43 9.91
CA LEU I 63 0.54 -41.07 9.45
C LEU I 63 0.03 -40.84 8.03
N TYR I 64 -1.06 -40.10 7.93
CA TYR I 64 -1.62 -39.77 6.62
C TYR I 64 -0.95 -38.50 6.13
N ILE I 65 -0.41 -38.57 4.91
CA ILE I 65 0.30 -37.44 4.34
C ILE I 65 -0.24 -36.86 3.04
N ASN I 66 -0.53 -35.56 3.08
CA ASN I 66 -0.98 -34.81 1.91
C ASN I 66 -0.28 -33.47 2.06
N SER I 67 0.91 -33.36 1.48
CA SER I 67 1.68 -32.14 1.61
C SER I 67 2.55 -31.80 0.41
N PRO I 68 2.67 -30.51 0.10
CA PRO I 68 3.50 -30.09 -1.03
C PRO I 68 4.95 -29.96 -0.56
N GLY I 69 5.17 -30.16 0.74
CA GLY I 69 6.52 -30.06 1.30
C GLY I 69 6.73 -28.85 2.20
N GLY I 70 7.98 -28.40 2.29
CA GLY I 70 8.27 -27.24 3.13
C GLY I 70 9.68 -27.10 3.65
N VAL I 71 9.81 -26.51 4.84
CA VAL I 71 11.11 -26.29 5.48
C VAL I 71 11.84 -27.60 5.80
N ILE I 72 13.04 -27.73 5.27
CA ILE I 72 13.88 -28.92 5.44
C ILE I 72 14.05 -29.36 6.89
N THR I 73 14.53 -28.47 7.74
CA THR I 73 14.72 -28.84 9.15
C THR I 73 13.41 -29.25 9.80
N SER I 74 12.32 -28.61 9.41
CA SER I 74 11.02 -28.95 9.98
C SER I 74 10.67 -30.39 9.65
N GLY I 75 10.95 -30.78 8.42
CA GLY I 75 10.68 -32.14 8.01
C GLY I 75 11.60 -33.10 8.76
N LEU I 76 12.87 -32.75 8.84
CA LEU I 76 13.83 -33.62 9.52
C LEU I 76 13.50 -33.89 10.99
N SER I 77 12.79 -32.97 11.64
CA SER I 77 12.43 -33.18 13.04
C SER I 77 11.34 -34.22 13.08
N ILE I 78 10.51 -34.27 12.03
CA ILE I 78 9.44 -35.27 11.98
C ILE I 78 10.03 -36.64 11.64
N TYR I 79 10.89 -36.67 10.64
CA TYR I 79 11.56 -37.89 10.22
C TYR I 79 12.24 -38.52 11.42
N ASP I 80 13.02 -37.74 12.15
CA ASP I 80 13.72 -38.27 13.31
C ASP I 80 12.80 -38.66 14.44
N THR I 81 11.77 -37.87 14.71
CA THR I 81 10.85 -38.21 15.80
C THR I 81 10.15 -39.51 15.46
N MET I 82 9.94 -39.73 14.16
CA MET I 82 9.30 -40.96 13.70
C MET I 82 10.09 -42.20 14.13
N ASN I 83 11.42 -42.17 13.95
CA ASN I 83 12.28 -43.29 14.33
C ASN I 83 12.67 -43.19 15.81
N PHE I 84 12.50 -42.01 16.38
CA PHE I 84 12.83 -41.80 17.78
C PHE I 84 11.95 -42.65 18.69
N ILE I 85 10.64 -42.51 18.53
CA ILE I 85 9.66 -43.25 19.33
C ILE I 85 9.62 -44.74 19.00
N ARG I 86 9.07 -45.52 19.91
CA ARG I 86 8.98 -46.98 19.74
C ARG I 86 7.94 -47.46 18.72
N PRO I 87 6.72 -46.91 18.76
CA PRO I 87 5.68 -47.33 17.82
C PRO I 87 6.13 -47.28 16.37
N ASP I 88 5.70 -48.26 15.58
CA ASP I 88 6.00 -48.29 14.16
C ASP I 88 5.10 -47.21 13.57
N VAL I 89 5.63 -46.41 12.65
CA VAL I 89 4.83 -45.35 12.06
C VAL I 89 4.55 -45.56 10.59
N SER I 90 3.36 -46.06 10.27
CA SER I 90 2.98 -46.26 8.88
C SER I 90 2.65 -44.92 8.24
N THR I 91 2.93 -44.81 6.94
CA THR I 91 2.63 -43.58 6.23
C THR I 91 1.71 -43.90 5.07
N ILE I 92 0.69 -43.07 4.90
CA ILE I 92 -0.28 -43.26 3.82
C ILE I 92 -0.38 -41.96 3.05
N CYS I 93 -0.04 -41.99 1.77
CA CYS I 93 -0.14 -40.78 0.97
C CYS I 93 -1.49 -40.67 0.30
N ILE I 94 -2.21 -39.60 0.65
CA ILE I 94 -3.52 -39.30 0.06
C ILE I 94 -3.35 -37.93 -0.61
N GLY I 95 -3.89 -37.76 -1.80
CA GLY I 95 -3.75 -36.49 -2.49
C GLY I 95 -2.39 -36.36 -3.14
N GLN I 96 -1.39 -35.97 -2.36
CA GLN I 96 -0.05 -35.82 -2.87
C GLN I 96 0.99 -35.83 -1.76
N ALA I 97 2.21 -36.23 -2.12
CA ALA I 97 3.35 -36.26 -1.21
C ALA I 97 4.49 -35.78 -2.09
N ALA I 98 4.74 -34.47 -2.06
CA ALA I 98 5.78 -33.86 -2.89
C ALA I 98 6.92 -33.26 -2.07
N SER I 99 8.10 -33.21 -2.67
CA SER I 99 9.28 -32.67 -1.99
C SER I 99 9.41 -33.34 -0.62
N MET I 100 9.56 -32.56 0.45
CA MET I 100 9.70 -33.12 1.80
C MET I 100 8.50 -34.00 2.16
N GLY I 101 7.41 -33.86 1.42
CA GLY I 101 6.24 -34.67 1.69
C GLY I 101 6.45 -36.10 1.22
N ALA I 102 7.11 -36.25 0.07
CA ALA I 102 7.41 -37.58 -0.45
C ALA I 102 8.52 -38.18 0.37
N PHE I 103 9.46 -37.33 0.76
CA PHE I 103 10.60 -37.74 1.56
C PHE I 103 10.10 -38.48 2.80
N LEU I 104 9.22 -37.80 3.54
CA LEU I 104 8.64 -38.35 4.78
C LEU I 104 7.85 -39.62 4.53
N LEU I 105 7.16 -39.69 3.41
CA LEU I 105 6.39 -40.87 3.07
C LEU I 105 7.35 -42.07 3.03
N SER I 106 8.47 -41.90 2.32
CA SER I 106 9.47 -42.97 2.20
C SER I 106 10.17 -43.30 3.50
N CYS I 107 9.96 -42.49 4.54
CA CYS I 107 10.61 -42.75 5.81
C CYS I 107 9.77 -43.64 6.71
N GLY I 108 8.55 -43.95 6.28
CA GLY I 108 7.68 -44.80 7.05
C GLY I 108 8.27 -46.17 7.31
N ALA I 109 7.69 -46.90 8.27
CA ALA I 109 8.16 -48.24 8.62
C ALA I 109 8.14 -49.17 7.40
N LYS I 110 9.23 -49.93 7.24
CA LYS I 110 9.36 -50.87 6.12
C LYS I 110 8.13 -51.74 5.96
N GLY I 111 7.68 -51.90 4.72
CA GLY I 111 6.51 -52.69 4.45
C GLY I 111 5.22 -51.99 4.82
N LYS I 112 5.32 -50.82 5.45
CA LYS I 112 4.13 -50.06 5.86
C LYS I 112 4.03 -48.66 5.27
N ARG I 113 4.63 -48.49 4.09
CA ARG I 113 4.59 -47.22 3.37
C ARG I 113 3.50 -47.40 2.29
N PHE I 114 2.39 -46.70 2.46
CA PHE I 114 1.26 -46.83 1.55
C PHE I 114 0.91 -45.58 0.78
N SER I 115 -0.13 -45.70 -0.04
CA SER I 115 -0.65 -44.61 -0.86
C SER I 115 -1.97 -45.04 -1.49
N LEU I 116 -2.86 -44.08 -1.69
CA LEU I 116 -4.12 -44.39 -2.32
C LEU I 116 -3.78 -44.35 -3.82
N PRO I 117 -4.55 -45.05 -4.64
CA PRO I 117 -4.39 -45.18 -6.10
C PRO I 117 -4.12 -43.96 -6.97
N HIS I 118 -4.84 -42.87 -6.75
CA HIS I 118 -4.65 -41.70 -7.61
C HIS I 118 -3.72 -40.64 -7.05
N SER I 119 -3.12 -40.91 -5.90
CA SER I 119 -2.21 -39.97 -5.28
C SER I 119 -0.97 -39.84 -6.12
N ARG I 120 -0.37 -38.65 -6.12
CA ARG I 120 0.85 -38.43 -6.87
C ARG I 120 2.03 -38.15 -5.94
N ILE I 121 3.18 -38.73 -6.28
CA ILE I 121 4.41 -38.60 -5.50
C ILE I 121 5.46 -37.85 -6.32
N MET I 122 6.11 -36.85 -5.71
CA MET I 122 7.14 -36.08 -6.41
C MET I 122 8.33 -35.86 -5.50
N ILE I 123 9.54 -36.00 -6.05
CA ILE I 123 10.77 -35.80 -5.30
C ILE I 123 11.66 -34.80 -6.03
N HIS I 124 12.55 -34.13 -5.30
CA HIS I 124 13.43 -33.15 -5.92
C HIS I 124 14.65 -32.84 -5.08
N GLN I 125 15.36 -31.79 -5.46
CA GLN I 125 16.52 -31.38 -4.70
C GLN I 125 16.08 -30.18 -3.86
N PRO I 126 16.80 -29.88 -2.77
CA PRO I 126 16.42 -28.76 -1.91
C PRO I 126 16.36 -27.39 -2.59
N LEU I 127 15.54 -26.52 -2.02
CA LEU I 127 15.32 -25.15 -2.49
C LEU I 127 15.68 -24.20 -1.34
N GLY I 128 16.18 -23.01 -1.68
CA GLY I 128 16.54 -22.04 -0.64
C GLY I 128 16.96 -20.67 -1.13
N GLY I 129 17.63 -19.93 -0.24
CA GLY I 129 18.08 -18.59 -0.57
C GLY I 129 19.26 -18.10 0.27
N ALA I 130 20.04 -17.20 -0.33
CA ALA I 130 21.21 -16.63 0.30
C ALA I 130 21.37 -15.17 -0.14
N GLN I 131 21.67 -14.29 0.81
CA GLN I 131 21.83 -12.87 0.53
C GLN I 131 22.92 -12.29 1.44
N GLY I 132 23.76 -11.41 0.91
CA GLY I 132 24.80 -10.81 1.73
C GLY I 132 26.19 -10.85 1.14
N GLN I 133 27.21 -10.83 2.01
CA GLN I 133 28.60 -10.87 1.55
C GLN I 133 28.88 -12.22 0.90
N ALA I 134 29.85 -12.25 -0.01
CA ALA I 134 30.23 -13.47 -0.69
C ALA I 134 30.51 -14.60 0.30
N SER I 135 31.18 -14.26 1.41
CA SER I 135 31.51 -15.24 2.45
C SER I 135 30.27 -15.88 3.09
N ASP I 136 29.19 -15.12 3.23
CA ASP I 136 27.97 -15.65 3.85
C ASP I 136 27.16 -16.49 2.89
N ILE I 137 27.22 -16.13 1.60
CA ILE I 137 26.51 -16.85 0.57
C ILE I 137 27.18 -18.21 0.40
N GLU I 138 28.50 -18.25 0.54
CA GLU I 138 29.24 -19.50 0.41
C GLU I 138 28.80 -20.47 1.50
N ILE I 139 28.78 -19.96 2.73
CA ILE I 139 28.38 -20.74 3.89
C ILE I 139 26.98 -21.34 3.72
N ILE I 140 26.03 -20.51 3.27
CA ILE I 140 24.68 -20.98 3.06
C ILE I 140 24.63 -21.98 1.89
N SER I 141 25.41 -21.70 0.85
CA SER I 141 25.43 -22.61 -0.29
C SER I 141 25.90 -24.01 0.11
N ASN I 142 26.96 -24.06 0.91
CA ASN I 142 27.51 -25.34 1.39
C ASN I 142 26.52 -26.08 2.29
N GLU I 143 25.82 -25.33 3.14
CA GLU I 143 24.87 -25.92 4.06
C GLU I 143 23.71 -26.57 3.34
N ILE I 144 23.20 -25.91 2.31
CA ILE I 144 22.08 -26.44 1.59
C ILE I 144 22.50 -27.66 0.75
N LEU I 145 23.74 -27.65 0.26
CA LEU I 145 24.20 -28.78 -0.53
C LEU I 145 24.37 -29.98 0.39
N ARG I 146 24.84 -29.72 1.61
CA ARG I 146 25.02 -30.79 2.59
C ARG I 146 23.65 -31.43 2.84
N LEU I 147 22.61 -30.59 2.91
CA LEU I 147 21.28 -31.11 3.13
C LEU I 147 20.80 -31.82 1.86
N LYS I 148 21.41 -31.48 0.72
CA LYS I 148 21.05 -32.12 -0.54
C LYS I 148 21.57 -33.55 -0.47
N GLY I 149 22.87 -33.68 -0.27
CA GLY I 149 23.50 -34.99 -0.17
C GLY I 149 22.90 -35.83 0.95
N LEU I 150 22.72 -35.21 2.11
CA LEU I 150 22.15 -35.91 3.25
C LEU I 150 20.82 -36.59 2.93
N MET I 151 19.90 -35.87 2.30
CA MET I 151 18.60 -36.44 2.00
C MET I 151 18.58 -37.34 0.78
N ASN I 152 19.52 -37.14 -0.14
CA ASN I 152 19.59 -38.00 -1.32
C ASN I 152 19.95 -39.38 -0.79
N SER I 153 20.82 -39.39 0.23
CA SER I 153 21.26 -40.62 0.87
C SER I 153 20.08 -41.40 1.44
N ILE I 154 19.41 -40.79 2.41
CA ILE I 154 18.25 -41.40 3.06
C ILE I 154 17.20 -41.84 2.05
N LEU I 155 17.16 -41.16 0.91
CA LEU I 155 16.21 -41.46 -0.14
C LEU I 155 16.60 -42.77 -0.83
N ALA I 156 17.89 -42.91 -1.11
CA ALA I 156 18.38 -44.12 -1.77
C ALA I 156 18.24 -45.27 -0.80
N GLN I 157 18.60 -45.03 0.45
CA GLN I 157 18.50 -46.04 1.49
C GLN I 157 17.08 -46.59 1.50
N ASN I 158 16.13 -45.69 1.65
CA ASN I 158 14.70 -46.03 1.71
C ASN I 158 14.14 -46.63 0.43
N SER I 159 14.70 -46.22 -0.71
CA SER I 159 14.19 -46.67 -1.99
C SER I 159 14.88 -47.91 -2.57
N GLY I 160 16.06 -48.22 -2.06
CA GLY I 160 16.80 -49.34 -2.61
C GLY I 160 17.63 -48.75 -3.74
N GLN I 161 17.09 -47.70 -4.36
CA GLN I 161 17.78 -47.01 -5.44
C GLN I 161 19.18 -46.59 -5.00
N SER I 162 20.05 -46.36 -5.95
CA SER I 162 21.42 -45.95 -5.66
C SER I 162 21.51 -44.43 -5.57
N LEU I 163 22.53 -43.94 -4.87
CA LEU I 163 22.71 -42.49 -4.71
C LEU I 163 22.68 -41.72 -6.05
N GLU I 164 23.61 -42.02 -6.94
CA GLU I 164 23.68 -41.34 -8.24
C GLU I 164 22.36 -41.34 -9.02
N GLN I 165 21.60 -42.42 -8.93
CA GLN I 165 20.33 -42.48 -9.63
C GLN I 165 19.37 -41.50 -8.97
N ILE I 166 19.31 -41.52 -7.64
CA ILE I 166 18.45 -40.63 -6.88
C ILE I 166 18.86 -39.19 -7.21
N ALA I 167 20.16 -38.94 -7.21
CA ALA I 167 20.70 -37.63 -7.52
C ALA I 167 20.23 -37.16 -8.89
N LYS I 168 20.31 -38.06 -9.87
CA LYS I 168 19.90 -37.73 -11.23
C LYS I 168 18.40 -37.41 -11.31
N ASP I 169 17.58 -38.28 -10.72
CA ASP I 169 16.13 -38.11 -10.76
C ASP I 169 15.57 -36.95 -9.95
N THR I 170 16.32 -36.43 -8.99
CA THR I 170 15.81 -35.30 -8.20
C THR I 170 16.33 -33.95 -8.68
N ASP I 171 17.18 -33.96 -9.71
CA ASP I 171 17.70 -32.72 -10.25
C ASP I 171 16.57 -31.71 -10.53
N ARG I 172 15.47 -32.20 -11.10
CA ARG I 172 14.30 -31.37 -11.37
C ARG I 172 13.10 -32.15 -10.83
N ASP I 173 11.98 -31.47 -10.61
CA ASP I 173 10.80 -32.15 -10.09
C ASP I 173 10.51 -33.45 -10.85
N PHE I 174 10.55 -34.56 -10.11
CA PHE I 174 10.30 -35.88 -10.66
C PHE I 174 8.89 -36.33 -10.24
N TYR I 175 7.94 -36.20 -11.15
CA TYR I 175 6.57 -36.59 -10.88
C TYR I 175 6.28 -38.03 -11.26
N MET I 176 5.51 -38.72 -10.42
CA MET I 176 5.18 -40.11 -10.68
C MET I 176 3.90 -40.61 -10.01
N SER I 177 3.32 -41.66 -10.60
CA SER I 177 2.08 -42.26 -10.12
C SER I 177 2.31 -43.09 -8.87
N ALA I 178 1.22 -43.53 -8.24
CA ALA I 178 1.32 -44.35 -7.04
C ALA I 178 2.08 -45.64 -7.40
N LYS I 179 1.74 -46.21 -8.56
CA LYS I 179 2.41 -47.43 -9.01
C LYS I 179 3.88 -47.14 -9.19
N GLU I 180 4.17 -46.05 -9.91
CA GLU I 180 5.54 -45.65 -10.18
C GLU I 180 6.32 -45.38 -8.91
N ALA I 181 5.65 -44.89 -7.87
CA ALA I 181 6.31 -44.63 -6.60
C ALA I 181 6.66 -45.97 -5.94
N LYS I 182 5.77 -46.95 -6.14
CA LYS I 182 5.94 -48.30 -5.60
C LYS I 182 7.12 -48.97 -6.30
N GLU I 183 7.12 -48.93 -7.62
CA GLU I 183 8.18 -49.51 -8.44
C GLU I 183 9.52 -48.84 -8.13
N TYR I 184 9.48 -47.56 -7.79
CA TYR I 184 10.70 -46.80 -7.49
C TYR I 184 11.22 -47.19 -6.10
N GLY I 185 10.33 -47.65 -5.23
CA GLY I 185 10.74 -48.06 -3.89
C GLY I 185 10.38 -47.09 -2.79
N LEU I 186 9.63 -46.05 -3.12
CA LEU I 186 9.21 -45.04 -2.16
C LEU I 186 8.05 -45.55 -1.32
N ILE I 187 7.21 -46.34 -1.97
CA ILE I 187 6.03 -46.92 -1.35
C ILE I 187 6.18 -48.44 -1.34
N ASP I 188 5.48 -49.11 -0.44
CA ASP I 188 5.53 -50.56 -0.34
C ASP I 188 4.32 -51.17 -1.08
N LYS I 189 3.15 -50.57 -0.89
CA LYS I 189 1.92 -51.05 -1.52
C LYS I 189 0.91 -49.94 -1.79
N VAL I 190 0.09 -50.15 -2.81
CA VAL I 190 -0.95 -49.21 -3.21
C VAL I 190 -2.32 -49.73 -2.77
N LEU I 191 -2.82 -49.25 -1.63
CA LEU I 191 -4.12 -49.68 -1.12
C LEU I 191 -5.18 -49.48 -2.19
N GLN I 192 -5.63 -50.59 -2.77
CA GLN I 192 -6.62 -50.57 -3.84
C GLN I 192 -8.04 -50.16 -3.40
N ASP J 20 -22.70 -27.47 18.03
CA ASP J 20 -22.20 -27.13 16.67
C ASP J 20 -23.06 -27.78 15.58
N ILE J 21 -23.86 -26.97 14.88
CA ILE J 21 -24.74 -27.46 13.83
C ILE J 21 -24.07 -28.45 12.91
N TYR J 22 -22.86 -28.14 12.48
CA TYR J 22 -22.15 -29.03 11.58
C TYR J 22 -21.79 -30.37 12.23
N SER J 23 -21.37 -30.34 13.49
CA SER J 23 -21.01 -31.57 14.21
C SER J 23 -22.27 -32.39 14.46
N ARG J 24 -23.36 -31.70 14.69
CA ARG J 24 -24.64 -32.37 14.94
C ARG J 24 -24.99 -33.20 13.71
N LEU J 25 -24.93 -32.59 12.53
CA LEU J 25 -25.25 -33.29 11.29
C LEU J 25 -24.29 -34.43 11.03
N LEU J 26 -23.16 -34.40 11.72
CA LEU J 26 -22.15 -35.43 11.57
C LEU J 26 -22.63 -36.74 12.22
N LYS J 27 -23.46 -36.61 13.27
CA LYS J 27 -24.02 -37.78 13.96
C LYS J 27 -24.97 -38.52 13.03
N ASP J 28 -25.59 -37.77 12.11
CA ASP J 28 -26.50 -38.35 11.13
C ASP J 28 -25.72 -38.83 9.91
N ARG J 29 -24.39 -38.72 10.00
CA ARG J 29 -23.52 -39.14 8.92
C ARG J 29 -23.64 -38.21 7.72
N ILE J 30 -23.77 -36.92 8.01
CA ILE J 30 -23.88 -35.90 6.99
C ILE J 30 -22.65 -35.01 7.01
N VAL J 31 -21.98 -34.96 5.87
CA VAL J 31 -20.78 -34.15 5.71
C VAL J 31 -21.08 -33.04 4.71
N LEU J 32 -20.61 -31.83 5.01
CA LEU J 32 -20.83 -30.69 4.11
C LEU J 32 -19.53 -30.22 3.50
N LEU J 33 -19.46 -30.28 2.18
CA LEU J 33 -18.30 -29.82 1.43
C LEU J 33 -18.76 -28.60 0.66
N SER J 34 -18.61 -27.42 1.26
CA SER J 34 -19.03 -26.18 0.60
C SER J 34 -17.88 -25.17 0.48
N GLY J 35 -17.85 -24.46 -0.64
CA GLY J 35 -16.82 -23.49 -0.87
C GLY J 35 -15.64 -24.08 -1.62
N GLU J 36 -14.63 -23.26 -1.84
CA GLU J 36 -13.44 -23.67 -2.56
C GLU J 36 -12.81 -24.91 -1.94
N ILE J 37 -12.17 -25.71 -2.77
CA ILE J 37 -11.48 -26.91 -2.33
C ILE J 37 -9.97 -26.69 -2.28
N ASN J 38 -9.38 -26.94 -1.11
CA ASN J 38 -7.94 -26.84 -0.91
C ASN J 38 -7.54 -27.90 0.12
N ASP J 39 -6.25 -27.99 0.41
CA ASP J 39 -5.75 -28.97 1.38
C ASP J 39 -6.42 -28.90 2.74
N SER J 40 -6.59 -27.69 3.24
CA SER J 40 -7.21 -27.52 4.53
C SER J 40 -8.64 -28.06 4.54
N VAL J 41 -9.41 -27.74 3.50
CA VAL J 41 -10.78 -28.19 3.38
C VAL J 41 -10.85 -29.69 3.10
N ALA J 42 -9.94 -30.17 2.25
CA ALA J 42 -9.88 -31.59 1.93
C ALA J 42 -9.60 -32.39 3.21
N SER J 43 -8.66 -31.89 4.02
CA SER J 43 -8.29 -32.55 5.27
C SER J 43 -9.45 -32.69 6.24
N SER J 44 -10.26 -31.63 6.35
CA SER J 44 -11.40 -31.69 7.24
C SER J 44 -12.42 -32.70 6.73
N ILE J 45 -12.45 -32.90 5.41
CA ILE J 45 -13.38 -33.85 4.83
C ILE J 45 -12.86 -35.26 5.00
N VAL J 46 -11.62 -35.50 4.59
CA VAL J 46 -11.02 -36.83 4.75
C VAL J 46 -11.20 -37.29 6.20
N ALA J 47 -10.80 -36.43 7.13
CA ALA J 47 -10.93 -36.70 8.56
C ALA J 47 -12.34 -37.15 8.92
N GLN J 48 -13.34 -36.38 8.48
CA GLN J 48 -14.73 -36.71 8.78
C GLN J 48 -15.10 -38.09 8.24
N LEU J 49 -14.69 -38.37 7.01
CA LEU J 49 -14.99 -39.67 6.41
C LEU J 49 -14.31 -40.77 7.25
N LEU J 50 -13.01 -40.61 7.51
CA LEU J 50 -12.27 -41.57 8.30
C LEU J 50 -12.94 -41.86 9.64
N PHE J 51 -13.51 -40.81 10.22
CA PHE J 51 -14.20 -40.94 11.51
C PHE J 51 -15.53 -41.70 11.35
N LEU J 52 -16.27 -41.42 10.28
CA LEU J 52 -17.55 -42.09 10.06
C LEU J 52 -17.37 -43.60 9.86
N GLU J 53 -16.35 -43.98 9.10
CA GLU J 53 -16.07 -45.41 8.86
C GLU J 53 -15.71 -46.09 10.18
N ALA J 54 -15.22 -45.31 11.14
CA ALA J 54 -14.87 -45.85 12.44
C ALA J 54 -16.17 -46.13 13.19
N GLU J 55 -16.99 -45.09 13.33
CA GLU J 55 -18.27 -45.19 14.04
C GLU J 55 -19.26 -46.21 13.46
N ASP J 56 -18.98 -46.73 12.28
CA ASP J 56 -19.84 -47.72 11.61
C ASP J 56 -19.41 -47.88 10.15
N PRO J 57 -18.60 -48.90 9.85
CA PRO J 57 -18.11 -49.15 8.49
C PRO J 57 -19.15 -49.72 7.53
N GLU J 58 -20.43 -49.62 7.87
CA GLU J 58 -21.47 -50.16 7.00
C GLU J 58 -22.59 -49.21 6.59
N LYS J 59 -22.89 -48.22 7.43
CA LYS J 59 -23.96 -47.27 7.10
C LYS J 59 -23.52 -46.21 6.10
N ASP J 60 -24.41 -45.90 5.16
CA ASP J 60 -24.13 -44.89 4.15
C ASP J 60 -23.74 -43.56 4.76
N ILE J 61 -22.98 -42.79 4.00
CA ILE J 61 -22.55 -41.45 4.41
C ILE J 61 -23.17 -40.45 3.43
N GLY J 62 -23.68 -39.35 3.96
CA GLY J 62 -24.27 -38.33 3.10
C GLY J 62 -23.29 -37.20 2.88
N LEU J 63 -22.80 -37.05 1.65
CA LEU J 63 -21.86 -35.99 1.30
C LEU J 63 -22.53 -34.92 0.42
N TYR J 64 -22.96 -33.83 1.05
CA TYR J 64 -23.60 -32.72 0.33
C TYR J 64 -22.53 -31.82 -0.24
N ILE J 65 -22.63 -31.55 -1.54
CA ILE J 65 -21.65 -30.75 -2.23
C ILE J 65 -22.19 -29.46 -2.88
N ASN J 66 -21.50 -28.35 -2.57
CA ASN J 66 -21.79 -27.05 -3.14
C ASN J 66 -20.41 -26.41 -3.23
N SER J 67 -19.70 -26.68 -4.32
CA SER J 67 -18.37 -26.13 -4.48
C SER J 67 -18.06 -25.70 -5.90
N PRO J 68 -17.27 -24.64 -6.04
CA PRO J 68 -16.90 -24.13 -7.36
C PRO J 68 -15.64 -24.85 -7.82
N GLY J 69 -15.16 -25.75 -6.98
CA GLY J 69 -13.95 -26.50 -7.29
C GLY J 69 -12.78 -26.15 -6.40
N GLY J 70 -11.56 -26.37 -6.89
CA GLY J 70 -10.39 -26.07 -6.11
C GLY J 70 -9.16 -26.82 -6.59
N VAL J 71 -8.17 -26.96 -5.68
CA VAL J 71 -6.92 -27.66 -5.96
C VAL J 71 -7.17 -29.12 -6.33
N ILE J 72 -6.46 -29.59 -7.36
CA ILE J 72 -6.59 -30.95 -7.89
C ILE J 72 -6.21 -32.09 -6.93
N THR J 73 -4.97 -32.09 -6.46
CA THR J 73 -4.58 -33.16 -5.55
C THR J 73 -5.44 -33.13 -4.28
N SER J 74 -6.03 -31.97 -3.97
CA SER J 74 -6.86 -31.83 -2.78
C SER J 74 -8.18 -32.59 -2.94
N GLY J 75 -8.78 -32.47 -4.11
CA GLY J 75 -10.04 -33.17 -4.35
C GLY J 75 -9.75 -34.64 -4.59
N LEU J 76 -8.57 -34.91 -5.14
CA LEU J 76 -8.18 -36.27 -5.43
C LEU J 76 -8.04 -37.08 -4.14
N SER J 77 -7.57 -36.43 -3.07
CA SER J 77 -7.41 -37.14 -1.80
C SER J 77 -8.80 -37.46 -1.25
N ILE J 78 -9.77 -36.59 -1.52
CA ILE J 78 -11.14 -36.77 -1.04
C ILE J 78 -11.80 -37.92 -1.79
N TYR J 79 -11.61 -37.91 -3.10
CA TYR J 79 -12.14 -38.94 -3.98
C TYR J 79 -11.60 -40.31 -3.59
N ASP J 80 -10.28 -40.41 -3.44
CA ASP J 80 -9.64 -41.67 -3.06
C ASP J 80 -10.04 -42.16 -1.67
N THR J 81 -10.30 -41.22 -0.75
CA THR J 81 -10.68 -41.58 0.60
C THR J 81 -12.10 -42.15 0.59
N MET J 82 -12.90 -41.68 -0.38
CA MET J 82 -14.29 -42.11 -0.54
C MET J 82 -14.40 -43.57 -0.91
N ASN J 83 -13.51 -44.04 -1.78
CA ASN J 83 -13.52 -45.44 -2.18
C ASN J 83 -12.65 -46.27 -1.24
N PHE J 84 -11.82 -45.57 -0.46
CA PHE J 84 -10.92 -46.24 0.48
C PHE J 84 -11.69 -46.82 1.67
N ILE J 85 -12.59 -46.03 2.24
CA ILE J 85 -13.38 -46.48 3.38
C ILE J 85 -14.36 -47.58 2.95
N ARG J 86 -14.97 -48.26 3.90
CA ARG J 86 -15.92 -49.31 3.59
C ARG J 86 -17.32 -48.76 3.20
N PRO J 87 -17.86 -47.80 3.99
CA PRO J 87 -19.18 -47.24 3.68
C PRO J 87 -19.32 -46.59 2.29
N ASP J 88 -20.52 -46.66 1.75
CA ASP J 88 -20.81 -46.06 0.45
C ASP J 88 -20.96 -44.57 0.73
N VAL J 89 -20.36 -43.75 -0.10
CA VAL J 89 -20.48 -42.32 0.08
C VAL J 89 -21.43 -41.76 -0.95
N SER J 90 -22.62 -41.40 -0.51
CA SER J 90 -23.62 -40.83 -1.40
C SER J 90 -23.33 -39.33 -1.58
N THR J 91 -23.22 -38.88 -2.83
CA THR J 91 -22.96 -37.46 -3.12
C THR J 91 -24.26 -36.74 -3.47
N ILE J 92 -24.44 -35.54 -2.92
CA ILE J 92 -25.64 -34.75 -3.17
C ILE J 92 -25.30 -33.28 -3.49
N CYS J 93 -25.64 -32.85 -4.70
CA CYS J 93 -25.34 -31.50 -5.14
C CYS J 93 -26.42 -30.47 -4.83
N ILE J 94 -26.03 -29.41 -4.14
CA ILE J 94 -26.96 -28.32 -3.82
C ILE J 94 -26.25 -27.04 -4.24
N GLY J 95 -27.00 -26.10 -4.81
CA GLY J 95 -26.39 -24.87 -5.29
C GLY J 95 -25.65 -25.21 -6.57
N GLN J 96 -24.40 -25.62 -6.44
CA GLN J 96 -23.61 -25.99 -7.60
C GLN J 96 -22.52 -26.98 -7.27
N ALA J 97 -21.94 -27.54 -8.33
CA ALA J 97 -20.83 -28.47 -8.26
C ALA J 97 -20.08 -28.17 -9.55
N ALA J 98 -18.89 -27.60 -9.41
CA ALA J 98 -18.09 -27.27 -10.59
C ALA J 98 -16.63 -27.68 -10.43
N SER J 99 -15.93 -27.79 -11.57
CA SER J 99 -14.53 -28.18 -11.58
C SER J 99 -14.43 -29.42 -10.72
N MET J 100 -13.51 -29.41 -9.75
CA MET J 100 -13.30 -30.54 -8.86
C MET J 100 -14.59 -30.96 -8.16
N GLY J 101 -15.49 -30.00 -7.96
CA GLY J 101 -16.76 -30.28 -7.31
C GLY J 101 -17.62 -31.21 -8.15
N ALA J 102 -17.74 -30.91 -9.43
CA ALA J 102 -18.55 -31.77 -10.30
C ALA J 102 -17.90 -33.15 -10.30
N PHE J 103 -16.57 -33.17 -10.48
CA PHE J 103 -15.79 -34.41 -10.50
C PHE J 103 -16.16 -35.28 -9.29
N LEU J 104 -16.11 -34.72 -8.10
CA LEU J 104 -16.42 -35.49 -6.89
C LEU J 104 -17.86 -36.00 -6.87
N LEU J 105 -18.81 -35.16 -7.30
CA LEU J 105 -20.22 -35.53 -7.33
C LEU J 105 -20.40 -36.83 -8.08
N SER J 106 -19.74 -36.93 -9.24
CA SER J 106 -19.83 -38.11 -10.08
C SER J 106 -19.09 -39.31 -9.50
N CYS J 107 -18.31 -39.08 -8.45
CA CYS J 107 -17.56 -40.17 -7.83
C CYS J 107 -18.34 -40.80 -6.70
N GLY J 108 -19.58 -40.34 -6.50
CA GLY J 108 -20.39 -40.92 -5.44
C GLY J 108 -20.74 -42.36 -5.77
N ALA J 109 -21.13 -43.13 -4.74
CA ALA J 109 -21.52 -44.53 -4.89
C ALA J 109 -22.57 -44.69 -5.98
N LYS J 110 -22.33 -45.59 -6.92
CA LYS J 110 -23.26 -45.85 -8.03
C LYS J 110 -24.67 -46.01 -7.51
N GLY J 111 -25.58 -45.21 -8.04
CA GLY J 111 -26.97 -45.27 -7.61
C GLY J 111 -27.34 -44.25 -6.55
N LYS J 112 -26.36 -43.65 -5.90
CA LYS J 112 -26.66 -42.67 -4.85
C LYS J 112 -26.06 -41.28 -5.10
N ARG J 113 -25.79 -40.98 -6.35
CA ARG J 113 -25.26 -39.66 -6.73
C ARG J 113 -26.49 -38.81 -7.05
N PHE J 114 -26.82 -37.92 -6.12
CA PHE J 114 -28.00 -37.05 -6.25
C PHE J 114 -27.71 -35.56 -6.52
N SER J 115 -28.77 -34.82 -6.79
CA SER J 115 -28.70 -33.39 -7.05
C SER J 115 -30.08 -32.79 -6.91
N LEU J 116 -30.15 -31.59 -6.33
CA LEU J 116 -31.43 -30.92 -6.16
C LEU J 116 -31.85 -30.30 -7.47
N PRO J 117 -33.16 -30.12 -7.66
CA PRO J 117 -33.74 -29.55 -8.87
C PRO J 117 -33.08 -28.34 -9.52
N HIS J 118 -32.63 -27.39 -8.72
CA HIS J 118 -32.04 -26.18 -9.30
C HIS J 118 -30.53 -25.96 -9.14
N SER J 119 -29.79 -27.05 -8.99
CA SER J 119 -28.34 -26.98 -8.86
C SER J 119 -27.71 -26.93 -10.23
N ARG J 120 -26.52 -26.35 -10.33
CA ARG J 120 -25.81 -26.27 -11.60
C ARG J 120 -24.58 -27.19 -11.51
N ILE J 121 -24.26 -27.84 -12.62
CA ILE J 121 -23.11 -28.73 -12.67
C ILE J 121 -22.27 -28.27 -13.84
N MET J 122 -20.97 -28.19 -13.64
CA MET J 122 -20.10 -27.76 -14.72
C MET J 122 -18.79 -28.52 -14.61
N ILE J 123 -18.25 -28.92 -15.77
CA ILE J 123 -17.00 -29.67 -15.83
C ILE J 123 -16.10 -28.99 -16.85
N HIS J 124 -14.79 -29.12 -16.68
CA HIS J 124 -13.85 -28.50 -17.59
C HIS J 124 -12.51 -29.19 -17.47
N GLN J 125 -11.50 -28.67 -18.16
CA GLN J 125 -10.18 -29.24 -18.07
C GLN J 125 -9.51 -28.52 -16.92
N PRO J 126 -8.38 -29.07 -16.41
CA PRO J 126 -7.69 -28.43 -15.30
C PRO J 126 -6.97 -27.12 -15.58
N LEU J 127 -6.84 -26.31 -14.55
CA LEU J 127 -6.17 -25.02 -14.62
C LEU J 127 -4.91 -25.10 -13.76
N GLY J 128 -3.92 -24.26 -14.06
CA GLY J 128 -2.69 -24.27 -13.30
C GLY J 128 -1.72 -23.20 -13.77
N GLY J 129 -0.43 -23.39 -13.48
CA GLY J 129 0.56 -22.42 -13.89
C GLY J 129 1.99 -22.90 -13.74
N ALA J 130 2.89 -22.32 -14.54
CA ALA J 130 4.29 -22.65 -14.51
C ALA J 130 5.07 -21.35 -14.70
N GLN J 131 6.30 -21.31 -14.19
CA GLN J 131 7.12 -20.12 -14.31
C GLN J 131 8.60 -20.51 -14.06
N GLY J 132 9.50 -20.00 -14.90
CA GLY J 132 10.91 -20.35 -14.72
C GLY J 132 11.57 -20.85 -16.00
N GLN J 133 12.50 -21.80 -15.85
CA GLN J 133 13.20 -22.36 -17.01
C GLN J 133 12.29 -23.24 -17.84
N ALA J 134 12.58 -23.32 -19.15
CA ALA J 134 11.78 -24.14 -20.05
C ALA J 134 11.77 -25.62 -19.64
N SER J 135 12.85 -26.08 -19.02
CA SER J 135 12.92 -27.47 -18.57
C SER J 135 11.83 -27.74 -17.53
N ASP J 136 11.70 -26.79 -16.58
CA ASP J 136 10.71 -26.89 -15.51
C ASP J 136 9.30 -26.63 -16.02
N ILE J 137 9.18 -25.74 -16.99
CA ILE J 137 7.88 -25.42 -17.56
C ILE J 137 7.35 -26.66 -18.29
N GLU J 138 8.23 -27.34 -19.01
CA GLU J 138 7.86 -28.54 -19.72
C GLU J 138 7.35 -29.56 -18.70
N ILE J 139 8.14 -29.74 -17.64
CA ILE J 139 7.80 -30.68 -16.57
C ILE J 139 6.45 -30.40 -15.95
N ILE J 140 6.16 -29.13 -15.73
CA ILE J 140 4.89 -28.75 -15.14
C ILE J 140 3.79 -28.94 -16.15
N SER J 141 4.08 -28.57 -17.39
CA SER J 141 3.09 -28.71 -18.45
C SER J 141 2.51 -30.13 -18.49
N ASN J 142 3.29 -31.08 -18.97
CA ASN J 142 2.78 -32.43 -19.08
C ASN J 142 2.34 -33.11 -17.76
N GLU J 143 2.58 -32.46 -16.63
CA GLU J 143 2.12 -33.03 -15.37
C GLU J 143 0.64 -32.71 -15.28
N ILE J 144 0.25 -31.53 -15.76
CA ILE J 144 -1.15 -31.13 -15.74
C ILE J 144 -1.86 -31.86 -16.86
N LEU J 145 -1.11 -32.26 -17.89
CA LEU J 145 -1.70 -33.01 -19.00
C LEU J 145 -2.06 -34.39 -18.47
N ARG J 146 -1.19 -34.91 -17.60
CA ARG J 146 -1.38 -36.21 -16.97
C ARG J 146 -2.64 -36.18 -16.12
N LEU J 147 -2.74 -35.17 -15.26
CA LEU J 147 -3.92 -35.03 -14.40
C LEU J 147 -5.15 -34.78 -15.22
N LYS J 148 -4.95 -34.22 -16.42
CA LYS J 148 -6.07 -33.94 -17.31
C LYS J 148 -6.59 -35.28 -17.83
N GLY J 149 -5.68 -36.08 -18.38
CA GLY J 149 -6.04 -37.38 -18.91
C GLY J 149 -6.72 -38.22 -17.84
N LEU J 150 -6.09 -38.31 -16.68
CA LEU J 150 -6.62 -39.07 -15.56
C LEU J 150 -8.06 -38.65 -15.27
N MET J 151 -8.29 -37.35 -15.13
CA MET J 151 -9.62 -36.85 -14.83
C MET J 151 -10.61 -37.24 -15.92
N ASN J 152 -10.33 -36.86 -17.16
CA ASN J 152 -11.23 -37.20 -18.27
C ASN J 152 -11.63 -38.67 -18.22
N SER J 153 -10.64 -39.54 -18.20
CA SER J 153 -10.87 -40.97 -18.17
C SER J 153 -11.77 -41.39 -17.00
N ILE J 154 -11.54 -40.80 -15.83
CA ILE J 154 -12.37 -41.14 -14.67
C ILE J 154 -13.79 -40.63 -14.85
N LEU J 155 -13.95 -39.54 -15.58
CA LEU J 155 -15.27 -38.97 -15.84
C LEU J 155 -15.97 -39.90 -16.83
N ALA J 156 -15.21 -40.34 -17.82
CA ALA J 156 -15.74 -41.24 -18.83
C ALA J 156 -16.34 -42.47 -18.13
N GLN J 157 -15.54 -43.17 -17.35
CA GLN J 157 -16.00 -44.38 -16.65
C GLN J 157 -16.95 -44.13 -15.47
N ASN J 158 -17.33 -42.89 -15.23
CA ASN J 158 -18.25 -42.60 -14.14
C ASN J 158 -19.59 -42.20 -14.76
N SER J 159 -19.52 -41.67 -15.98
CA SER J 159 -20.72 -41.21 -16.67
C SER J 159 -21.19 -42.10 -17.82
N GLY J 160 -20.33 -42.98 -18.31
CA GLY J 160 -20.70 -43.83 -19.43
C GLY J 160 -20.34 -43.15 -20.74
N GLN J 161 -19.69 -41.99 -20.66
CA GLN J 161 -19.31 -41.24 -21.85
C GLN J 161 -17.94 -41.70 -22.32
N SER J 162 -17.66 -41.54 -23.60
CA SER J 162 -16.36 -41.94 -24.13
C SER J 162 -15.30 -40.93 -23.72
N LEU J 163 -14.05 -41.36 -23.74
CA LEU J 163 -12.96 -40.47 -23.38
C LEU J 163 -12.98 -39.30 -24.34
N GLU J 164 -13.21 -39.61 -25.63
CA GLU J 164 -13.26 -38.57 -26.67
C GLU J 164 -14.39 -37.60 -26.41
N GLN J 165 -15.54 -38.11 -25.97
CA GLN J 165 -16.70 -37.27 -25.71
C GLN J 165 -16.42 -36.33 -24.53
N ILE J 166 -15.94 -36.91 -23.43
CA ILE J 166 -15.61 -36.15 -22.23
C ILE J 166 -14.55 -35.12 -22.55
N ALA J 167 -13.44 -35.59 -23.10
CA ALA J 167 -12.31 -34.74 -23.46
C ALA J 167 -12.74 -33.49 -24.21
N LYS J 168 -13.63 -33.64 -25.18
CA LYS J 168 -14.07 -32.50 -25.95
C LYS J 168 -15.10 -31.64 -25.26
N ASP J 169 -15.93 -32.23 -24.42
CA ASP J 169 -16.96 -31.48 -23.70
C ASP J 169 -16.37 -30.66 -22.55
N THR J 170 -15.15 -30.99 -22.14
CA THR J 170 -14.50 -30.26 -21.05
C THR J 170 -13.43 -29.32 -21.58
N ASP J 171 -13.29 -29.23 -22.89
CA ASP J 171 -12.28 -28.35 -23.51
C ASP J 171 -12.49 -26.93 -22.98
N ARG J 172 -13.74 -26.62 -22.66
CA ARG J 172 -14.13 -25.34 -22.11
C ARG J 172 -15.26 -25.60 -21.11
N ASP J 173 -15.63 -24.59 -20.34
CA ASP J 173 -16.67 -24.73 -19.34
C ASP J 173 -17.98 -25.27 -19.91
N PHE J 174 -18.44 -26.36 -19.32
CA PHE J 174 -19.65 -27.03 -19.74
C PHE J 174 -20.63 -27.00 -18.57
N TYR J 175 -21.54 -26.03 -18.57
CA TYR J 175 -22.53 -25.92 -17.51
C TYR J 175 -23.77 -26.70 -17.93
N MET J 176 -24.51 -27.20 -16.96
CA MET J 176 -25.73 -27.93 -17.26
C MET J 176 -26.60 -28.00 -16.02
N SER J 177 -27.89 -28.22 -16.22
CA SER J 177 -28.84 -28.30 -15.12
C SER J 177 -28.82 -29.67 -14.47
N ALA J 178 -29.61 -29.81 -13.42
CA ALA J 178 -29.70 -31.08 -12.71
C ALA J 178 -30.20 -32.18 -13.65
N LYS J 179 -31.39 -32.01 -14.24
CA LYS J 179 -31.92 -33.04 -15.12
C LYS J 179 -30.96 -33.31 -16.27
N GLU J 180 -30.27 -32.28 -16.75
CA GLU J 180 -29.31 -32.45 -17.82
C GLU J 180 -28.11 -33.24 -17.32
N ALA J 181 -27.80 -33.08 -16.03
CA ALA J 181 -26.68 -33.78 -15.43
C ALA J 181 -26.97 -35.28 -15.35
N LYS J 182 -28.26 -35.61 -15.19
CA LYS J 182 -28.66 -37.00 -15.13
C LYS J 182 -28.50 -37.60 -16.53
N GLU J 183 -28.94 -36.88 -17.54
CA GLU J 183 -28.80 -37.36 -18.90
C GLU J 183 -27.36 -37.67 -19.28
N TYR J 184 -26.43 -36.82 -18.87
CA TYR J 184 -25.03 -37.01 -19.20
C TYR J 184 -24.41 -38.16 -18.41
N GLY J 185 -25.02 -38.51 -17.29
CA GLY J 185 -24.52 -39.60 -16.46
C GLY J 185 -23.68 -39.19 -15.25
N LEU J 186 -23.58 -37.89 -14.98
CA LEU J 186 -22.79 -37.42 -13.83
C LEU J 186 -23.50 -37.79 -12.54
N ILE J 187 -24.82 -37.80 -12.57
CA ILE J 187 -25.60 -38.16 -11.38
C ILE J 187 -26.65 -39.21 -11.74
N ASP J 188 -27.25 -39.80 -10.72
CA ASP J 188 -28.26 -40.83 -10.96
C ASP J 188 -29.68 -40.28 -10.85
N LYS J 189 -29.96 -39.52 -9.81
CA LYS J 189 -31.31 -39.01 -9.60
C LYS J 189 -31.38 -37.56 -9.11
N VAL J 190 -32.47 -36.88 -9.46
CA VAL J 190 -32.70 -35.51 -9.03
C VAL J 190 -33.85 -35.51 -8.03
N LEU J 191 -33.55 -35.38 -6.74
CA LEU J 191 -34.62 -35.38 -5.75
C LEU J 191 -35.65 -34.30 -6.13
N GLN J 192 -36.91 -34.52 -5.77
CA GLN J 192 -37.99 -33.56 -6.05
C GLN J 192 -38.49 -32.88 -4.79
N ASP K 20 -25.79 -19.07 23.60
CA ASP K 20 -25.88 -18.23 22.36
C ASP K 20 -27.34 -17.87 22.10
N ILE K 21 -27.58 -16.63 21.70
CA ILE K 21 -28.95 -16.15 21.43
C ILE K 21 -29.54 -16.79 20.17
N TYR K 22 -28.79 -16.73 19.09
CA TYR K 22 -29.25 -17.29 17.84
C TYR K 22 -29.53 -18.77 17.99
N SER K 23 -28.72 -19.44 18.81
CA SER K 23 -28.90 -20.87 19.03
C SER K 23 -30.12 -21.12 19.92
N ARG K 24 -30.44 -20.17 20.79
CA ARG K 24 -31.60 -20.32 21.66
C ARG K 24 -32.87 -20.17 20.83
N LEU K 25 -32.82 -19.33 19.80
CA LEU K 25 -33.98 -19.11 18.94
C LEU K 25 -34.10 -20.23 17.92
N LEU K 26 -32.99 -20.92 17.66
CA LEU K 26 -33.01 -22.01 16.72
C LEU K 26 -33.92 -23.10 17.29
N LYS K 27 -33.95 -23.20 18.62
CA LYS K 27 -34.77 -24.20 19.31
C LYS K 27 -36.25 -23.93 19.07
N ASP K 28 -36.61 -22.65 18.94
CA ASP K 28 -37.99 -22.31 18.68
C ASP K 28 -38.28 -22.40 17.19
N ARG K 29 -37.40 -23.07 16.46
CA ARG K 29 -37.55 -23.27 15.01
C ARG K 29 -37.35 -21.99 14.20
N ILE K 30 -36.58 -21.05 14.74
CA ILE K 30 -36.33 -19.78 14.05
C ILE K 30 -34.93 -19.71 13.45
N VAL K 31 -34.84 -19.56 12.14
CA VAL K 31 -33.57 -19.46 11.46
C VAL K 31 -33.43 -18.07 10.87
N LEU K 32 -32.30 -17.45 11.16
CA LEU K 32 -32.06 -16.10 10.69
C LEU K 32 -31.05 -15.97 9.54
N LEU K 33 -31.50 -15.38 8.45
CA LEU K 33 -30.65 -15.13 7.29
C LEU K 33 -30.50 -13.63 7.32
N SER K 34 -29.35 -13.16 7.77
CA SER K 34 -29.08 -11.73 7.87
C SER K 34 -27.83 -11.38 7.07
N GLY K 35 -27.86 -10.32 6.27
CA GLY K 35 -26.70 -9.94 5.49
C GLY K 35 -26.50 -10.64 4.15
N GLU K 36 -25.38 -10.36 3.49
CA GLU K 36 -25.08 -10.94 2.18
C GLU K 36 -25.04 -12.47 2.13
N ILE K 37 -25.53 -13.01 1.02
CA ILE K 37 -25.59 -14.45 0.79
C ILE K 37 -24.42 -14.97 -0.06
N ASN K 38 -23.73 -15.97 0.47
CA ASN K 38 -22.60 -16.61 -0.20
C ASN K 38 -22.57 -18.03 0.35
N ASP K 39 -21.61 -18.85 -0.08
CA ASP K 39 -21.54 -20.25 0.35
C ASP K 39 -21.44 -20.49 1.85
N SER K 40 -20.58 -19.72 2.52
CA SER K 40 -20.42 -19.88 3.95
C SER K 40 -21.77 -19.69 4.60
N VAL K 41 -22.40 -18.56 4.33
CA VAL K 41 -23.71 -18.26 4.90
C VAL K 41 -24.74 -19.31 4.51
N ALA K 42 -24.89 -19.55 3.22
CA ALA K 42 -25.87 -20.52 2.74
C ALA K 42 -25.70 -21.87 3.44
N SER K 43 -24.45 -22.27 3.64
CA SER K 43 -24.13 -23.53 4.29
C SER K 43 -24.70 -23.54 5.71
N SER K 44 -24.56 -22.42 6.40
CA SER K 44 -25.07 -22.28 7.76
C SER K 44 -26.60 -22.42 7.79
N ILE K 45 -27.26 -21.85 6.80
CA ILE K 45 -28.72 -21.91 6.72
C ILE K 45 -29.18 -23.30 6.33
N VAL K 46 -28.57 -23.86 5.30
CA VAL K 46 -28.92 -25.20 4.83
C VAL K 46 -28.80 -26.18 5.99
N ALA K 47 -27.68 -26.12 6.71
CA ALA K 47 -27.43 -27.00 7.83
C ALA K 47 -28.52 -26.82 8.89
N GLN K 48 -28.86 -25.57 9.17
CA GLN K 48 -29.87 -25.29 10.18
C GLN K 48 -31.22 -25.92 9.83
N LEU K 49 -31.56 -25.94 8.55
CA LEU K 49 -32.82 -26.52 8.10
C LEU K 49 -32.84 -28.04 8.21
N LEU K 50 -31.76 -28.69 7.78
CA LEU K 50 -31.67 -30.14 7.82
C LEU K 50 -31.74 -30.66 9.24
N PHE K 51 -31.29 -29.84 10.19
CA PHE K 51 -31.32 -30.20 11.61
C PHE K 51 -32.75 -30.05 12.07
N LEU K 52 -33.33 -28.89 11.78
CA LEU K 52 -34.71 -28.57 12.15
C LEU K 52 -35.70 -29.62 11.68
N GLU K 53 -35.40 -30.30 10.58
CA GLU K 53 -36.31 -31.33 10.10
C GLU K 53 -36.11 -32.58 10.94
N ALA K 54 -34.85 -32.96 11.14
CA ALA K 54 -34.55 -34.13 11.95
C ALA K 54 -35.18 -33.96 13.33
N GLU K 55 -35.08 -32.77 13.91
CA GLU K 55 -35.66 -32.50 15.24
C GLU K 55 -37.20 -32.48 15.25
N ASP K 56 -37.80 -32.60 14.06
CA ASP K 56 -39.25 -32.61 13.90
C ASP K 56 -39.58 -32.34 12.44
N PRO K 57 -39.94 -33.40 11.69
CA PRO K 57 -40.26 -33.18 10.28
C PRO K 57 -41.67 -32.65 10.01
N GLU K 58 -42.39 -32.27 11.06
CA GLU K 58 -43.75 -31.75 10.90
C GLU K 58 -43.95 -30.30 11.35
N LYS K 59 -43.33 -29.92 12.46
CA LYS K 59 -43.46 -28.55 12.96
C LYS K 59 -42.80 -27.56 11.98
N ASP K 60 -43.49 -26.44 11.77
CA ASP K 60 -43.02 -25.38 10.87
C ASP K 60 -41.70 -24.74 11.27
N ILE K 61 -41.16 -23.93 10.36
CA ILE K 61 -39.91 -23.22 10.58
C ILE K 61 -40.05 -21.75 10.21
N GLY K 62 -39.46 -20.90 11.04
CA GLY K 62 -39.51 -19.47 10.78
C GLY K 62 -38.19 -19.04 10.17
N LEU K 63 -38.26 -18.52 8.94
CA LEU K 63 -37.07 -18.05 8.24
C LEU K 63 -37.14 -16.55 8.08
N TYR K 64 -36.62 -15.82 9.08
CA TYR K 64 -36.58 -14.36 9.03
C TYR K 64 -35.49 -13.89 8.07
N ILE K 65 -35.88 -13.11 7.07
CA ILE K 65 -34.94 -12.64 6.05
C ILE K 65 -34.72 -11.13 6.10
N ASN K 66 -33.45 -10.75 6.06
CA ASN K 66 -33.01 -9.36 6.07
C ASN K 66 -31.66 -9.42 5.35
N SER K 67 -31.72 -9.33 4.04
CA SER K 67 -30.52 -9.43 3.23
C SER K 67 -30.54 -8.55 1.98
N PRO K 68 -29.36 -8.11 1.55
CA PRO K 68 -29.29 -7.27 0.34
C PRO K 68 -29.09 -8.23 -0.85
N GLY K 69 -29.06 -9.52 -0.56
CA GLY K 69 -28.86 -10.49 -1.62
C GLY K 69 -27.46 -11.11 -1.61
N GLY K 70 -27.03 -11.63 -2.75
CA GLY K 70 -25.72 -12.25 -2.85
C GLY K 70 -25.55 -13.20 -4.03
N VAL K 71 -24.73 -14.23 -3.82
CA VAL K 71 -24.45 -15.22 -4.85
C VAL K 71 -25.66 -16.08 -5.23
N ILE K 72 -25.91 -16.16 -6.53
CA ILE K 72 -27.04 -16.93 -7.04
C ILE K 72 -27.06 -18.40 -6.61
N THR K 73 -26.10 -19.19 -7.08
CA THR K 73 -26.05 -20.61 -6.72
C THR K 73 -26.22 -20.83 -5.22
N SER K 74 -25.58 -20.00 -4.40
CA SER K 74 -25.70 -20.12 -2.95
C SER K 74 -27.17 -19.95 -2.56
N GLY K 75 -27.79 -18.89 -3.08
CA GLY K 75 -29.18 -18.67 -2.77
C GLY K 75 -30.00 -19.86 -3.23
N LEU K 76 -29.68 -20.36 -4.43
CA LEU K 76 -30.38 -21.51 -4.99
C LEU K 76 -30.30 -22.71 -4.04
N SER K 77 -29.23 -22.78 -3.25
CA SER K 77 -29.04 -23.87 -2.29
C SER K 77 -30.08 -23.81 -1.19
N ILE K 78 -30.25 -22.63 -0.62
CA ILE K 78 -31.21 -22.39 0.44
C ILE K 78 -32.62 -22.63 -0.10
N TYR K 79 -32.82 -22.27 -1.35
CA TYR K 79 -34.10 -22.44 -2.00
C TYR K 79 -34.46 -23.92 -2.07
N ASP K 80 -33.72 -24.69 -2.86
CA ASP K 80 -33.99 -26.10 -3.00
C ASP K 80 -34.11 -26.86 -1.67
N THR K 81 -33.26 -26.51 -0.70
CA THR K 81 -33.28 -27.17 0.61
C THR K 81 -34.59 -26.87 1.31
N MET K 82 -35.14 -25.70 1.02
CA MET K 82 -36.40 -25.29 1.63
C MET K 82 -37.52 -26.21 1.19
N ASN K 83 -37.46 -26.68 -0.06
CA ASN K 83 -38.49 -27.56 -0.60
C ASN K 83 -38.14 -29.04 -0.43
N PHE K 84 -36.86 -29.32 -0.18
CA PHE K 84 -36.40 -30.69 0.00
C PHE K 84 -36.89 -31.25 1.33
N ILE K 85 -36.86 -30.41 2.37
CA ILE K 85 -37.29 -30.83 3.69
C ILE K 85 -38.81 -30.87 3.76
N ARG K 86 -39.33 -31.71 4.64
CA ARG K 86 -40.77 -31.87 4.80
C ARG K 86 -41.42 -30.67 5.50
N PRO K 87 -40.78 -30.10 6.53
CA PRO K 87 -41.37 -28.96 7.23
C PRO K 87 -41.73 -27.78 6.35
N ASP K 88 -42.73 -27.01 6.78
CA ASP K 88 -43.16 -25.84 6.04
C ASP K 88 -42.19 -24.74 6.41
N VAL K 89 -41.60 -24.07 5.41
CA VAL K 89 -40.68 -22.99 5.70
C VAL K 89 -41.33 -21.64 5.49
N SER K 90 -41.74 -21.01 6.59
CA SER K 90 -42.36 -19.70 6.56
C SER K 90 -41.25 -18.65 6.43
N THR K 91 -41.46 -17.65 5.59
CA THR K 91 -40.47 -16.60 5.40
C THR K 91 -41.02 -15.27 5.92
N ILE K 92 -40.19 -14.56 6.68
CA ILE K 92 -40.57 -13.27 7.26
C ILE K 92 -39.49 -12.23 6.95
N CYS K 93 -39.84 -11.25 6.12
CA CYS K 93 -38.91 -10.20 5.72
C CYS K 93 -38.88 -8.99 6.67
N ILE K 94 -37.75 -8.82 7.38
CA ILE K 94 -37.61 -7.68 8.28
C ILE K 94 -36.54 -6.78 7.67
N GLY K 95 -36.65 -5.48 7.90
CA GLY K 95 -35.67 -4.57 7.34
C GLY K 95 -35.78 -4.54 5.84
N GLN K 96 -35.19 -5.53 5.17
CA GLN K 96 -35.25 -5.59 3.71
C GLN K 96 -35.00 -6.98 3.15
N ALA K 97 -35.45 -7.17 1.90
CA ALA K 97 -35.28 -8.41 1.18
C ALA K 97 -35.05 -7.94 -0.26
N ALA K 98 -33.80 -7.99 -0.70
CA ALA K 98 -33.45 -7.53 -2.04
C ALA K 98 -32.68 -8.56 -2.84
N SER K 99 -32.75 -8.43 -4.16
CA SER K 99 -32.06 -9.38 -5.04
C SER K 99 -32.41 -10.81 -4.63
N MET K 100 -31.38 -11.64 -4.46
CA MET K 100 -31.55 -13.03 -4.08
C MET K 100 -32.35 -13.18 -2.80
N GLY K 101 -32.42 -12.10 -2.02
CA GLY K 101 -33.15 -12.13 -0.77
C GLY K 101 -34.64 -12.09 -1.05
N ALA K 102 -35.04 -11.22 -1.98
CA ALA K 102 -36.44 -11.12 -2.35
C ALA K 102 -36.92 -12.50 -2.84
N PHE K 103 -36.22 -13.02 -3.83
CA PHE K 103 -36.50 -14.33 -4.40
C PHE K 103 -36.74 -15.36 -3.29
N LEU K 104 -35.79 -15.47 -2.36
CA LEU K 104 -35.93 -16.42 -1.27
C LEU K 104 -37.17 -16.21 -0.42
N LEU K 105 -37.43 -14.96 -0.03
CA LEU K 105 -38.63 -14.65 0.75
C LEU K 105 -39.85 -15.15 -0.03
N SER K 106 -39.81 -14.88 -1.33
CA SER K 106 -40.86 -15.26 -2.28
C SER K 106 -41.11 -16.78 -2.33
N CYS K 107 -40.09 -17.55 -1.97
CA CYS K 107 -40.15 -18.99 -2.01
C CYS K 107 -40.67 -19.60 -0.72
N GLY K 108 -41.11 -18.76 0.21
CA GLY K 108 -41.62 -19.33 1.44
C GLY K 108 -42.83 -20.21 1.16
N ALA K 109 -43.30 -20.93 2.18
CA ALA K 109 -44.47 -21.79 2.04
C ALA K 109 -45.72 -20.94 1.75
N LYS K 110 -46.37 -21.19 0.61
CA LYS K 110 -47.57 -20.43 0.24
C LYS K 110 -48.52 -20.19 1.39
N GLY K 111 -48.93 -18.93 1.52
CA GLY K 111 -49.84 -18.55 2.59
C GLY K 111 -49.08 -18.27 3.87
N LYS K 112 -47.77 -18.50 3.85
CA LYS K 112 -46.92 -18.27 5.04
C LYS K 112 -45.71 -17.39 4.76
N ARG K 113 -45.84 -16.51 3.77
CA ARG K 113 -44.79 -15.56 3.39
C ARG K 113 -45.17 -14.18 3.95
N PHE K 114 -44.52 -13.78 5.05
CA PHE K 114 -44.82 -12.51 5.70
C PHE K 114 -43.76 -11.41 5.52
N SER K 115 -44.09 -10.24 6.04
CA SER K 115 -43.17 -9.10 6.00
C SER K 115 -43.67 -7.99 6.90
N LEU K 116 -42.76 -7.46 7.73
CA LEU K 116 -43.15 -6.36 8.61
C LEU K 116 -43.60 -5.19 7.72
N PRO K 117 -44.36 -4.24 8.29
CA PRO K 117 -44.88 -3.08 7.58
C PRO K 117 -43.88 -2.16 6.86
N HIS K 118 -42.78 -1.85 7.52
CA HIS K 118 -41.81 -0.94 6.93
C HIS K 118 -40.58 -1.52 6.25
N SER K 119 -40.57 -2.82 6.00
CA SER K 119 -39.42 -3.43 5.34
C SER K 119 -39.58 -3.26 3.83
N ARG K 120 -38.48 -3.28 3.09
CA ARG K 120 -38.56 -3.12 1.65
C ARG K 120 -38.13 -4.35 0.87
N ILE K 121 -38.80 -4.58 -0.26
CA ILE K 121 -38.51 -5.70 -1.14
C ILE K 121 -37.94 -5.11 -2.43
N MET K 122 -36.93 -5.73 -3.00
CA MET K 122 -36.35 -5.24 -4.26
C MET K 122 -35.94 -6.45 -5.05
N ILE K 123 -36.24 -6.43 -6.34
CA ILE K 123 -35.90 -7.54 -7.23
C ILE K 123 -35.25 -6.96 -8.48
N HIS K 124 -34.38 -7.74 -9.12
CA HIS K 124 -33.72 -7.29 -10.33
C HIS K 124 -33.21 -8.48 -11.10
N GLN K 125 -32.36 -8.22 -12.09
CA GLN K 125 -31.79 -9.29 -12.89
C GLN K 125 -30.39 -9.61 -12.37
N PRO K 126 -29.83 -10.76 -12.78
CA PRO K 126 -28.50 -11.19 -12.36
C PRO K 126 -27.34 -10.23 -12.64
N LEU K 127 -26.39 -10.20 -11.71
CA LEU K 127 -25.18 -9.38 -11.79
C LEU K 127 -24.01 -10.35 -11.82
N GLY K 128 -23.05 -10.12 -12.70
CA GLY K 128 -21.92 -11.03 -12.76
C GLY K 128 -20.78 -10.46 -13.56
N GLY K 129 -19.96 -11.33 -14.12
CA GLY K 129 -18.83 -10.90 -14.92
C GLY K 129 -18.06 -12.05 -15.53
N ALA K 130 -17.40 -11.76 -16.66
CA ALA K 130 -16.60 -12.77 -17.35
C ALA K 130 -15.35 -12.07 -17.85
N GLN K 131 -14.31 -12.85 -18.09
CA GLN K 131 -13.05 -12.30 -18.55
C GLN K 131 -12.22 -13.35 -19.30
N GLY K 132 -11.59 -12.92 -20.39
CA GLY K 132 -10.77 -13.83 -21.16
C GLY K 132 -11.11 -13.89 -22.64
N GLN K 133 -10.92 -15.06 -23.25
CA GLN K 133 -11.21 -15.26 -24.66
C GLN K 133 -12.70 -15.12 -24.91
N ALA K 134 -13.06 -14.71 -26.13
CA ALA K 134 -14.45 -14.53 -26.51
C ALA K 134 -15.27 -15.80 -26.26
N SER K 135 -14.68 -16.95 -26.58
CA SER K 135 -15.34 -18.24 -26.37
C SER K 135 -15.79 -18.40 -24.92
N ASP K 136 -14.91 -18.09 -23.97
CA ASP K 136 -15.24 -18.21 -22.55
C ASP K 136 -16.21 -17.12 -22.12
N ILE K 137 -16.11 -15.96 -22.74
CA ILE K 137 -16.99 -14.85 -22.42
C ILE K 137 -18.43 -15.23 -22.78
N GLU K 138 -18.62 -15.76 -23.97
CA GLU K 138 -19.94 -16.16 -24.42
C GLU K 138 -20.44 -17.30 -23.54
N ILE K 139 -19.55 -18.22 -23.21
CA ILE K 139 -19.93 -19.35 -22.36
C ILE K 139 -20.49 -18.85 -21.04
N ILE K 140 -19.74 -17.97 -20.40
CA ILE K 140 -20.13 -17.38 -19.13
C ILE K 140 -21.42 -16.59 -19.29
N SER K 141 -21.49 -15.79 -20.36
CA SER K 141 -22.67 -14.99 -20.64
C SER K 141 -23.93 -15.85 -20.85
N ASN K 142 -23.85 -16.85 -21.72
CA ASN K 142 -25.00 -17.71 -21.97
C ASN K 142 -25.47 -18.30 -20.65
N GLU K 143 -24.52 -18.56 -19.77
CA GLU K 143 -24.82 -19.13 -18.47
C GLU K 143 -25.62 -18.18 -17.58
N ILE K 144 -25.23 -16.91 -17.55
CA ILE K 144 -25.93 -15.94 -16.70
C ILE K 144 -27.35 -15.72 -17.20
N LEU K 145 -27.51 -15.64 -18.52
CA LEU K 145 -28.83 -15.46 -19.12
C LEU K 145 -29.74 -16.63 -18.69
N ARG K 146 -29.16 -17.83 -18.67
CA ARG K 146 -29.91 -19.01 -18.25
C ARG K 146 -30.43 -18.80 -16.83
N LEU K 147 -29.56 -18.33 -15.94
CA LEU K 147 -29.96 -18.10 -14.55
C LEU K 147 -30.99 -16.99 -14.47
N LYS K 148 -30.93 -16.05 -15.41
CA LYS K 148 -31.86 -14.93 -15.42
C LYS K 148 -33.30 -15.40 -15.73
N GLY K 149 -33.47 -16.14 -16.82
CA GLY K 149 -34.79 -16.63 -17.18
C GLY K 149 -35.25 -17.61 -16.13
N LEU K 150 -34.32 -18.41 -15.64
CA LEU K 150 -34.65 -19.37 -14.60
C LEU K 150 -35.20 -18.61 -13.40
N MET K 151 -34.52 -17.53 -13.03
CA MET K 151 -34.94 -16.71 -11.88
C MET K 151 -36.31 -16.04 -12.12
N ASN K 152 -36.48 -15.45 -13.28
CA ASN K 152 -37.75 -14.79 -13.62
C ASN K 152 -38.91 -15.78 -13.64
N SER K 153 -38.70 -16.91 -14.31
CA SER K 153 -39.72 -17.95 -14.45
C SER K 153 -40.24 -18.43 -13.11
N ILE K 154 -39.38 -18.42 -12.10
CA ILE K 154 -39.77 -18.84 -10.75
C ILE K 154 -40.41 -17.68 -10.00
N LEU K 155 -39.95 -16.46 -10.28
CA LEU K 155 -40.53 -15.28 -9.64
C LEU K 155 -41.95 -15.15 -10.17
N ALA K 156 -42.12 -15.39 -11.46
CA ALA K 156 -43.44 -15.33 -12.08
C ALA K 156 -44.32 -16.32 -11.35
N GLN K 157 -43.83 -17.56 -11.26
CA GLN K 157 -44.53 -18.66 -10.60
C GLN K 157 -44.90 -18.40 -9.13
N ASN K 158 -43.98 -17.85 -8.34
CA ASN K 158 -44.27 -17.62 -6.94
C ASN K 158 -45.24 -16.44 -6.75
N SER K 159 -45.15 -15.47 -7.63
CA SER K 159 -46.03 -14.31 -7.59
C SER K 159 -47.09 -14.60 -8.64
N GLY K 160 -48.03 -13.68 -8.81
CA GLY K 160 -49.04 -13.89 -9.83
C GLY K 160 -48.47 -13.61 -11.21
N GLN K 161 -47.75 -12.50 -11.30
CA GLN K 161 -47.13 -12.01 -12.53
C GLN K 161 -46.74 -13.01 -13.61
N SER K 162 -46.84 -12.55 -14.85
CA SER K 162 -46.49 -13.36 -16.02
C SER K 162 -44.99 -13.21 -16.29
N LEU K 163 -44.43 -14.19 -17.00
CA LEU K 163 -43.01 -14.19 -17.31
C LEU K 163 -42.50 -12.85 -17.85
N GLU K 164 -43.17 -12.30 -18.86
CA GLU K 164 -42.74 -11.04 -19.48
C GLU K 164 -42.96 -9.83 -18.57
N GLN K 165 -43.84 -9.98 -17.58
CA GLN K 165 -44.10 -8.91 -16.64
C GLN K 165 -42.95 -8.87 -15.65
N ILE K 166 -42.43 -10.05 -15.31
CA ILE K 166 -41.30 -10.15 -14.40
C ILE K 166 -40.06 -9.63 -15.11
N ALA K 167 -39.87 -10.06 -16.36
CA ALA K 167 -38.73 -9.65 -17.16
C ALA K 167 -38.61 -8.13 -17.24
N LYS K 168 -39.73 -7.48 -17.52
CA LYS K 168 -39.76 -6.03 -17.65
C LYS K 168 -39.52 -5.32 -16.32
N ASP K 169 -40.14 -5.80 -15.24
CA ASP K 169 -39.97 -5.16 -13.95
C ASP K 169 -38.58 -5.35 -13.35
N THR K 170 -37.89 -6.43 -13.72
CA THR K 170 -36.57 -6.69 -13.18
C THR K 170 -35.42 -6.15 -14.03
N ASP K 171 -35.72 -5.48 -15.13
CA ASP K 171 -34.65 -4.95 -15.98
C ASP K 171 -33.62 -4.18 -15.12
N ARG K 172 -34.13 -3.35 -14.22
CA ARG K 172 -33.32 -2.55 -13.31
C ARG K 172 -33.89 -2.70 -11.91
N ASP K 173 -33.22 -2.13 -10.90
CA ASP K 173 -33.70 -2.24 -9.52
C ASP K 173 -35.15 -1.78 -9.32
N PHE K 174 -35.99 -2.73 -8.92
CA PHE K 174 -37.40 -2.49 -8.70
C PHE K 174 -37.69 -2.55 -7.19
N TYR K 175 -37.86 -1.39 -6.57
CA TYR K 175 -38.11 -1.31 -5.12
C TYR K 175 -39.59 -1.17 -4.81
N MET K 176 -40.02 -1.69 -3.68
CA MET K 176 -41.43 -1.61 -3.29
C MET K 176 -41.62 -1.84 -1.79
N SER K 177 -42.61 -1.15 -1.22
CA SER K 177 -42.92 -1.29 0.20
C SER K 177 -43.50 -2.66 0.47
N ALA K 178 -43.79 -2.94 1.74
CA ALA K 178 -44.39 -4.21 2.11
C ALA K 178 -45.73 -4.38 1.39
N LYS K 179 -46.60 -3.39 1.51
CA LYS K 179 -47.93 -3.44 0.88
C LYS K 179 -47.80 -3.76 -0.61
N GLU K 180 -46.81 -3.16 -1.25
CA GLU K 180 -46.59 -3.36 -2.68
C GLU K 180 -46.16 -4.76 -3.07
N ALA K 181 -45.20 -5.33 -2.35
CA ALA K 181 -44.75 -6.68 -2.66
C ALA K 181 -45.91 -7.66 -2.49
N LYS K 182 -46.75 -7.40 -1.50
CA LYS K 182 -47.92 -8.24 -1.24
C LYS K 182 -48.84 -8.30 -2.45
N GLU K 183 -49.28 -7.12 -2.90
CA GLU K 183 -50.16 -7.00 -4.03
C GLU K 183 -49.44 -7.28 -5.34
N TYR K 184 -48.18 -7.67 -5.27
CA TYR K 184 -47.42 -7.98 -6.47
C TYR K 184 -47.27 -9.49 -6.52
N GLY K 185 -47.56 -10.14 -5.39
CA GLY K 185 -47.47 -11.59 -5.32
C GLY K 185 -46.22 -12.17 -4.68
N LEU K 186 -45.32 -11.31 -4.21
CA LEU K 186 -44.08 -11.78 -3.58
C LEU K 186 -44.27 -12.27 -2.14
N ILE K 187 -45.35 -11.83 -1.48
CA ILE K 187 -45.62 -12.29 -0.12
C ILE K 187 -47.12 -12.39 0.09
N ASP K 188 -47.53 -13.00 1.19
CA ASP K 188 -48.96 -13.18 1.42
C ASP K 188 -49.61 -12.20 2.38
N LYS K 189 -48.88 -11.78 3.41
CA LYS K 189 -49.43 -10.86 4.38
C LYS K 189 -48.38 -9.88 4.91
N VAL K 190 -48.88 -8.81 5.54
CA VAL K 190 -48.01 -7.80 6.13
C VAL K 190 -48.51 -7.57 7.55
N LEU K 191 -47.92 -8.29 8.50
CA LEU K 191 -48.31 -8.15 9.90
C LEU K 191 -48.36 -6.66 10.20
N GLN K 192 -49.40 -6.21 10.88
CA GLN K 192 -49.55 -4.79 11.19
C GLN K 192 -49.47 -4.51 12.69
N ASP L 20 -20.22 -13.51 30.38
CA ASP L 20 -20.75 -12.27 29.75
C ASP L 20 -21.42 -11.39 30.81
N ILE L 21 -21.56 -10.09 30.51
CA ILE L 21 -22.18 -9.15 31.44
C ILE L 21 -23.47 -8.60 30.82
N TYR L 22 -23.47 -8.46 29.48
CA TYR L 22 -24.65 -7.98 28.78
C TYR L 22 -25.71 -9.06 28.91
N SER L 23 -25.26 -10.31 28.96
CA SER L 23 -26.17 -11.45 29.08
C SER L 23 -26.83 -11.40 30.45
N ARG L 24 -26.03 -11.08 31.45
CA ARG L 24 -26.51 -10.98 32.82
C ARG L 24 -27.59 -9.88 32.90
N LEU L 25 -27.57 -8.96 31.95
CA LEU L 25 -28.55 -7.88 31.91
C LEU L 25 -29.73 -8.24 31.04
N LEU L 26 -29.52 -9.17 30.11
CA LEU L 26 -30.61 -9.58 29.23
C LEU L 26 -31.68 -10.24 30.08
N LYS L 27 -31.26 -10.92 31.15
CA LYS L 27 -32.19 -11.57 32.05
C LYS L 27 -33.17 -10.56 32.64
N ASP L 28 -32.70 -9.32 32.83
CA ASP L 28 -33.55 -8.26 33.38
C ASP L 28 -34.30 -7.48 32.31
N ARG L 29 -34.39 -8.07 31.12
CA ARG L 29 -35.10 -7.46 29.99
C ARG L 29 -34.46 -6.15 29.54
N ILE L 30 -33.16 -6.01 29.85
CA ILE L 30 -32.41 -4.83 29.46
C ILE L 30 -31.61 -5.20 28.22
N VAL L 31 -31.64 -4.32 27.21
CA VAL L 31 -30.90 -4.53 25.98
C VAL L 31 -30.13 -3.27 25.66
N LEU L 32 -28.85 -3.42 25.33
CA LEU L 32 -28.01 -2.28 25.01
C LEU L 32 -27.76 -2.20 23.50
N LEU L 33 -27.97 -1.01 22.93
CA LEU L 33 -27.73 -0.80 21.50
C LEU L 33 -26.64 0.25 21.38
N SER L 34 -25.41 -0.20 21.12
CA SER L 34 -24.27 0.69 21.03
C SER L 34 -23.57 0.70 19.68
N GLY L 35 -23.00 1.86 19.35
CA GLY L 35 -22.28 2.01 18.10
C GLY L 35 -23.16 2.13 16.88
N GLU L 36 -22.55 2.02 15.71
CA GLU L 36 -23.29 2.12 14.47
C GLU L 36 -24.26 0.98 14.24
N ILE L 37 -25.31 1.27 13.49
CA ILE L 37 -26.32 0.28 13.18
C ILE L 37 -26.13 -0.28 11.77
N ASN L 38 -26.14 -1.61 11.69
CA ASN L 38 -26.04 -2.32 10.42
C ASN L 38 -26.79 -3.64 10.56
N ASP L 39 -26.77 -4.49 9.54
CA ASP L 39 -27.48 -5.75 9.62
C ASP L 39 -27.05 -6.59 10.79
N SER L 40 -25.74 -6.71 10.95
CA SER L 40 -25.17 -7.49 12.03
C SER L 40 -25.65 -7.02 13.41
N VAL L 41 -25.56 -5.72 13.67
CA VAL L 41 -25.98 -5.16 14.96
C VAL L 41 -27.47 -5.26 15.14
N ALA L 42 -28.20 -4.93 14.09
CA ALA L 42 -29.66 -4.98 14.12
C ALA L 42 -30.10 -6.40 14.44
N SER L 43 -29.55 -7.35 13.68
CA SER L 43 -29.87 -8.75 13.85
C SER L 43 -29.79 -9.14 15.32
N SER L 44 -28.70 -8.72 15.98
CA SER L 44 -28.52 -9.03 17.38
C SER L 44 -29.63 -8.44 18.24
N ILE L 45 -30.08 -7.24 17.89
CA ILE L 45 -31.14 -6.59 18.65
C ILE L 45 -32.47 -7.29 18.47
N VAL L 46 -32.84 -7.56 17.22
CA VAL L 46 -34.08 -8.26 16.92
C VAL L 46 -34.13 -9.57 17.73
N ALA L 47 -33.10 -10.39 17.58
CA ALA L 47 -33.00 -11.66 18.30
C ALA L 47 -33.22 -11.48 19.79
N GLN L 48 -32.68 -10.40 20.35
CA GLN L 48 -32.82 -10.15 21.78
C GLN L 48 -34.26 -9.72 22.10
N LEU L 49 -34.90 -9.05 21.15
CA LEU L 49 -36.28 -8.64 21.35
C LEU L 49 -37.16 -9.89 21.24
N LEU L 50 -36.93 -10.69 20.21
CA LEU L 50 -37.71 -11.91 20.03
C LEU L 50 -37.57 -12.79 21.27
N PHE L 51 -36.33 -12.98 21.72
CA PHE L 51 -36.06 -13.79 22.89
C PHE L 51 -36.80 -13.27 24.12
N LEU L 52 -36.59 -12.00 24.45
CA LEU L 52 -37.23 -11.40 25.63
C LEU L 52 -38.73 -11.59 25.73
N GLU L 53 -39.44 -11.48 24.61
CA GLU L 53 -40.89 -11.65 24.65
C GLU L 53 -41.23 -13.13 24.62
N ALA L 54 -40.30 -13.94 24.11
CA ALA L 54 -40.50 -15.38 24.07
C ALA L 54 -40.01 -15.90 25.42
N GLU L 55 -39.99 -15.01 26.40
CA GLU L 55 -39.55 -15.32 27.76
C GLU L 55 -40.57 -14.77 28.75
N ASP L 56 -41.39 -13.83 28.26
CA ASP L 56 -42.43 -13.19 29.06
C ASP L 56 -43.03 -12.04 28.24
N PRO L 57 -44.07 -12.33 27.44
CA PRO L 57 -44.75 -11.35 26.58
C PRO L 57 -45.42 -10.17 27.29
N GLU L 58 -45.36 -10.14 28.62
CA GLU L 58 -45.99 -9.05 29.37
C GLU L 58 -45.02 -8.04 29.96
N LYS L 59 -43.98 -8.52 30.64
CA LYS L 59 -43.00 -7.62 31.25
C LYS L 59 -42.37 -6.69 30.19
N ASP L 60 -42.15 -5.44 30.57
CA ASP L 60 -41.56 -4.44 29.67
C ASP L 60 -40.10 -4.67 29.30
N ILE L 61 -39.71 -4.13 28.15
CA ILE L 61 -38.33 -4.24 27.68
C ILE L 61 -37.66 -2.86 27.74
N GLY L 62 -36.39 -2.85 28.13
CA GLY L 62 -35.65 -1.61 28.21
C GLY L 62 -34.56 -1.53 27.17
N LEU L 63 -34.75 -0.66 26.19
CA LEU L 63 -33.77 -0.49 25.13
C LEU L 63 -32.91 0.75 25.35
N TYR L 64 -31.70 0.56 25.89
CA TYR L 64 -30.79 1.68 26.08
C TYR L 64 -30.12 1.93 24.75
N ILE L 65 -30.03 3.19 24.35
CA ILE L 65 -29.44 3.53 23.08
C ILE L 65 -28.36 4.61 23.15
N ASN L 66 -27.21 4.30 22.56
CA ASN L 66 -26.09 5.21 22.44
C ASN L 66 -25.55 4.86 21.07
N SER L 67 -26.09 5.53 20.06
CA SER L 67 -25.71 5.27 18.69
C SER L 67 -25.70 6.51 17.81
N PRO L 68 -24.81 6.54 16.81
CA PRO L 68 -24.70 7.66 15.87
C PRO L 68 -25.53 7.39 14.60
N GLY L 69 -26.32 6.32 14.63
CA GLY L 69 -27.14 5.99 13.48
C GLY L 69 -26.54 4.84 12.66
N GLY L 70 -26.90 4.77 11.38
CA GLY L 70 -26.39 3.71 10.54
C GLY L 70 -27.33 3.40 9.40
N VAL L 71 -27.26 2.17 8.89
CA VAL L 71 -28.11 1.72 7.77
C VAL L 71 -29.59 1.85 8.11
N ILE L 72 -30.35 2.48 7.22
CA ILE L 72 -31.78 2.69 7.47
C ILE L 72 -32.61 1.42 7.54
N THR L 73 -32.48 0.55 6.54
CA THR L 73 -33.23 -0.69 6.52
C THR L 73 -32.90 -1.52 7.75
N SER L 74 -31.67 -1.38 8.24
CA SER L 74 -31.24 -2.11 9.43
C SER L 74 -31.95 -1.52 10.63
N GLY L 75 -32.12 -0.21 10.60
CA GLY L 75 -32.79 0.46 11.68
C GLY L 75 -34.26 0.14 11.64
N LEU L 76 -34.82 0.14 10.44
CA LEU L 76 -36.23 -0.15 10.26
C LEU L 76 -36.60 -1.56 10.72
N SER L 77 -35.67 -2.50 10.61
CA SER L 77 -35.95 -3.86 11.05
C SER L 77 -36.09 -3.88 12.57
N ILE L 78 -35.32 -3.03 13.25
CA ILE L 78 -35.35 -2.95 14.71
C ILE L 78 -36.66 -2.33 15.16
N TYR L 79 -37.00 -1.23 14.50
CA TYR L 79 -38.22 -0.49 14.74
C TYR L 79 -39.44 -1.41 14.59
N ASP L 80 -39.57 -2.01 13.41
CA ASP L 80 -40.68 -2.91 13.12
C ASP L 80 -40.74 -4.12 14.04
N THR L 81 -39.62 -4.45 14.66
CA THR L 81 -39.62 -5.58 15.57
C THR L 81 -40.13 -5.10 16.92
N MET L 82 -39.66 -3.94 17.35
CA MET L 82 -40.06 -3.37 18.63
C MET L 82 -41.57 -3.31 18.75
N ASN L 83 -42.23 -3.13 17.60
CA ASN L 83 -43.69 -3.06 17.54
C ASN L 83 -44.33 -4.41 17.22
N PHE L 84 -43.56 -5.28 16.57
CA PHE L 84 -44.05 -6.61 16.21
C PHE L 84 -44.26 -7.45 17.47
N ILE L 85 -43.32 -7.39 18.41
CA ILE L 85 -43.46 -8.17 19.63
C ILE L 85 -44.59 -7.59 20.47
N ARG L 86 -44.84 -8.19 21.63
CA ARG L 86 -45.93 -7.72 22.47
C ARG L 86 -45.51 -6.77 23.59
N PRO L 87 -44.54 -7.18 24.43
CA PRO L 87 -44.14 -6.28 25.51
C PRO L 87 -43.75 -4.88 25.01
N ASP L 88 -43.89 -3.91 25.90
CA ASP L 88 -43.54 -2.54 25.58
C ASP L 88 -42.02 -2.41 25.56
N VAL L 89 -41.50 -1.66 24.60
CA VAL L 89 -40.08 -1.45 24.48
C VAL L 89 -39.79 0.01 24.78
N SER L 90 -39.47 0.32 26.03
CA SER L 90 -39.14 1.71 26.36
C SER L 90 -37.75 1.95 25.83
N THR L 91 -37.46 3.21 25.50
CA THR L 91 -36.15 3.59 25.00
C THR L 91 -35.49 4.55 25.98
N ILE L 92 -34.21 4.35 26.26
CA ILE L 92 -33.47 5.24 27.17
C ILE L 92 -32.23 5.70 26.45
N CYS L 93 -32.08 7.02 26.29
CA CYS L 93 -30.93 7.55 25.60
C CYS L 93 -29.79 7.87 26.54
N ILE L 94 -28.65 7.23 26.34
CA ILE L 94 -27.47 7.49 27.15
C ILE L 94 -26.33 7.86 26.21
N GLY L 95 -25.64 8.96 26.51
CA GLY L 95 -24.55 9.41 25.66
C GLY L 95 -25.17 10.18 24.52
N GLN L 96 -25.52 9.48 23.43
CA GLN L 96 -26.14 10.16 22.32
C GLN L 96 -27.07 9.26 21.55
N ALA L 97 -27.92 9.88 20.73
CA ALA L 97 -28.86 9.15 19.89
C ALA L 97 -28.98 10.03 18.66
N ALA L 98 -28.21 9.70 17.62
CA ALA L 98 -28.21 10.50 16.39
C ALA L 98 -28.72 9.76 15.15
N SER L 99 -29.34 10.51 14.25
CA SER L 99 -29.89 9.97 13.02
C SER L 99 -30.79 8.78 13.37
N MET L 100 -30.57 7.65 12.71
CA MET L 100 -31.38 6.46 12.96
C MET L 100 -31.44 6.13 14.45
N GLY L 101 -30.40 6.53 15.18
CA GLY L 101 -30.40 6.29 16.60
C GLY L 101 -31.53 7.10 17.21
N ALA L 102 -31.66 8.35 16.80
CA ALA L 102 -32.71 9.22 17.33
C ALA L 102 -34.10 8.74 16.89
N PHE L 103 -34.18 8.28 15.65
CA PHE L 103 -35.44 7.77 15.11
C PHE L 103 -35.93 6.65 16.02
N LEU L 104 -35.05 5.68 16.27
CA LEU L 104 -35.38 4.54 17.11
C LEU L 104 -35.83 4.97 18.50
N LEU L 105 -35.10 5.91 19.09
CA LEU L 105 -35.42 6.40 20.44
C LEU L 105 -36.87 6.89 20.52
N SER L 106 -37.30 7.64 19.51
CA SER L 106 -38.66 8.19 19.47
C SER L 106 -39.72 7.13 19.24
N CYS L 107 -39.30 5.99 18.68
CA CYS L 107 -40.23 4.91 18.40
C CYS L 107 -40.55 4.09 19.62
N GLY L 108 -40.04 4.51 20.77
CA GLY L 108 -40.30 3.78 22.01
C GLY L 108 -41.73 3.85 22.48
N ALA L 109 -42.13 2.86 23.28
CA ALA L 109 -43.48 2.75 23.83
C ALA L 109 -43.97 4.12 24.30
N LYS L 110 -44.95 4.67 23.59
CA LYS L 110 -45.50 5.98 23.93
C LYS L 110 -45.61 6.12 25.46
N GLY L 111 -45.00 7.17 25.99
CA GLY L 111 -45.03 7.41 27.43
C GLY L 111 -43.84 6.82 28.16
N LYS L 112 -43.02 6.04 27.45
CA LYS L 112 -41.86 5.42 28.07
C LYS L 112 -40.53 5.69 27.37
N ARG L 113 -40.48 6.82 26.64
CA ARG L 113 -39.28 7.24 25.92
C ARG L 113 -38.50 8.19 26.83
N PHE L 114 -37.39 7.71 27.39
CA PHE L 114 -36.57 8.49 28.30
C PHE L 114 -35.19 8.86 27.74
N SER L 115 -34.48 9.68 28.50
CA SER L 115 -33.13 10.12 28.19
C SER L 115 -32.48 10.65 29.47
N LEU L 116 -31.18 10.44 29.58
CA LEU L 116 -30.46 10.94 30.75
C LEU L 116 -30.21 12.44 30.46
N PRO L 117 -29.81 13.22 31.49
CA PRO L 117 -29.54 14.66 31.46
C PRO L 117 -28.64 15.29 30.40
N HIS L 118 -27.48 14.69 30.16
CA HIS L 118 -26.55 15.26 29.20
C HIS L 118 -26.40 14.50 27.90
N SER L 119 -27.41 13.69 27.55
CA SER L 119 -27.37 12.94 26.31
C SER L 119 -27.74 13.88 25.19
N ARG L 120 -27.09 13.78 24.04
CA ARG L 120 -27.49 14.64 22.95
C ARG L 120 -28.30 13.79 21.98
N ILE L 121 -29.23 14.42 21.27
CA ILE L 121 -30.10 13.76 20.31
C ILE L 121 -30.00 14.51 18.99
N MET L 122 -29.99 13.79 17.87
CA MET L 122 -29.88 14.48 16.60
C MET L 122 -30.68 13.85 15.46
N ILE L 123 -31.38 14.70 14.72
CA ILE L 123 -32.15 14.22 13.58
C ILE L 123 -31.69 14.88 12.29
N HIS L 124 -31.81 14.15 11.20
CA HIS L 124 -31.41 14.66 9.89
C HIS L 124 -32.06 13.84 8.79
N GLN L 125 -31.84 14.23 7.53
CA GLN L 125 -32.42 13.51 6.41
C GLN L 125 -31.46 12.39 6.04
N PRO L 126 -31.94 11.35 5.34
CA PRO L 126 -31.05 10.25 4.97
C PRO L 126 -29.87 10.63 4.05
N LEU L 127 -28.86 9.77 4.06
CA LEU L 127 -27.64 9.94 3.26
C LEU L 127 -27.43 8.68 2.43
N GLY L 128 -26.79 8.80 1.28
CA GLY L 128 -26.56 7.62 0.46
C GLY L 128 -25.64 7.86 -0.72
N GLY L 129 -25.78 7.02 -1.74
CA GLY L 129 -24.93 7.16 -2.93
C GLY L 129 -25.48 6.40 -4.13
N ALA L 130 -24.89 6.64 -5.28
CA ALA L 130 -25.31 5.98 -6.51
C ALA L 130 -24.31 6.22 -7.61
N GLN L 131 -24.01 5.17 -8.36
CA GLN L 131 -23.08 5.24 -9.47
C GLN L 131 -23.66 4.44 -10.64
N GLY L 132 -23.26 4.81 -11.85
CA GLY L 132 -23.73 4.13 -13.03
C GLY L 132 -24.54 5.01 -13.98
N GLN L 133 -25.38 4.35 -14.78
CA GLN L 133 -26.24 5.02 -15.75
C GLN L 133 -27.28 5.90 -15.07
N ALA L 134 -27.59 7.05 -15.67
CA ALA L 134 -28.58 7.97 -15.12
C ALA L 134 -29.88 7.26 -14.69
N SER L 135 -30.30 6.25 -15.44
CA SER L 135 -31.52 5.50 -15.11
C SER L 135 -31.43 4.94 -13.71
N ASP L 136 -30.31 4.28 -13.43
CA ASP L 136 -30.03 3.66 -12.14
C ASP L 136 -29.82 4.67 -11.02
N ILE L 137 -29.28 5.83 -11.36
CA ILE L 137 -29.06 6.87 -10.36
C ILE L 137 -30.43 7.40 -9.94
N GLU L 138 -31.29 7.60 -10.93
CA GLU L 138 -32.65 8.09 -10.74
C GLU L 138 -33.45 7.11 -9.88
N ILE L 139 -33.22 5.81 -10.09
CA ILE L 139 -33.91 4.81 -9.30
C ILE L 139 -33.44 4.87 -7.85
N ILE L 140 -32.16 5.14 -7.64
CA ILE L 140 -31.64 5.22 -6.29
C ILE L 140 -32.12 6.52 -5.66
N SER L 141 -32.01 7.61 -6.42
CA SER L 141 -32.46 8.90 -5.92
C SER L 141 -33.92 8.77 -5.45
N ASN L 142 -34.76 8.13 -6.27
CA ASN L 142 -36.16 7.96 -5.91
C ASN L 142 -36.37 7.09 -4.66
N GLU L 143 -35.62 6.01 -4.55
CA GLU L 143 -35.76 5.14 -3.39
C GLU L 143 -35.33 5.87 -2.11
N ILE L 144 -34.27 6.68 -2.24
CA ILE L 144 -33.76 7.43 -1.11
C ILE L 144 -34.76 8.50 -0.68
N LEU L 145 -35.34 9.19 -1.66
CA LEU L 145 -36.32 10.22 -1.35
C LEU L 145 -37.56 9.56 -0.71
N ARG L 146 -37.80 8.30 -1.06
CA ARG L 146 -38.94 7.58 -0.52
C ARG L 146 -38.72 7.35 0.98
N LEU L 147 -37.59 6.73 1.30
CA LEU L 147 -37.27 6.47 2.69
C LEU L 147 -37.14 7.76 3.45
N LYS L 148 -36.85 8.85 2.73
CA LYS L 148 -36.73 10.14 3.37
C LYS L 148 -38.13 10.55 3.86
N GLY L 149 -39.11 10.45 2.96
CA GLY L 149 -40.47 10.80 3.30
C GLY L 149 -41.04 9.92 4.39
N LEU L 150 -40.76 8.62 4.30
CA LEU L 150 -41.24 7.66 5.30
C LEU L 150 -40.68 8.02 6.67
N MET L 151 -39.38 8.27 6.73
CA MET L 151 -38.73 8.62 7.99
C MET L 151 -39.39 9.85 8.63
N ASN L 152 -39.39 10.96 7.92
CA ASN L 152 -39.98 12.20 8.45
C ASN L 152 -41.42 12.00 8.88
N SER L 153 -42.16 11.28 8.06
CA SER L 153 -43.56 10.98 8.33
C SER L 153 -43.73 10.31 9.69
N ILE L 154 -42.94 9.27 9.93
CA ILE L 154 -43.02 8.52 11.19
C ILE L 154 -42.52 9.39 12.35
N LEU L 155 -41.66 10.34 12.02
CA LEU L 155 -41.09 11.20 13.03
C LEU L 155 -42.14 12.20 13.51
N ALA L 156 -42.92 12.73 12.56
CA ALA L 156 -43.98 13.68 12.89
C ALA L 156 -44.98 12.99 13.82
N GLN L 157 -45.34 11.75 13.50
CA GLN L 157 -46.29 10.97 14.30
C GLN L 157 -45.78 10.63 15.70
N ASN L 158 -44.46 10.58 15.87
CA ASN L 158 -43.90 10.25 17.17
C ASN L 158 -43.69 11.48 18.05
N SER L 159 -43.46 12.62 17.42
CA SER L 159 -43.19 13.86 18.16
C SER L 159 -44.38 14.80 18.26
N GLY L 160 -45.25 14.79 17.26
CA GLY L 160 -46.38 15.69 17.29
C GLY L 160 -46.09 16.86 16.36
N GLN L 161 -44.85 16.99 15.94
CA GLN L 161 -44.51 18.06 15.03
C GLN L 161 -45.29 17.82 13.74
N SER L 162 -45.29 18.81 12.86
CA SER L 162 -45.98 18.69 11.58
C SER L 162 -45.02 17.99 10.61
N LEU L 163 -45.51 17.57 9.45
CA LEU L 163 -44.64 16.92 8.49
C LEU L 163 -43.67 17.90 7.83
N GLU L 164 -44.11 19.13 7.60
CA GLU L 164 -43.24 20.12 6.99
C GLU L 164 -42.29 20.73 8.02
N GLN L 165 -42.68 20.63 9.28
CA GLN L 165 -41.87 21.15 10.36
C GLN L 165 -40.69 20.19 10.48
N ILE L 166 -40.98 18.90 10.51
CA ILE L 166 -39.94 17.89 10.59
C ILE L 166 -39.01 18.00 9.38
N ALA L 167 -39.59 17.98 8.18
CA ALA L 167 -38.80 18.07 6.95
C ALA L 167 -37.87 19.29 6.97
N LYS L 168 -38.38 20.42 7.43
CA LYS L 168 -37.59 21.64 7.51
C LYS L 168 -36.48 21.52 8.57
N ASP L 169 -36.77 20.83 9.66
CA ASP L 169 -35.80 20.67 10.73
C ASP L 169 -34.75 19.59 10.48
N THR L 170 -35.08 18.60 9.66
CA THR L 170 -34.10 17.55 9.40
C THR L 170 -33.22 17.82 8.21
N ASP L 171 -33.44 18.97 7.56
CA ASP L 171 -32.59 19.39 6.45
C ASP L 171 -31.38 19.83 7.30
N ARG L 172 -30.17 19.38 6.97
CA ARG L 172 -28.99 19.71 7.79
C ARG L 172 -29.17 19.13 9.21
N ASP L 173 -28.08 18.60 9.78
CA ASP L 173 -28.16 18.02 11.11
C ASP L 173 -28.74 19.01 12.11
N PHE L 174 -29.68 18.51 12.93
CA PHE L 174 -30.36 19.31 13.96
C PHE L 174 -30.06 18.72 15.34
N TYR L 175 -29.11 19.33 16.06
CA TYR L 175 -28.72 18.87 17.40
C TYR L 175 -29.55 19.46 18.51
N MET L 176 -29.77 18.68 19.57
CA MET L 176 -30.53 19.19 20.70
C MET L 176 -30.29 18.44 22.00
N SER L 177 -30.41 19.16 23.11
CA SER L 177 -30.22 18.57 24.43
C SER L 177 -31.37 17.61 24.73
N ALA L 178 -31.21 16.80 25.77
CA ALA L 178 -32.26 15.87 26.15
C ALA L 178 -33.51 16.71 26.43
N LYS L 179 -33.32 17.79 27.17
CA LYS L 179 -34.39 18.71 27.53
C LYS L 179 -35.11 19.20 26.28
N GLU L 180 -34.34 19.68 25.31
CA GLU L 180 -34.93 20.17 24.06
C GLU L 180 -35.63 19.07 23.27
N ALA L 181 -35.21 17.83 23.48
CA ALA L 181 -35.81 16.69 22.78
C ALA L 181 -37.15 16.34 23.45
N LYS L 182 -37.25 16.60 24.75
CA LYS L 182 -38.47 16.36 25.50
C LYS L 182 -39.51 17.37 25.03
N GLU L 183 -39.06 18.60 24.79
CA GLU L 183 -39.94 19.67 24.33
C GLU L 183 -40.35 19.42 22.89
N TYR L 184 -39.40 18.96 22.08
CA TYR L 184 -39.64 18.68 20.67
C TYR L 184 -40.59 17.51 20.51
N GLY L 185 -40.71 16.69 21.55
CA GLY L 185 -41.61 15.55 21.48
C GLY L 185 -40.99 14.22 21.06
N LEU L 186 -39.66 14.18 20.96
CA LEU L 186 -38.99 12.95 20.56
C LEU L 186 -38.96 11.96 21.73
N ILE L 187 -38.90 12.49 22.95
CA ILE L 187 -38.91 11.67 24.15
C ILE L 187 -39.98 12.20 25.10
N ASP L 188 -40.37 11.39 26.07
CA ASP L 188 -41.39 11.78 27.03
C ASP L 188 -40.88 12.38 28.32
N LYS L 189 -39.72 11.92 28.79
CA LYS L 189 -39.18 12.42 30.05
C LYS L 189 -37.66 12.31 30.11
N VAL L 190 -37.04 13.13 30.96
CA VAL L 190 -35.60 13.14 31.16
C VAL L 190 -35.36 12.70 32.60
N LEU L 191 -34.75 11.52 32.79
CA LEU L 191 -34.49 11.02 34.12
C LEU L 191 -33.47 11.86 34.88
N GLN L 192 -33.94 12.96 35.45
CA GLN L 192 -33.13 13.92 36.20
C GLN L 192 -32.43 13.29 37.41
N ASP M 20 -12.01 -14.94 34.89
CA ASP M 20 -11.73 -13.56 34.40
C ASP M 20 -11.27 -12.71 35.58
N ILE M 21 -9.98 -12.39 35.63
CA ILE M 21 -9.40 -11.60 36.72
C ILE M 21 -10.16 -10.29 36.91
N TYR M 22 -10.82 -9.84 35.84
CA TYR M 22 -11.60 -8.62 35.89
C TYR M 22 -12.99 -8.93 36.44
N SER M 23 -13.55 -10.07 36.03
CA SER M 23 -14.86 -10.48 36.51
C SER M 23 -14.75 -10.74 38.01
N ARG M 24 -13.60 -11.26 38.42
CA ARG M 24 -13.37 -11.51 39.83
C ARG M 24 -13.42 -10.18 40.57
N LEU M 25 -12.81 -9.14 39.98
CA LEU M 25 -12.80 -7.83 40.61
C LEU M 25 -14.18 -7.20 40.56
N LEU M 26 -14.94 -7.53 39.53
CA LEU M 26 -16.30 -6.99 39.43
C LEU M 26 -17.05 -7.56 40.62
N LYS M 27 -16.71 -8.80 40.96
CA LYS M 27 -17.32 -9.50 42.08
C LYS M 27 -17.24 -8.63 43.34
N ASP M 28 -16.17 -7.84 43.46
CA ASP M 28 -15.95 -6.97 44.61
C ASP M 28 -16.37 -5.52 44.35
N ARG M 29 -17.16 -5.32 43.31
CA ARG M 29 -17.64 -3.99 42.96
C ARG M 29 -16.54 -3.05 42.47
N ILE M 30 -15.57 -3.60 41.75
CA ILE M 30 -14.48 -2.80 41.19
C ILE M 30 -14.55 -2.85 39.67
N VAL M 31 -14.53 -1.68 39.06
CA VAL M 31 -14.61 -1.53 37.63
C VAL M 31 -13.39 -0.77 37.14
N LEU M 32 -12.72 -1.30 36.13
CA LEU M 32 -11.55 -0.63 35.58
C LEU M 32 -11.84 -0.02 34.23
N LEU M 33 -11.61 1.29 34.14
CA LEU M 33 -11.79 2.00 32.89
C LEU M 33 -10.39 2.37 32.45
N SER M 34 -9.83 1.55 31.56
CA SER M 34 -8.48 1.74 31.05
C SER M 34 -8.41 2.01 29.54
N GLY M 35 -7.53 2.94 29.15
CA GLY M 35 -7.38 3.26 27.73
C GLY M 35 -8.38 4.24 27.14
N GLU M 36 -8.36 4.33 25.80
CA GLU M 36 -9.25 5.23 25.09
C GLU M 36 -10.73 4.96 25.32
N ILE M 37 -11.48 6.05 25.44
CA ILE M 37 -12.92 6.00 25.67
C ILE M 37 -13.68 6.16 24.37
N ASN M 38 -14.33 5.10 23.93
CA ASN M 38 -15.14 5.15 22.72
C ASN M 38 -16.46 4.51 23.08
N ASP M 39 -17.31 4.24 22.10
CA ASP M 39 -18.60 3.63 22.39
C ASP M 39 -18.55 2.21 22.97
N SER M 40 -17.67 1.35 22.47
CA SER M 40 -17.60 -0.02 22.98
C SER M 40 -17.08 -0.05 24.41
N VAL M 41 -16.09 0.79 24.70
CA VAL M 41 -15.52 0.88 26.03
C VAL M 41 -16.55 1.50 26.99
N ALA M 42 -17.36 2.42 26.48
CA ALA M 42 -18.37 3.05 27.34
C ALA M 42 -19.51 2.08 27.65
N SER M 43 -19.92 1.30 26.66
CA SER M 43 -21.01 0.34 26.86
C SER M 43 -20.62 -0.70 27.91
N SER M 44 -19.37 -1.11 27.88
CA SER M 44 -18.87 -2.08 28.85
C SER M 44 -18.95 -1.49 30.27
N ILE M 45 -18.41 -0.28 30.44
CA ILE M 45 -18.44 0.37 31.74
C ILE M 45 -19.86 0.59 32.24
N VAL M 46 -20.73 1.04 31.33
CA VAL M 46 -22.14 1.28 31.66
C VAL M 46 -22.86 0.00 32.03
N ALA M 47 -22.54 -1.09 31.34
CA ALA M 47 -23.15 -2.40 31.61
C ALA M 47 -22.78 -2.88 33.01
N GLN M 48 -21.51 -2.72 33.38
CA GLN M 48 -21.04 -3.13 34.70
C GLN M 48 -21.67 -2.23 35.76
N LEU M 49 -21.90 -0.98 35.40
CA LEU M 49 -22.51 -0.02 36.32
C LEU M 49 -23.97 -0.39 36.60
N LEU M 50 -24.65 -0.97 35.61
CA LEU M 50 -26.03 -1.37 35.82
C LEU M 50 -26.07 -2.70 36.56
N PHE M 51 -25.17 -3.60 36.20
CA PHE M 51 -25.10 -4.90 36.86
C PHE M 51 -24.88 -4.74 38.36
N LEU M 52 -23.96 -3.87 38.75
CA LEU M 52 -23.66 -3.65 40.16
C LEU M 52 -24.76 -2.96 40.96
N GLU M 53 -25.63 -2.22 40.28
CA GLU M 53 -26.74 -1.56 40.97
C GLU M 53 -27.80 -2.61 41.26
N ALA M 54 -27.87 -3.60 40.39
CA ALA M 54 -28.84 -4.70 40.52
C ALA M 54 -28.44 -5.61 41.68
N GLU M 55 -27.16 -5.97 41.76
CA GLU M 55 -26.67 -6.84 42.82
C GLU M 55 -26.90 -6.24 44.21
N ASP M 56 -26.47 -4.98 44.39
CA ASP M 56 -26.62 -4.32 45.68
C ASP M 56 -26.66 -2.80 45.51
N PRO M 57 -27.88 -2.24 45.41
CA PRO M 57 -28.11 -0.80 45.24
C PRO M 57 -27.58 0.10 46.35
N GLU M 58 -27.05 -0.49 47.41
CA GLU M 58 -26.56 0.29 48.53
C GLU M 58 -25.04 0.34 48.70
N LYS M 59 -24.33 -0.66 48.20
CA LYS M 59 -22.88 -0.68 48.36
C LYS M 59 -22.17 0.23 47.37
N ASP M 60 -21.09 0.85 47.83
CA ASP M 60 -20.31 1.74 46.99
C ASP M 60 -19.69 0.95 45.82
N ILE M 61 -19.24 1.69 44.81
CA ILE M 61 -18.59 1.09 43.64
C ILE M 61 -17.25 1.79 43.44
N GLY M 62 -16.22 1.00 43.18
CA GLY M 62 -14.90 1.57 42.97
C GLY M 62 -14.60 1.59 41.49
N LEU M 63 -14.43 2.79 40.94
CA LEU M 63 -14.12 2.96 39.53
C LEU M 63 -12.70 3.46 39.36
N TYR M 64 -11.80 2.56 39.01
CA TYR M 64 -10.41 2.93 38.80
C TYR M 64 -10.26 3.43 37.37
N ILE M 65 -9.63 4.60 37.24
CA ILE M 65 -9.45 5.25 35.94
C ILE M 65 -8.02 5.47 35.50
N ASN M 66 -7.68 4.95 34.33
CA ASN M 66 -6.37 5.17 33.72
C ASN M 66 -6.70 5.38 32.24
N SER M 67 -7.21 6.56 31.93
CA SER M 67 -7.60 6.88 30.57
C SER M 67 -6.98 8.17 30.07
N PRO M 68 -6.62 8.20 28.78
CA PRO M 68 -6.02 9.37 28.11
C PRO M 68 -7.14 10.22 27.52
N GLY M 69 -8.37 9.79 27.77
CA GLY M 69 -9.54 10.49 27.26
C GLY M 69 -10.29 9.69 26.21
N GLY M 70 -11.10 10.38 25.41
CA GLY M 70 -11.87 9.73 24.36
C GLY M 70 -13.04 10.53 23.83
N VAL M 71 -13.96 9.84 23.16
CA VAL M 71 -15.17 10.42 22.57
C VAL M 71 -16.08 11.02 23.65
N ILE M 72 -16.46 12.27 23.46
CA ILE M 72 -17.31 12.96 24.44
C ILE M 72 -18.62 12.31 24.78
N THR M 73 -19.49 12.10 23.78
CA THR M 73 -20.77 11.47 24.07
C THR M 73 -20.63 10.11 24.76
N SER M 74 -19.54 9.39 24.47
CA SER M 74 -19.31 8.09 25.09
C SER M 74 -19.01 8.35 26.55
N GLY M 75 -18.20 9.38 26.79
CA GLY M 75 -17.83 9.73 28.15
C GLY M 75 -19.02 10.18 28.99
N LEU M 76 -19.85 11.05 28.44
CA LEU M 76 -21.04 11.52 29.16
C LEU M 76 -21.95 10.33 29.46
N SER M 77 -21.99 9.39 28.53
CA SER M 77 -22.78 8.17 28.70
C SER M 77 -22.44 7.56 30.06
N ILE M 78 -21.15 7.52 30.38
CA ILE M 78 -20.66 6.97 31.64
C ILE M 78 -20.96 7.96 32.77
N TYR M 79 -20.78 9.24 32.47
CA TYR M 79 -21.05 10.31 33.42
C TYR M 79 -22.47 10.18 33.96
N ASP M 80 -23.44 10.20 33.07
CA ASP M 80 -24.84 10.12 33.47
C ASP M 80 -25.17 8.88 34.28
N THR M 81 -24.95 7.71 33.70
CA THR M 81 -25.21 6.45 34.37
C THR M 81 -24.69 6.49 35.81
N MET M 82 -23.46 6.95 35.98
CA MET M 82 -22.87 7.04 37.31
C MET M 82 -23.86 7.72 38.26
N ASN M 83 -24.42 8.83 37.81
CA ASN M 83 -25.39 9.58 38.61
C ASN M 83 -26.81 9.07 38.44
N PHE M 84 -26.97 8.02 37.63
CA PHE M 84 -28.29 7.43 37.36
C PHE M 84 -28.63 6.28 38.33
N ILE M 85 -27.64 5.48 38.70
CA ILE M 85 -27.86 4.38 39.62
C ILE M 85 -27.77 4.88 41.06
N ARG M 86 -28.33 4.12 42.00
CA ARG M 86 -28.33 4.51 43.41
C ARG M 86 -26.98 4.51 44.14
N PRO M 87 -26.15 3.49 43.93
CA PRO M 87 -24.85 3.44 44.60
C PRO M 87 -23.86 4.57 44.29
N ASP M 88 -23.10 4.96 45.31
CA ASP M 88 -22.08 5.99 45.20
C ASP M 88 -20.93 5.41 44.39
N VAL M 89 -20.47 6.14 43.39
CA VAL M 89 -19.38 5.67 42.57
C VAL M 89 -18.13 6.48 42.85
N SER M 90 -17.20 5.86 43.57
CA SER M 90 -15.94 6.47 43.91
C SER M 90 -15.04 6.39 42.67
N THR M 91 -14.16 7.35 42.46
CA THR M 91 -13.28 7.28 41.31
C THR M 91 -11.86 7.29 41.85
N ILE M 92 -11.01 6.44 41.27
CA ILE M 92 -9.63 6.39 41.70
C ILE M 92 -8.75 6.51 40.46
N CYS M 93 -7.94 7.55 40.43
CA CYS M 93 -7.07 7.76 39.31
C CYS M 93 -5.73 7.05 39.46
N ILE M 94 -5.47 6.08 38.58
CA ILE M 94 -4.18 5.38 38.59
C ILE M 94 -3.52 5.65 37.24
N GLY M 95 -2.24 6.01 37.26
CA GLY M 95 -1.55 6.31 36.02
C GLY M 95 -1.92 7.70 35.57
N GLN M 96 -3.05 7.83 34.88
CA GLN M 96 -3.48 9.15 34.41
C GLN M 96 -4.97 9.25 34.14
N ALA M 97 -5.46 10.48 34.18
CA ALA M 97 -6.85 10.78 33.87
C ALA M 97 -6.75 12.04 33.01
N ALA M 98 -6.84 11.84 31.69
CA ALA M 98 -6.73 12.96 30.76
C ALA M 98 -8.03 13.22 30.02
N SER M 99 -8.27 14.48 29.71
CA SER M 99 -9.48 14.85 28.98
C SER M 99 -10.69 14.27 29.63
N MET M 100 -11.47 13.50 28.87
CA MET M 100 -12.68 12.88 29.39
C MET M 100 -12.36 12.05 30.64
N GLY M 101 -11.17 11.46 30.68
CA GLY M 101 -10.78 10.68 31.83
C GLY M 101 -10.81 11.57 33.07
N ALA M 102 -10.21 12.74 32.97
CA ALA M 102 -10.18 13.69 34.07
C ALA M 102 -11.59 14.11 34.45
N PHE M 103 -12.39 14.45 33.43
CA PHE M 103 -13.77 14.86 33.63
C PHE M 103 -14.49 13.81 34.46
N LEU M 104 -14.32 12.54 34.08
CA LEU M 104 -14.97 11.43 34.76
C LEU M 104 -14.43 11.25 36.17
N LEU M 105 -13.13 11.46 36.31
CA LEU M 105 -12.50 11.37 37.62
C LEU M 105 -13.18 12.39 38.55
N SER M 106 -13.43 13.59 38.04
CA SER M 106 -14.05 14.65 38.84
C SER M 106 -15.54 14.44 39.12
N CYS M 107 -16.18 13.54 38.38
CA CYS M 107 -17.60 13.27 38.60
C CYS M 107 -17.84 12.24 39.69
N GLY M 108 -16.78 11.73 40.29
CA GLY M 108 -16.96 10.74 41.34
C GLY M 108 -17.83 11.27 42.46
N ALA M 109 -18.36 10.38 43.28
CA ALA M 109 -19.19 10.78 44.41
C ALA M 109 -18.40 11.81 45.20
N LYS M 110 -19.01 12.96 45.46
CA LYS M 110 -18.35 14.03 46.19
C LYS M 110 -17.79 13.44 47.47
N GLY M 111 -16.52 13.72 47.75
CA GLY M 111 -15.91 13.17 48.95
C GLY M 111 -15.22 11.82 48.72
N LYS M 112 -15.65 11.10 47.68
CA LYS M 112 -15.08 9.80 47.36
C LYS M 112 -14.32 9.74 46.03
N ARG M 113 -13.61 10.80 45.68
CA ARG M 113 -12.84 10.85 44.44
C ARG M 113 -11.35 10.88 44.83
N PHE M 114 -10.61 9.84 44.45
CA PHE M 114 -9.21 9.77 44.83
C PHE M 114 -8.22 9.65 43.69
N SER M 115 -6.96 9.57 44.06
CA SER M 115 -5.89 9.44 43.09
C SER M 115 -4.65 8.90 43.78
N LEU M 116 -3.91 8.04 43.10
CA LEU M 116 -2.69 7.50 43.68
C LEU M 116 -1.64 8.62 43.63
N PRO M 117 -0.66 8.58 44.54
CA PRO M 117 0.41 9.58 44.64
C PRO M 117 1.11 10.11 43.37
N HIS M 118 1.35 9.26 42.40
CA HIS M 118 2.06 9.72 41.21
C HIS M 118 1.24 9.79 39.95
N SER M 119 -0.07 9.91 40.08
CA SER M 119 -0.91 9.98 38.90
C SER M 119 -0.76 11.33 38.20
N ARG M 120 -1.23 11.39 36.96
CA ARG M 120 -1.18 12.61 36.18
C ARG M 120 -2.59 12.92 35.72
N ILE M 121 -3.06 14.14 35.98
CA ILE M 121 -4.40 14.56 35.56
C ILE M 121 -4.28 15.70 34.56
N MET M 122 -5.06 15.64 33.48
CA MET M 122 -5.02 16.71 32.48
C MET M 122 -6.38 17.02 31.91
N ILE M 123 -6.74 18.29 31.92
CA ILE M 123 -8.01 18.75 31.37
C ILE M 123 -7.70 19.68 30.19
N HIS M 124 -8.63 19.78 29.25
CA HIS M 124 -8.43 20.63 28.08
C HIS M 124 -9.78 20.88 27.39
N GLN M 125 -9.76 21.56 26.27
CA GLN M 125 -11.00 21.80 25.54
C GLN M 125 -11.22 20.70 24.52
N PRO M 126 -12.48 20.53 24.07
CA PRO M 126 -12.86 19.53 23.08
C PRO M 126 -12.06 19.60 21.79
N LEU M 127 -11.83 18.43 21.19
CA LEU M 127 -11.12 18.32 19.92
C LEU M 127 -12.11 17.74 18.94
N GLY M 128 -11.93 18.01 17.65
CA GLY M 128 -12.84 17.48 16.66
C GLY M 128 -12.51 17.92 15.25
N GLY M 129 -13.44 17.72 14.33
CA GLY M 129 -13.24 18.12 12.95
C GLY M 129 -14.53 18.21 12.18
N ALA M 130 -14.50 18.94 11.08
CA ALA M 130 -15.68 19.11 10.24
C ALA M 130 -15.24 19.22 8.77
N GLN M 131 -16.11 18.83 7.86
CA GLN M 131 -15.78 18.88 6.45
C GLN M 131 -17.07 18.98 5.64
N GLY M 132 -17.08 19.84 4.63
CA GLY M 132 -18.26 20.02 3.81
C GLY M 132 -18.67 21.47 3.60
N GLN M 133 -19.95 21.65 3.30
CA GLN M 133 -20.52 22.97 3.07
C GLN M 133 -20.36 23.88 4.27
N ALA M 134 -20.22 25.18 4.00
CA ALA M 134 -20.07 26.18 5.06
C ALA M 134 -21.15 26.03 6.13
N SER M 135 -22.36 25.66 5.70
CA SER M 135 -23.49 25.47 6.60
C SER M 135 -23.25 24.28 7.55
N ASP M 136 -22.83 23.15 7.00
CA ASP M 136 -22.58 21.98 7.82
C ASP M 136 -21.41 22.24 8.75
N ILE M 137 -20.41 22.95 8.27
CA ILE M 137 -19.25 23.24 9.12
C ILE M 137 -19.69 24.11 10.28
N GLU M 138 -20.52 25.09 9.98
CA GLU M 138 -21.03 25.99 11.00
C GLU M 138 -21.81 25.20 12.04
N ILE M 139 -22.70 24.31 11.60
CA ILE M 139 -23.49 23.50 12.51
C ILE M 139 -22.60 22.66 13.42
N ILE M 140 -21.60 22.00 12.84
CA ILE M 140 -20.69 21.16 13.64
C ILE M 140 -19.92 22.02 14.63
N SER M 141 -19.53 23.20 14.17
CA SER M 141 -18.78 24.16 14.98
C SER M 141 -19.61 24.54 16.20
N ASN M 142 -20.89 24.85 15.99
CA ASN M 142 -21.77 25.23 17.08
C ASN M 142 -21.93 24.13 18.13
N GLU M 143 -22.14 22.90 17.66
CA GLU M 143 -22.30 21.74 18.53
C GLU M 143 -21.07 21.48 19.40
N ILE M 144 -19.88 21.63 18.81
CA ILE M 144 -18.66 21.41 19.58
C ILE M 144 -18.54 22.51 20.63
N LEU M 145 -19.06 23.69 20.32
CA LEU M 145 -19.01 24.79 21.28
C LEU M 145 -20.03 24.51 22.38
N ARG M 146 -21.13 23.85 22.02
CA ARG M 146 -22.15 23.47 22.98
C ARG M 146 -21.48 22.52 23.99
N LEU M 147 -20.81 21.50 23.47
CA LEU M 147 -20.13 20.53 24.34
C LEU M 147 -19.05 21.19 25.19
N LYS M 148 -18.24 22.05 24.58
CA LYS M 148 -17.19 22.74 25.30
C LYS M 148 -17.77 23.45 26.53
N GLY M 149 -18.81 24.25 26.28
CA GLY M 149 -19.44 24.98 27.38
C GLY M 149 -20.06 24.04 28.40
N LEU M 150 -20.74 23.01 27.92
CA LEU M 150 -21.37 22.05 28.82
C LEU M 150 -20.36 21.39 29.77
N MET M 151 -19.25 20.94 29.22
CA MET M 151 -18.24 20.26 30.03
C MET M 151 -17.43 21.16 30.97
N ASN M 152 -17.13 22.38 30.54
CA ASN M 152 -16.39 23.27 31.41
C ASN M 152 -17.32 23.57 32.59
N SER M 153 -18.59 23.78 32.27
CA SER M 153 -19.58 24.07 33.28
C SER M 153 -19.65 22.96 34.34
N ILE M 154 -19.72 21.70 33.92
CA ILE M 154 -19.77 20.62 34.89
C ILE M 154 -18.46 20.54 35.66
N LEU M 155 -17.38 20.91 34.98
CA LEU M 155 -16.04 20.92 35.56
C LEU M 155 -15.99 21.96 36.71
N ALA M 156 -16.54 23.14 36.49
CA ALA M 156 -16.55 24.20 37.50
C ALA M 156 -17.32 23.72 38.75
N GLN M 157 -18.49 23.13 38.51
CA GLN M 157 -19.31 22.60 39.58
C GLN M 157 -18.57 21.53 40.39
N ASN M 158 -17.91 20.60 39.71
CA ASN M 158 -17.20 19.53 40.42
C ASN M 158 -15.93 19.94 41.19
N SER M 159 -15.27 20.99 40.73
CA SER M 159 -14.03 21.43 41.38
C SER M 159 -14.23 22.63 42.30
N GLY M 160 -15.32 23.34 42.12
CA GLY M 160 -15.56 24.50 42.94
C GLY M 160 -14.95 25.72 42.27
N GLN M 161 -14.31 25.48 41.12
CA GLN M 161 -13.69 26.54 40.34
C GLN M 161 -14.80 27.26 39.58
N SER M 162 -14.54 28.49 39.14
CA SER M 162 -15.52 29.25 38.38
C SER M 162 -15.47 28.84 36.91
N LEU M 163 -16.60 29.00 36.23
CA LEU M 163 -16.70 28.66 34.82
C LEU M 163 -15.63 29.45 34.05
N GLU M 164 -15.49 30.71 34.40
CA GLU M 164 -14.53 31.59 33.77
C GLU M 164 -13.12 31.00 33.90
N GLN M 165 -12.79 30.54 35.10
CA GLN M 165 -11.47 29.97 35.38
C GLN M 165 -11.21 28.65 34.66
N ILE M 166 -12.24 27.81 34.59
CA ILE M 166 -12.14 26.51 33.92
C ILE M 166 -11.89 26.76 32.43
N ALA M 167 -12.68 27.65 31.84
CA ALA M 167 -12.54 28.01 30.44
C ALA M 167 -11.10 28.46 30.13
N LYS M 168 -10.57 29.35 30.96
CA LYS M 168 -9.22 29.85 30.76
C LYS M 168 -8.11 28.80 30.90
N ASP M 169 -8.24 27.94 31.90
CA ASP M 169 -7.26 26.90 32.15
C ASP M 169 -7.25 25.75 31.14
N THR M 170 -8.39 25.49 30.51
CA THR M 170 -8.48 24.40 29.56
C THR M 170 -8.31 24.81 28.10
N ASP M 171 -7.97 26.08 27.85
CA ASP M 171 -7.79 26.55 26.47
C ASP M 171 -6.76 25.69 25.75
N ARG M 172 -5.75 25.21 26.49
CA ARG M 172 -4.69 24.34 26.00
C ARG M 172 -4.46 23.30 27.10
N ASP M 173 -3.79 22.19 26.77
CA ASP M 173 -3.58 21.11 27.77
C ASP M 173 -2.95 21.57 29.09
N PHE M 174 -3.74 21.42 30.16
CA PHE M 174 -3.40 21.81 31.53
C PHE M 174 -3.07 20.55 32.34
N TYR M 175 -1.78 20.30 32.59
CA TYR M 175 -1.35 19.14 33.35
C TYR M 175 -1.22 19.41 34.84
N MET M 176 -1.63 18.44 35.66
CA MET M 176 -1.56 18.57 37.11
C MET M 176 -1.04 17.31 37.78
N SER M 177 -0.41 17.48 38.93
CA SER M 177 0.07 16.35 39.70
C SER M 177 -1.13 15.97 40.55
N ALA M 178 -1.09 14.82 41.22
CA ALA M 178 -2.22 14.42 42.05
C ALA M 178 -2.48 15.50 43.10
N LYS M 179 -1.44 15.98 43.77
CA LYS M 179 -1.56 17.01 44.80
C LYS M 179 -2.21 18.30 44.25
N GLU M 180 -1.80 18.73 43.06
CA GLU M 180 -2.38 19.92 42.45
C GLU M 180 -3.83 19.65 42.03
N ALA M 181 -4.13 18.40 41.69
CA ALA M 181 -5.49 18.04 41.28
C ALA M 181 -6.42 18.15 42.50
N LYS M 182 -5.89 17.83 43.67
CA LYS M 182 -6.66 17.92 44.90
C LYS M 182 -6.86 19.40 45.19
N GLU M 183 -5.75 20.14 45.17
CA GLU M 183 -5.82 21.57 45.42
C GLU M 183 -6.76 22.26 44.46
N TYR M 184 -6.81 21.75 43.22
CA TYR M 184 -7.66 22.33 42.20
C TYR M 184 -9.14 21.99 42.39
N GLY M 185 -9.40 20.95 43.17
CA GLY M 185 -10.78 20.54 43.45
C GLY M 185 -11.34 19.44 42.55
N LEU M 186 -10.52 18.90 41.65
CA LEU M 186 -10.99 17.85 40.75
C LEU M 186 -11.10 16.53 41.49
N ILE M 187 -10.35 16.43 42.58
CA ILE M 187 -10.31 15.23 43.39
C ILE M 187 -10.41 15.57 44.89
N ASP M 188 -10.76 14.56 45.71
CA ASP M 188 -10.90 14.78 47.15
C ASP M 188 -9.68 14.46 48.02
N LYS M 189 -8.97 13.39 47.68
CA LYS M 189 -7.81 13.01 48.48
C LYS M 189 -6.80 12.20 47.68
N VAL M 190 -5.54 12.24 48.12
CA VAL M 190 -4.49 11.49 47.47
C VAL M 190 -4.10 10.40 48.45
N LEU M 191 -4.18 9.14 48.02
CA LEU M 191 -3.82 8.02 48.90
C LEU M 191 -2.30 7.93 49.00
N GLN M 192 -1.78 8.02 50.22
CA GLN M 192 -0.35 7.97 50.45
C GLN M 192 0.14 6.55 50.72
N ASP N 20 -4.52 -23.25 33.02
CA ASP N 20 -3.93 -22.01 32.46
C ASP N 20 -2.60 -21.71 33.16
N ILE N 21 -1.49 -22.05 32.49
CA ILE N 21 -0.15 -21.86 33.03
C ILE N 21 0.06 -20.55 33.79
N TYR N 22 -0.42 -19.44 33.23
CA TYR N 22 -0.26 -18.16 33.90
C TYR N 22 -1.17 -18.04 35.10
N SER N 23 -2.42 -18.50 34.97
CA SER N 23 -3.39 -18.45 36.06
C SER N 23 -2.88 -19.25 37.25
N ARG N 24 -2.40 -20.46 36.98
CA ARG N 24 -1.85 -21.33 38.01
C ARG N 24 -0.75 -20.64 38.82
N LEU N 25 0.24 -20.04 38.13
CA LEU N 25 1.31 -19.35 38.84
C LEU N 25 0.74 -18.19 39.65
N LEU N 26 -0.38 -17.65 39.19
CA LEU N 26 -1.04 -16.57 39.90
C LEU N 26 -1.51 -17.08 41.27
N LYS N 27 -2.02 -18.31 41.31
CA LYS N 27 -2.49 -18.89 42.56
C LYS N 27 -1.35 -19.02 43.57
N ASP N 28 -0.12 -19.01 43.08
CA ASP N 28 1.06 -19.09 43.95
C ASP N 28 1.60 -17.68 44.21
N ARG N 29 0.79 -16.68 43.87
CA ARG N 29 1.14 -15.26 44.05
C ARG N 29 2.31 -14.83 43.17
N ILE N 30 2.31 -15.34 41.94
CA ILE N 30 3.34 -15.03 40.97
C ILE N 30 2.72 -14.25 39.82
N VAL N 31 3.25 -13.06 39.59
CA VAL N 31 2.77 -12.21 38.52
C VAL N 31 3.86 -12.03 37.50
N LEU N 32 3.52 -12.20 36.23
CA LEU N 32 4.50 -12.06 35.19
C LEU N 32 4.31 -10.80 34.36
N LEU N 33 5.37 -9.98 34.31
CA LEU N 33 5.36 -8.77 33.50
C LEU N 33 6.40 -9.01 32.41
N SER N 34 5.91 -9.28 31.20
CA SER N 34 6.77 -9.56 30.07
C SER N 34 6.45 -8.64 28.88
N GLY N 35 7.47 -8.22 28.14
CA GLY N 35 7.26 -7.35 27.00
C GLY N 35 6.90 -5.89 27.26
N GLU N 36 6.54 -5.17 26.18
CA GLU N 36 6.19 -3.76 26.27
C GLU N 36 5.09 -3.43 27.26
N ILE N 37 5.26 -2.29 27.93
CA ILE N 37 4.33 -1.80 28.94
C ILE N 37 3.41 -0.73 28.35
N ASN N 38 2.10 -0.96 28.41
CA ASN N 38 1.14 -0.01 27.90
C ASN N 38 -0.09 -0.08 28.79
N ASP N 39 -1.04 0.81 28.57
CA ASP N 39 -2.24 0.81 29.39
C ASP N 39 -2.86 -0.57 29.55
N SER N 40 -2.97 -1.31 28.45
CA SER N 40 -3.55 -2.63 28.49
C SER N 40 -2.82 -3.59 29.42
N VAL N 41 -1.51 -3.69 29.23
CA VAL N 41 -0.71 -4.57 30.05
C VAL N 41 -0.72 -4.10 31.50
N ALA N 42 -0.69 -2.79 31.71
CA ALA N 42 -0.71 -2.25 33.06
C ALA N 42 -1.99 -2.64 33.77
N SER N 43 -3.11 -2.49 33.07
CA SER N 43 -4.43 -2.81 33.63
C SER N 43 -4.50 -4.27 34.10
N SER N 44 -3.72 -5.13 33.44
CA SER N 44 -3.67 -6.54 33.79
C SER N 44 -2.89 -6.76 35.09
N ILE N 45 -1.73 -6.12 35.19
CA ILE N 45 -0.89 -6.24 36.37
C ILE N 45 -1.56 -5.61 37.59
N VAL N 46 -2.15 -4.43 37.40
CA VAL N 46 -2.84 -3.75 38.49
C VAL N 46 -3.93 -4.68 39.03
N ALA N 47 -4.74 -5.21 38.12
CA ALA N 47 -5.83 -6.12 38.49
C ALA N 47 -5.29 -7.34 39.24
N GLN N 48 -4.18 -7.89 38.78
CA GLN N 48 -3.60 -9.07 39.43
C GLN N 48 -3.10 -8.74 40.82
N LEU N 49 -2.67 -7.49 41.01
CA LEU N 49 -2.17 -7.08 42.32
C LEU N 49 -3.34 -6.81 43.28
N LEU N 50 -4.41 -6.20 42.78
CA LEU N 50 -5.55 -5.92 43.64
C LEU N 50 -6.11 -7.24 44.15
N PHE N 51 -6.28 -8.18 43.22
CA PHE N 51 -6.78 -9.52 43.51
C PHE N 51 -5.97 -10.19 44.62
N LEU N 52 -4.67 -10.37 44.36
CA LEU N 52 -3.77 -11.01 45.32
C LEU N 52 -3.83 -10.37 46.70
N GLU N 53 -4.36 -9.15 46.78
CA GLU N 53 -4.48 -8.51 48.08
C GLU N 53 -5.78 -8.91 48.74
N ALA N 54 -6.85 -8.94 47.97
CA ALA N 54 -8.13 -9.36 48.52
C ALA N 54 -7.90 -10.80 48.98
N GLU N 55 -7.34 -11.59 48.06
CA GLU N 55 -7.02 -13.00 48.31
C GLU N 55 -6.32 -13.22 49.66
N ASP N 56 -5.35 -12.38 49.96
CA ASP N 56 -4.61 -12.47 51.23
C ASP N 56 -3.71 -11.24 51.32
N PRO N 57 -4.10 -10.27 52.15
CA PRO N 57 -3.32 -9.04 52.32
C PRO N 57 -1.98 -9.10 53.05
N GLU N 58 -1.56 -10.29 53.48
CA GLU N 58 -0.29 -10.38 54.20
C GLU N 58 0.80 -11.28 53.61
N LYS N 59 0.57 -11.86 52.44
CA LYS N 59 1.60 -12.70 51.85
C LYS N 59 2.35 -11.97 50.74
N ASP N 60 3.66 -12.17 50.69
CA ASP N 60 4.48 -11.53 49.67
C ASP N 60 3.95 -11.91 48.29
N ILE N 61 4.17 -11.01 47.33
CA ILE N 61 3.77 -11.26 45.96
C ILE N 61 5.05 -11.16 45.18
N GLY N 62 5.18 -12.00 44.15
CA GLY N 62 6.37 -11.99 43.34
C GLY N 62 6.09 -11.52 41.92
N LEU N 63 6.64 -10.36 41.57
CA LEU N 63 6.48 -9.78 40.25
C LEU N 63 7.71 -10.03 39.38
N TYR N 64 7.61 -10.96 38.43
CA TYR N 64 8.75 -11.23 37.55
C TYR N 64 8.67 -10.25 36.38
N ILE N 65 9.75 -9.52 36.17
CA ILE N 65 9.78 -8.51 35.13
C ILE N 65 10.78 -8.73 34.02
N ASN N 66 10.29 -8.90 32.80
CA ASN N 66 11.18 -9.00 31.64
C ASN N 66 10.53 -8.07 30.65
N SER N 67 10.98 -6.82 30.66
CA SER N 67 10.38 -5.82 29.81
C SER N 67 11.40 -4.82 29.28
N PRO N 68 11.14 -4.27 28.09
CA PRO N 68 12.01 -3.28 27.42
C PRO N 68 11.54 -1.86 27.79
N GLY N 69 10.43 -1.81 28.52
CA GLY N 69 9.86 -0.54 28.95
C GLY N 69 8.53 -0.27 28.31
N GLY N 70 8.17 1.01 28.23
CA GLY N 70 6.90 1.36 27.62
C GLY N 70 6.40 2.74 27.99
N VAL N 71 5.07 2.87 28.11
CA VAL N 71 4.42 4.12 28.43
C VAL N 71 4.58 4.47 29.91
N ILE N 72 5.19 5.63 30.18
CA ILE N 72 5.42 6.07 31.55
C ILE N 72 4.20 6.05 32.44
N THR N 73 3.11 6.71 32.04
CA THR N 73 1.93 6.71 32.91
C THR N 73 1.45 5.29 33.16
N SER N 74 1.56 4.42 32.15
CA SER N 74 1.15 3.04 32.31
C SER N 74 2.08 2.46 33.38
N GLY N 75 3.36 2.80 33.28
CA GLY N 75 4.34 2.30 34.22
C GLY N 75 4.10 2.76 35.64
N LEU N 76 3.73 4.03 35.80
CA LEU N 76 3.49 4.54 37.16
C LEU N 76 2.21 3.97 37.77
N SER N 77 1.25 3.55 36.95
CA SER N 77 0.02 3.01 37.52
C SER N 77 0.38 1.75 38.30
N ILE N 78 1.30 0.98 37.75
CA ILE N 78 1.77 -0.26 38.36
C ILE N 78 2.54 0.05 39.65
N TYR N 79 3.47 1.00 39.54
CA TYR N 79 4.29 1.46 40.64
C TYR N 79 3.47 1.86 41.86
N ASP N 80 2.50 2.75 41.65
CA ASP N 80 1.67 3.22 42.76
C ASP N 80 0.85 2.08 43.32
N THR N 81 0.31 1.24 42.44
CA THR N 81 -0.49 0.11 42.89
C THR N 81 0.35 -0.79 43.82
N MET N 82 1.60 -1.02 43.43
CA MET N 82 2.52 -1.83 44.22
C MET N 82 2.60 -1.28 45.64
N ASN N 83 2.62 0.04 45.77
CA ASN N 83 2.70 0.66 47.08
C ASN N 83 1.33 0.81 47.70
N PHE N 84 0.33 0.90 46.84
CA PHE N 84 -1.05 1.05 47.26
C PHE N 84 -1.48 -0.13 48.12
N ILE N 85 -1.31 -1.35 47.59
CA ILE N 85 -1.67 -2.57 48.31
C ILE N 85 -0.82 -2.79 49.54
N ARG N 86 -1.31 -3.65 50.45
CA ARG N 86 -0.62 -3.98 51.70
C ARG N 86 0.55 -4.95 51.56
N PRO N 87 0.37 -6.03 50.79
CA PRO N 87 1.44 -7.02 50.60
C PRO N 87 2.71 -6.45 49.97
N ASP N 88 3.86 -6.96 50.41
CA ASP N 88 5.12 -6.51 49.83
C ASP N 88 5.15 -7.15 48.46
N VAL N 89 5.67 -6.41 47.48
CA VAL N 89 5.82 -6.92 46.13
C VAL N 89 7.30 -6.97 45.84
N SER N 90 7.80 -8.21 45.72
CA SER N 90 9.18 -8.45 45.42
C SER N 90 9.28 -8.47 43.89
N THR N 91 10.39 -7.93 43.38
CA THR N 91 10.63 -7.88 41.94
C THR N 91 11.85 -8.74 41.59
N ILE N 92 11.73 -9.48 40.50
CA ILE N 92 12.80 -10.36 40.01
C ILE N 92 13.01 -10.08 38.54
N CYS N 93 14.21 -9.67 38.15
CA CYS N 93 14.50 -9.40 36.75
C CYS N 93 15.07 -10.66 36.12
N ILE N 94 14.48 -11.11 35.02
CA ILE N 94 14.98 -12.33 34.36
C ILE N 94 15.60 -12.10 32.99
N GLY N 95 14.87 -11.46 32.10
CA GLY N 95 15.45 -11.20 30.79
C GLY N 95 16.19 -9.88 30.87
N GLN N 96 15.41 -8.82 30.98
CA GLN N 96 15.94 -7.49 31.09
C GLN N 96 14.88 -6.60 31.72
N ALA N 97 15.33 -5.51 32.31
CA ALA N 97 14.44 -4.52 32.90
C ALA N 97 15.02 -3.22 32.32
N ALA N 98 14.48 -2.79 31.19
CA ALA N 98 14.97 -1.56 30.56
C ALA N 98 13.96 -0.43 30.71
N SER N 99 14.48 0.75 31.02
CA SER N 99 13.68 1.95 31.18
C SER N 99 12.56 1.74 32.19
N MET N 100 11.32 2.02 31.79
CA MET N 100 10.21 1.86 32.71
C MET N 100 10.27 0.51 33.39
N GLY N 101 10.83 -0.50 32.72
CA GLY N 101 10.96 -1.82 33.30
C GLY N 101 11.98 -1.81 34.45
N ALA N 102 13.08 -1.11 34.23
CA ALA N 102 14.12 -1.01 35.25
C ALA N 102 13.59 -0.16 36.40
N PHE N 103 12.65 0.72 36.09
CA PHE N 103 12.05 1.61 37.09
C PHE N 103 11.23 0.81 38.08
N LEU N 104 10.33 -0.03 37.57
CA LEU N 104 9.47 -0.86 38.42
C LEU N 104 10.31 -1.83 39.24
N LEU N 105 11.35 -2.39 38.63
CA LEU N 105 12.24 -3.33 39.30
C LEU N 105 12.77 -2.70 40.60
N SER N 106 13.27 -1.47 40.48
CA SER N 106 13.83 -0.75 41.63
C SER N 106 12.76 -0.32 42.62
N CYS N 107 11.49 -0.48 42.27
CA CYS N 107 10.37 -0.09 43.13
C CYS N 107 9.85 -1.18 44.06
N GLY N 108 10.39 -2.39 43.98
CA GLY N 108 9.92 -3.44 44.85
C GLY N 108 10.21 -3.16 46.32
N ALA N 109 9.65 -3.96 47.21
CA ALA N 109 9.88 -3.79 48.64
C ALA N 109 11.40 -3.87 48.91
N LYS N 110 11.93 -2.98 49.75
CA LYS N 110 13.37 -3.01 50.03
C LYS N 110 13.81 -4.35 50.62
N GLY N 111 14.93 -4.85 50.13
CA GLY N 111 15.43 -6.12 50.58
C GLY N 111 14.93 -7.26 49.71
N LYS N 112 13.90 -6.98 48.91
CA LYS N 112 13.35 -8.00 48.05
C LYS N 112 13.38 -7.66 46.56
N ARG N 113 14.39 -6.91 46.13
CA ARG N 113 14.54 -6.57 44.72
C ARG N 113 15.65 -7.49 44.20
N PHE N 114 15.28 -8.48 43.38
CA PHE N 114 16.25 -9.44 42.86
C PHE N 114 16.41 -9.44 41.35
N SER N 115 17.37 -10.24 40.91
CA SER N 115 17.66 -10.41 39.51
C SER N 115 18.44 -11.70 39.36
N LEU N 116 18.24 -12.37 38.23
CA LEU N 116 18.97 -13.58 37.97
C LEU N 116 20.30 -13.11 37.36
N PRO N 117 21.36 -13.94 37.43
CA PRO N 117 22.60 -13.43 36.83
C PRO N 117 22.32 -13.39 35.32
N HIS N 118 23.12 -12.66 34.55
CA HIS N 118 22.91 -12.58 33.11
C HIS N 118 21.74 -11.70 32.64
N SER N 119 20.94 -11.17 33.55
CA SER N 119 19.84 -10.27 33.18
C SER N 119 20.48 -8.92 32.98
N ARG N 120 19.91 -8.07 32.14
CA ARG N 120 20.51 -6.75 31.96
C ARG N 120 19.52 -5.66 32.40
N ILE N 121 20.05 -4.59 32.98
CA ILE N 121 19.26 -3.47 33.44
C ILE N 121 19.66 -2.23 32.63
N MET N 122 18.67 -1.39 32.31
CA MET N 122 18.98 -0.18 31.56
C MET N 122 18.04 0.93 31.98
N ILE N 123 18.62 2.07 32.30
CA ILE N 123 17.84 3.22 32.69
C ILE N 123 18.24 4.36 31.74
N HIS N 124 17.26 5.20 31.41
CA HIS N 124 17.51 6.35 30.53
C HIS N 124 16.49 7.44 30.86
N GLN N 125 16.40 8.46 30.01
CA GLN N 125 15.44 9.53 30.25
C GLN N 125 14.22 9.30 29.41
N PRO N 126 13.09 9.92 29.79
CA PRO N 126 11.88 9.73 29.00
C PRO N 126 11.97 10.14 27.53
N LEU N 127 11.12 9.51 26.72
CA LEU N 127 11.06 9.77 25.29
C LEU N 127 9.63 10.18 24.93
N GLY N 128 9.49 10.96 23.86
CA GLY N 128 8.18 11.39 23.44
C GLY N 128 8.19 12.21 22.17
N GLY N 129 7.04 12.81 21.87
CA GLY N 129 6.93 13.63 20.68
C GLY N 129 5.86 14.69 20.84
N ALA N 130 5.91 15.71 20.00
CA ALA N 130 4.95 16.78 20.03
C ALA N 130 4.88 17.50 18.67
N GLN N 131 3.67 17.83 18.26
CA GLN N 131 3.43 18.53 17.01
C GLN N 131 2.42 19.63 17.28
N GLY N 132 2.44 20.66 16.46
CA GLY N 132 1.49 21.74 16.63
C GLY N 132 2.13 23.09 16.77
N GLN N 133 1.39 24.01 17.38
CA GLN N 133 1.85 25.36 17.64
C GLN N 133 2.94 25.37 18.70
N ALA N 134 3.77 26.40 18.67
CA ALA N 134 4.84 26.55 19.65
C ALA N 134 4.28 26.45 21.08
N SER N 135 3.09 27.00 21.29
CA SER N 135 2.46 26.95 22.61
C SER N 135 2.23 25.51 23.09
N ASP N 136 1.76 24.65 22.20
CA ASP N 136 1.48 23.25 22.52
C ASP N 136 2.77 22.43 22.68
N ILE N 137 3.77 22.77 21.89
CA ILE N 137 5.04 22.04 21.95
C ILE N 137 5.71 22.38 23.27
N GLU N 138 5.53 23.63 23.69
CA GLU N 138 6.09 24.11 24.94
C GLU N 138 5.42 23.39 26.11
N ILE N 139 4.10 23.24 26.02
CA ILE N 139 3.34 22.56 27.06
C ILE N 139 3.76 21.11 27.21
N ILE N 140 3.96 20.46 26.08
CA ILE N 140 4.35 19.07 26.09
C ILE N 140 5.79 18.92 26.57
N SER N 141 6.68 19.77 26.08
CA SER N 141 8.07 19.69 26.53
C SER N 141 8.13 19.86 28.04
N ASN N 142 7.50 20.90 28.57
CA ASN N 142 7.52 21.10 30.02
C ASN N 142 6.99 19.86 30.74
N GLU N 143 5.90 19.30 30.23
CA GLU N 143 5.29 18.12 30.83
C GLU N 143 6.20 16.88 30.80
N ILE N 144 6.90 16.67 29.69
CA ILE N 144 7.79 15.51 29.62
C ILE N 144 8.95 15.79 30.58
N LEU N 145 9.27 17.07 30.78
CA LEU N 145 10.34 17.45 31.70
C LEU N 145 9.87 17.26 33.14
N ARG N 146 8.58 17.47 33.41
CA ARG N 146 8.09 17.26 34.75
C ARG N 146 8.28 15.76 35.05
N LEU N 147 7.95 14.91 34.07
CA LEU N 147 8.08 13.46 34.23
C LEU N 147 9.52 12.95 34.36
N LYS N 148 10.44 13.64 33.70
CA LYS N 148 11.87 13.28 33.77
C LYS N 148 12.38 13.54 35.18
N GLY N 149 12.03 14.71 35.73
CA GLY N 149 12.45 15.05 37.08
C GLY N 149 11.77 14.15 38.08
N LEU N 150 10.48 13.88 37.87
CA LEU N 150 9.73 13.01 38.77
C LEU N 150 10.35 11.61 38.82
N MET N 151 10.80 11.12 37.67
CA MET N 151 11.37 9.79 37.63
C MET N 151 12.82 9.71 38.08
N ASN N 152 13.62 10.72 37.77
CA ASN N 152 15.01 10.68 38.22
C ASN N 152 14.96 10.74 39.74
N SER N 153 13.96 11.48 40.24
CA SER N 153 13.77 11.67 41.67
C SER N 153 13.51 10.36 42.41
N ILE N 154 12.49 9.63 41.98
CA ILE N 154 12.15 8.35 42.60
C ILE N 154 13.31 7.39 42.40
N LEU N 155 13.95 7.45 41.23
CA LEU N 155 15.09 6.58 40.92
C LEU N 155 16.25 6.80 41.92
N ALA N 156 16.45 8.02 42.37
CA ALA N 156 17.50 8.33 43.33
C ALA N 156 17.08 7.87 44.73
N GLN N 157 15.79 7.93 44.99
CA GLN N 157 15.22 7.51 46.27
C GLN N 157 15.29 5.98 46.41
N ASN N 158 15.15 5.27 45.30
CA ASN N 158 15.17 3.80 45.28
C ASN N 158 16.58 3.20 45.30
N SER N 159 17.53 3.91 44.71
CA SER N 159 18.91 3.42 44.61
C SER N 159 19.92 3.96 45.62
N GLY N 160 19.66 5.14 46.17
CA GLY N 160 20.61 5.71 47.11
C GLY N 160 21.51 6.73 46.43
N GLN N 161 21.39 6.85 45.11
CA GLN N 161 22.19 7.80 44.33
C GLN N 161 21.63 9.23 44.51
N SER N 162 22.48 10.23 44.33
CA SER N 162 22.03 11.60 44.45
C SER N 162 21.27 11.93 43.18
N LEU N 163 20.27 12.80 43.28
CA LEU N 163 19.48 13.17 42.13
C LEU N 163 20.34 13.63 40.96
N GLU N 164 21.33 14.48 41.23
CA GLU N 164 22.17 15.00 40.15
C GLU N 164 23.03 13.91 39.53
N GLN N 165 23.24 12.81 40.25
CA GLN N 165 24.03 11.71 39.72
C GLN N 165 23.15 10.83 38.84
N ILE N 166 21.90 10.64 39.25
CA ILE N 166 20.98 9.83 38.45
C ILE N 166 20.75 10.59 37.15
N ALA N 167 20.59 11.90 37.27
CA ALA N 167 20.36 12.76 36.11
C ALA N 167 21.49 12.72 35.08
N LYS N 168 22.72 12.55 35.54
CA LYS N 168 23.85 12.53 34.61
C LYS N 168 24.13 11.19 33.95
N ASP N 169 23.99 10.08 34.69
CA ASP N 169 24.26 8.76 34.13
C ASP N 169 23.06 8.28 33.33
N THR N 170 21.97 9.04 33.41
CA THR N 170 20.74 8.67 32.74
C THR N 170 20.49 9.47 31.46
N ASP N 171 21.33 10.47 31.24
CA ASP N 171 21.21 11.33 30.07
C ASP N 171 21.07 10.49 28.79
N ARG N 172 21.81 9.40 28.72
CA ARG N 172 21.73 8.51 27.56
C ARG N 172 21.43 7.11 28.08
N ASP N 173 21.18 6.16 27.18
CA ASP N 173 20.88 4.79 27.61
C ASP N 173 22.02 4.23 28.44
N PHE N 174 21.71 3.85 29.66
CA PHE N 174 22.73 3.34 30.57
C PHE N 174 22.51 1.84 30.84
N TYR N 175 23.33 1.00 30.19
CA TYR N 175 23.25 -0.44 30.36
C TYR N 175 24.16 -0.94 31.48
N MET N 176 23.73 -2.00 32.16
CA MET N 176 24.52 -2.58 33.24
C MET N 176 24.05 -3.98 33.59
N SER N 177 24.96 -4.79 34.13
CA SER N 177 24.63 -6.17 34.51
C SER N 177 23.91 -6.23 35.84
N ALA N 178 23.51 -7.44 36.22
CA ALA N 178 22.81 -7.63 37.48
C ALA N 178 23.72 -7.14 38.61
N LYS N 179 25.00 -7.52 38.57
CA LYS N 179 25.94 -7.10 39.60
C LYS N 179 26.11 -5.57 39.70
N GLU N 180 26.29 -4.92 38.56
CA GLU N 180 26.45 -3.47 38.57
C GLU N 180 25.16 -2.81 39.05
N ALA N 181 24.03 -3.34 38.60
CA ALA N 181 22.71 -2.84 38.99
C ALA N 181 22.56 -2.93 40.50
N LYS N 182 23.15 -3.97 41.06
CA LYS N 182 23.12 -4.23 42.49
C LYS N 182 23.93 -3.17 43.23
N GLU N 183 25.08 -2.80 42.67
CA GLU N 183 25.95 -1.80 43.29
C GLU N 183 25.36 -0.40 43.13
N TYR N 184 24.63 -0.20 42.03
CA TYR N 184 24.00 1.09 41.77
C TYR N 184 22.92 1.25 42.85
N GLY N 185 22.31 0.13 43.25
CA GLY N 185 21.26 0.15 44.25
C GLY N 185 19.87 -0.03 43.69
N LEU N 186 19.78 -0.56 42.47
CA LEU N 186 18.50 -0.78 41.80
C LEU N 186 17.83 -2.06 42.26
N ILE N 187 18.65 -3.02 42.67
CA ILE N 187 18.15 -4.29 43.20
C ILE N 187 18.94 -4.58 44.48
N ASP N 188 18.52 -5.58 45.23
CA ASP N 188 19.20 -5.92 46.47
C ASP N 188 20.10 -7.14 46.36
N LYS N 189 19.76 -8.05 45.47
CA LYS N 189 20.55 -9.27 45.34
C LYS N 189 20.43 -9.96 43.98
N VAL N 190 21.52 -10.58 43.54
CA VAL N 190 21.55 -11.32 42.30
C VAL N 190 21.43 -12.77 42.76
N LEU N 191 20.36 -13.44 42.35
CA LEU N 191 20.15 -14.83 42.73
C LEU N 191 21.14 -15.74 42.00
N GLN N 192 22.33 -15.89 42.58
CA GLN N 192 23.39 -16.72 42.04
C GLN N 192 22.85 -18.13 41.77
N ASN O 1 22.84 6.29 4.32
CA ASN O 1 24.04 7.18 4.29
C ASN O 1 24.45 7.59 5.70
N VAL O 2 25.35 8.56 5.77
CA VAL O 2 25.84 9.07 7.05
C VAL O 2 25.63 10.59 7.04
N LEU O 3 24.87 11.09 8.00
CA LEU O 3 24.58 12.52 8.08
C LEU O 3 25.05 13.17 9.40
N GLY O 4 24.97 14.49 9.47
CA GLY O 4 25.40 15.20 10.66
C GLY O 4 26.55 16.15 10.46
N GLY P 4 22.75 -7.81 -10.12
CA GLY P 4 22.86 -8.06 -8.65
C GLY P 4 24.26 -7.84 -8.13
N PHE P 5 25.06 -8.90 -8.13
CA PHE P 5 26.46 -8.89 -7.67
C PHE P 5 27.01 -7.46 -7.53
N THR P 6 27.13 -7.01 -6.29
CA THR P 6 27.63 -5.68 -5.97
C THR P 6 28.96 -5.73 -5.24
N GLN P 7 29.86 -4.79 -5.54
CA GLN P 7 31.14 -4.74 -4.85
C GLN P 7 31.20 -3.48 -4.00
N ASN Q 1 6.94 -10.70 -21.82
CA ASN Q 1 7.05 -11.70 -22.93
C ASN Q 1 7.74 -12.97 -22.40
N VAL Q 2 8.98 -13.19 -22.82
CA VAL Q 2 9.77 -14.35 -22.41
C VAL Q 2 11.24 -13.96 -22.35
N LEU Q 3 11.96 -14.46 -21.37
CA LEU Q 3 13.38 -14.16 -21.21
C LEU Q 3 14.26 -15.37 -21.56
N GLY Q 4 15.54 -15.12 -21.79
CA GLY Q 4 16.44 -16.21 -22.13
C GLY Q 4 17.45 -15.81 -23.18
N UNK R 1 -22.49 13.68 -16.24
CA UNK R 1 -21.18 13.43 -15.66
C UNK R 1 -20.18 12.92 -16.71
N UNK R 2 -20.39 11.70 -17.18
CA UNK R 2 -19.53 11.10 -18.20
C UNK R 2 -20.37 10.41 -19.27
N UNK R 3 -20.02 10.65 -20.53
CA UNK R 3 -20.73 10.01 -21.64
C UNK R 3 -19.73 9.17 -22.42
N UNK S 1 -7.50 24.61 2.26
CA UNK S 1 -7.80 25.37 1.01
C UNK S 1 -9.30 25.31 0.69
N UNK S 2 -10.06 26.26 1.22
CA UNK S 2 -11.51 26.31 1.00
C UNK S 2 -11.86 26.42 -0.48
N UNK S 3 -12.81 25.61 -0.92
CA UNK S 3 -13.25 25.58 -2.31
C UNK S 3 -14.60 26.28 -2.51
N UNK S 4 -14.67 27.21 -3.46
CA UNK S 4 -15.89 27.97 -3.72
C UNK S 4 -17.00 27.09 -4.28
N ASN T 1 11.59 20.16 9.29
CA ASN T 1 11.24 21.59 9.09
C ASN T 1 10.35 22.11 10.21
N VAL T 2 10.17 23.43 10.22
CA VAL T 2 9.31 24.11 11.18
C VAL T 2 8.70 25.29 10.42
N LEU T 3 7.37 25.26 10.27
CA LEU T 3 6.65 26.31 9.56
C LEU T 3 5.91 27.22 10.55
N GLY T 4 6.01 28.52 10.32
CA GLY T 4 5.34 29.47 11.19
C GLY T 4 4.93 30.70 10.43
N VAL U 2 14.94 -4.67 18.70
CA VAL U 2 15.67 -5.51 19.70
C VAL U 2 16.88 -6.20 19.08
N LEU U 3 17.82 -6.62 19.91
CA LEU U 3 19.01 -7.31 19.45
C LEU U 3 18.85 -8.82 19.63
N GLY U 4 19.10 -9.56 18.54
CA GLY U 4 18.93 -11.00 18.57
C GLY U 4 20.14 -11.89 18.35
N PHE U 5 19.89 -13.18 18.57
CA PHE U 5 20.89 -14.23 18.44
C PHE U 5 20.24 -15.27 17.53
N ASN V 1 -17.90 -14.29 -9.20
CA ASN V 1 -19.07 -15.22 -9.18
C ASN V 1 -20.40 -14.50 -9.44
N VAL V 2 -21.43 -15.29 -9.76
CA VAL V 2 -22.76 -14.77 -10.06
C VAL V 2 -23.56 -14.23 -8.86
N LEU V 3 -23.96 -12.96 -8.97
CA LEU V 3 -24.74 -12.28 -7.94
C LEU V 3 -26.06 -11.88 -8.58
N GLY V 4 -27.00 -11.35 -7.79
CA GLY V 4 -28.27 -10.94 -8.37
C GLY V 4 -29.51 -11.74 -8.00
N ASN W 1 -15.86 11.79 15.11
CA ASN W 1 -16.45 11.97 16.47
C ASN W 1 -15.94 13.25 17.10
N VAL W 2 -16.31 13.47 18.36
CA VAL W 2 -15.88 14.64 19.10
C VAL W 2 -15.13 14.12 20.32
N LEU W 3 -13.84 14.44 20.44
CA LEU W 3 -13.03 13.97 21.57
C LEU W 3 -12.97 14.99 22.70
N GLY W 4 -13.49 14.61 23.87
CA GLY W 4 -13.47 15.50 25.01
C GLY W 4 -12.13 15.49 25.71
N ASN X 1 1.40 8.98 27.44
CA ASN X 1 1.76 8.13 26.26
C ASN X 1 3.28 8.11 26.04
N VAL X 2 3.98 9.08 26.62
CA VAL X 2 5.43 9.16 26.49
C VAL X 2 6.10 7.94 27.14
N LEU X 3 7.21 7.51 26.55
CA LEU X 3 7.95 6.33 27.02
C LEU X 3 9.05 6.63 28.05
N GLY X 4 9.01 5.89 29.16
CA GLY X 4 10.01 6.06 30.20
C GLY X 4 11.15 5.10 29.94
#